data_2Y1V
#
_entry.id   2Y1V
#
_cell.length_a   74.619
_cell.length_b   74.619
_cell.length_c   340.527
_cell.angle_alpha   90.00
_cell.angle_beta   90.00
_cell.angle_gamma   120.00
#
_symmetry.space_group_name_H-M   'P 32'
#
loop_
_entity.id
_entity.type
_entity.pdbx_description
1 polymer 'CELL WALL SURFACE ANCHOR FAMILY PROTEIN'
2 non-polymer 'NICKEL (II) ION'
3 water water
#
_entity_poly.entity_id   1
_entity_poly.type   'polypeptide(L)'
_entity_poly.pdbx_seq_one_letter_code
;GAGTTTTSVTVHKLLATDGD(MSE)DKIANELETGNYAGNKVGVLPANAKEIAGV(MSE)FVWTNTNNEIIDENGQTLGV
NIDPQTFKLSGA(MSE)PATA(MSE)KKLTEAEGAKFNTANLPAAKYKIYEIHSLSTYVGEDGATLTGSKAVPIEIELPL
NDVVDAHVYPKNTEAKPKIDKDFKGKANPDTPRVDKDTPVNHQVGDVVEYEIVTKIPALANYATANWSDR(MSE)TEGLA
FNKGTVKVTVDDVALEAGDYALTEVATGFDLKLTDAGLAKVNDQNAEKTVKITYSATLNDKAIVEVPESNDVTFNYGNNP
DHGNTPKPNKPNENGDLTLTKTWVDATGAPIPAGAEATFDLVNAQTGKVVQTVTLTTDKNTVTVNGLDKNTEYKFVERSI
KGYSADYQEITTAGEIAVKNWKDENPKPLDPTEPKVVTYGKKFVKVNDKDNRLAGAEFVIANADNAGQYLARKADKVSQE
EKQLVVTTKDALDRAVAAYNALTAQQQTQQEKEKVDKAQAAYNAAVIAANNAFEWVADKDNENVVKLVSDAQGRFEITGL
LAGTYYLEETKQPAGYALLTSRQKFEVTATSYSATGQGIEYTAGSGKDDATKVVNKKITIPQTGG
;
_entity_poly.pdbx_strand_id   A,B,C
#
loop_
_chem_comp.id
_chem_comp.type
_chem_comp.name
_chem_comp.formula
NI non-polymer 'NICKEL (II) ION' 'Ni 2'
#
# COMPACT_ATOMS: atom_id res chain seq x y z
N GLY A 1 -20.77 48.38 9.68
CA GLY A 1 -21.65 47.20 9.52
C GLY A 1 -21.29 46.40 8.28
N ALA A 2 -20.46 45.38 8.46
CA ALA A 2 -20.07 44.49 7.37
C ALA A 2 -19.99 43.07 7.88
N GLY A 3 -19.67 42.92 9.15
CA GLY A 3 -19.55 41.61 9.81
C GLY A 3 -20.88 41.07 10.30
N THR A 4 -20.82 39.97 11.07
CA THR A 4 -22.00 39.25 11.53
C THR A 4 -22.17 39.28 13.05
N THR A 5 -23.25 38.68 13.51
CA THR A 5 -23.55 38.59 14.95
C THR A 5 -22.57 37.69 15.71
N THR A 6 -21.80 36.87 15.00
CA THR A 6 -20.77 36.07 15.66
C THR A 6 -19.49 36.88 15.77
N THR A 7 -19.29 37.54 16.91
CA THR A 7 -18.22 38.53 17.04
C THR A 7 -16.89 37.97 17.51
N SER A 8 -16.86 36.71 17.92
CA SER A 8 -15.60 36.08 18.25
C SER A 8 -15.68 34.56 18.13
N VAL A 9 -14.53 33.96 17.78
CA VAL A 9 -14.37 32.52 17.67
C VAL A 9 -13.11 32.11 18.42
N THR A 10 -13.22 31.10 19.28
CA THR A 10 -12.04 30.66 20.00
C THR A 10 -11.70 29.24 19.60
N VAL A 11 -10.45 29.03 19.21
CA VAL A 11 -9.99 27.71 18.81
C VAL A 11 -9.30 27.04 20.00
N HIS A 12 -9.80 25.88 20.39
CA HIS A 12 -9.14 25.11 21.42
C HIS A 12 -8.54 23.93 20.71
N LYS A 13 -7.25 23.76 20.90
CA LYS A 13 -6.55 22.72 20.21
C LYS A 13 -6.51 21.56 21.18
N LEU A 14 -7.11 20.45 20.78
CA LEU A 14 -7.16 19.30 21.65
C LEU A 14 -6.13 18.24 21.24
N LEU A 15 -5.47 17.67 22.24
CA LEU A 15 -4.55 16.56 22.02
C LEU A 15 -5.16 15.24 22.52
N ALA A 16 -5.24 14.23 21.65
CA ALA A 16 -5.65 12.91 22.12
C ALA A 16 -4.49 12.19 22.81
N THR A 17 -4.51 12.15 24.14
CA THR A 17 -3.41 11.54 24.90
C THR A 17 -3.25 10.05 24.58
N ASP A 18 -4.33 9.40 24.20
CA ASP A 18 -4.24 8.06 23.65
C ASP A 18 -4.01 8.25 22.15
N GLY A 19 -4.58 7.37 21.33
CA GLY A 19 -4.51 7.58 19.88
C GLY A 19 -5.86 7.95 19.31
N ASP A 20 -6.84 8.11 20.20
CA ASP A 20 -8.23 8.17 19.77
C ASP A 20 -8.83 9.56 19.65
N MSE A 21 -8.85 10.09 18.44
CA MSE A 21 -9.49 11.35 18.17
C MSE A 21 -10.96 11.13 17.91
O MSE A 21 -11.80 11.89 18.37
CB MSE A 21 -8.81 12.06 17.01
CG MSE A 21 -7.42 12.45 17.35
SE MSE A 21 -6.54 13.44 15.94
CE MSE A 21 -6.39 12.03 14.59
N ASP A 22 -11.28 10.06 17.18
CA ASP A 22 -12.66 9.68 16.95
C ASP A 22 -13.42 9.67 18.28
N LYS A 23 -12.81 9.14 19.34
CA LYS A 23 -13.44 9.11 20.66
C LYS A 23 -13.67 10.51 21.21
N ILE A 24 -12.76 11.42 20.90
CA ILE A 24 -12.95 12.81 21.31
C ILE A 24 -14.21 13.34 20.64
N ALA A 25 -14.32 13.09 19.34
CA ALA A 25 -15.48 13.51 18.58
C ALA A 25 -16.75 12.85 19.14
N ASN A 26 -16.64 11.58 19.53
CA ASN A 26 -17.78 10.84 20.09
C ASN A 26 -17.96 11.11 21.59
N GLU A 27 -17.84 12.37 21.95
CA GLU A 27 -18.18 12.84 23.29
C GLU A 27 -18.62 14.27 23.11
N LEU A 28 -18.14 14.88 22.02
CA LEU A 28 -18.51 16.25 21.68
C LEU A 28 -19.77 16.25 20.84
N GLU A 29 -19.97 15.15 20.13
CA GLU A 29 -21.22 14.85 19.46
C GLU A 29 -22.32 14.81 20.53
N THR A 30 -22.29 13.75 21.35
CA THR A 30 -23.32 13.49 22.35
C THR A 30 -23.42 14.56 23.43
N GLY A 31 -22.42 15.43 23.52
CA GLY A 31 -22.46 16.47 24.54
C GLY A 31 -23.24 17.71 24.13
N ASN A 32 -23.14 18.07 22.86
CA ASN A 32 -23.64 19.37 22.38
C ASN A 32 -24.97 19.35 21.65
N TYR A 33 -25.42 20.56 21.32
CA TYR A 33 -26.44 20.81 20.32
C TYR A 33 -25.84 21.81 19.32
N ALA A 34 -25.26 22.90 19.86
CA ALA A 34 -24.51 23.90 19.09
C ALA A 34 -23.09 24.12 19.64
N GLY A 35 -22.40 25.15 19.13
CA GLY A 35 -20.99 25.39 19.45
C GLY A 35 -20.62 26.36 20.58
N ASN A 36 -21.05 26.06 21.79
CA ASN A 36 -20.64 26.89 22.91
C ASN A 36 -19.45 26.30 23.65
N LYS A 37 -18.87 27.05 24.58
CA LYS A 37 -17.77 26.55 25.38
C LYS A 37 -18.14 25.22 26.08
N VAL A 38 -17.41 24.16 25.76
CA VAL A 38 -17.60 22.89 26.45
C VAL A 38 -17.08 23.06 27.87
N GLY A 39 -17.97 22.89 28.86
CA GLY A 39 -17.61 23.03 30.27
C GLY A 39 -16.47 22.13 30.71
N VAL A 40 -16.55 20.85 30.36
CA VAL A 40 -15.56 19.85 30.76
C VAL A 40 -15.18 18.91 29.61
N LEU A 41 -13.89 18.63 29.48
CA LEU A 41 -13.37 17.87 28.35
C LEU A 41 -13.31 16.37 28.62
N PRO A 42 -13.40 15.57 27.55
CA PRO A 42 -13.26 14.12 27.70
C PRO A 42 -11.99 13.81 28.49
N ALA A 43 -11.96 12.65 29.16
CA ALA A 43 -10.78 12.29 29.95
C ALA A 43 -9.60 12.00 29.03
N ASN A 44 -9.90 11.89 27.76
CA ASN A 44 -8.94 11.45 26.76
C ASN A 44 -8.23 12.61 26.05
N ALA A 45 -8.73 13.83 26.22
CA ALA A 45 -8.22 14.96 25.48
C ALA A 45 -7.62 15.99 26.39
N LYS A 46 -6.64 16.74 25.87
CA LYS A 46 -6.00 17.80 26.63
C LYS A 46 -5.85 19.04 25.76
N GLU A 47 -6.00 20.22 26.34
CA GLU A 47 -5.85 21.44 25.58
C GLU A 47 -4.43 22.00 25.65
N ILE A 48 -3.85 22.22 24.48
CA ILE A 48 -2.46 22.68 24.38
C ILE A 48 -2.32 24.06 23.73
N ALA A 49 -1.33 24.80 24.23
CA ALA A 49 -0.96 26.08 23.69
C ALA A 49 0.16 25.91 22.68
N GLY A 50 0.43 26.99 21.95
CA GLY A 50 1.52 27.02 21.00
C GLY A 50 1.23 26.36 19.67
N VAL A 51 -0.04 26.27 19.29
CA VAL A 51 -0.40 25.79 17.97
C VAL A 51 -0.92 26.99 17.17
N MSE A 52 -0.42 27.17 15.94
CA MSE A 52 -0.81 28.31 15.10
C MSE A 52 -2.01 28.03 14.20
O MSE A 52 -2.06 27.01 13.48
CB MSE A 52 0.35 28.77 14.22
CG MSE A 52 -0.02 29.92 13.27
SE MSE A 52 -0.05 31.65 14.20
CE MSE A 52 1.83 32.15 13.93
N PHE A 53 -2.96 28.96 14.22
CA PHE A 53 -4.19 28.86 13.44
C PHE A 53 -4.40 30.09 12.57
N VAL A 54 -4.77 29.86 11.31
CA VAL A 54 -4.92 30.94 10.37
C VAL A 54 -6.19 30.78 9.60
N TRP A 55 -6.81 31.90 9.27
CA TRP A 55 -8.11 31.90 8.63
C TRP A 55 -8.00 32.04 7.12
N THR A 56 -8.94 31.36 6.45
CA THR A 56 -8.99 31.25 5.02
C THR A 56 -10.43 31.48 4.59
N ASN A 57 -10.64 31.80 3.32
CA ASN A 57 -12.00 31.79 2.79
C ASN A 57 -12.28 30.39 2.26
N THR A 58 -13.48 30.15 1.72
CA THR A 58 -13.89 28.80 1.30
C THR A 58 -13.02 28.20 0.20
N ASN A 59 -12.24 29.04 -0.48
CA ASN A 59 -11.34 28.59 -1.56
C ASN A 59 -9.91 28.40 -1.12
N ASN A 60 -9.67 28.46 0.19
CA ASN A 60 -8.37 28.11 0.73
C ASN A 60 -7.34 29.22 0.59
N GLU A 61 -7.82 30.43 0.34
CA GLU A 61 -6.98 31.63 0.25
C GLU A 61 -6.95 32.39 1.58
N ILE A 62 -5.76 32.71 2.05
CA ILE A 62 -5.58 33.38 3.35
C ILE A 62 -6.22 34.75 3.38
N ILE A 63 -6.90 35.06 4.49
CA ILE A 63 -7.59 36.33 4.63
C ILE A 63 -7.10 37.12 5.82
N ASP A 64 -7.37 38.42 5.81
CA ASP A 64 -7.09 39.27 6.94
C ASP A 64 -8.38 39.36 7.72
N GLU A 65 -8.43 40.23 8.72
CA GLU A 65 -9.58 40.21 9.62
C GLU A 65 -10.84 40.92 9.12
N ASN A 66 -10.74 41.58 7.99
CA ASN A 66 -11.91 42.17 7.35
C ASN A 66 -12.38 41.25 6.21
N GLY A 67 -11.70 40.12 6.09
CA GLY A 67 -12.06 39.10 5.12
C GLY A 67 -11.39 39.32 3.78
N GLN A 68 -10.51 40.32 3.72
CA GLN A 68 -9.79 40.65 2.49
C GLN A 68 -8.77 39.55 2.17
N THR A 69 -8.76 39.08 0.92
CA THR A 69 -7.79 38.07 0.51
C THR A 69 -6.41 38.67 0.32
N LEU A 70 -5.41 37.85 0.64
CA LEU A 70 -4.03 38.27 0.78
C LEU A 70 -3.10 37.61 -0.25
N GLY A 71 -3.69 36.96 -1.24
CA GLY A 71 -2.94 36.38 -2.36
C GLY A 71 -1.94 35.29 -2.01
N VAL A 72 -2.18 34.57 -0.92
CA VAL A 72 -1.43 33.36 -0.61
C VAL A 72 -2.45 32.25 -0.31
N ASN A 73 -2.29 31.12 -0.98
CA ASN A 73 -3.22 30.01 -0.78
C ASN A 73 -2.61 28.88 0.06
N ILE A 74 -3.48 28.11 0.69
CA ILE A 74 -3.07 26.94 1.45
C ILE A 74 -3.68 25.70 0.80
N ASP A 75 -2.87 24.70 0.54
CA ASP A 75 -3.37 23.49 -0.11
C ASP A 75 -4.22 22.63 0.84
N PRO A 76 -5.49 22.42 0.49
CA PRO A 76 -6.42 21.66 1.35
C PRO A 76 -5.97 20.25 1.75
N GLN A 77 -5.07 19.66 0.96
CA GLN A 77 -4.64 18.27 1.20
C GLN A 77 -3.34 18.18 1.97
N THR A 78 -2.36 18.98 1.60
CA THR A 78 -1.04 18.97 2.22
C THR A 78 -0.90 20.03 3.31
N PHE A 79 -1.80 21.01 3.32
CA PHE A 79 -1.72 22.18 4.21
C PHE A 79 -0.57 23.11 3.89
N LYS A 80 0.05 22.90 2.75
CA LYS A 80 1.23 23.65 2.36
C LYS A 80 0.83 25.02 1.84
N LEU A 81 1.60 26.05 2.21
CA LEU A 81 1.34 27.42 1.78
C LEU A 81 2.01 27.71 0.44
N SER A 82 1.38 28.53 -0.39
CA SER A 82 1.98 28.81 -1.70
C SER A 82 2.91 30.02 -1.66
N GLY A 83 3.12 30.57 -0.46
CA GLY A 83 4.04 31.69 -0.28
C GLY A 83 4.46 31.85 1.16
N ALA A 84 4.99 33.02 1.49
CA ALA A 84 5.36 33.32 2.87
C ALA A 84 4.10 33.79 3.57
N MSE A 85 3.94 33.42 4.84
CA MSE A 85 2.77 33.83 5.59
C MSE A 85 2.64 35.36 5.46
O MSE A 85 3.55 36.06 5.84
CB MSE A 85 2.92 33.42 7.06
CG MSE A 85 1.76 33.82 7.94
SE MSE A 85 0.09 32.95 7.41
CE MSE A 85 0.42 31.18 8.17
N PRO A 86 1.54 35.84 4.87
CA PRO A 86 1.38 37.29 4.75
C PRO A 86 1.28 37.94 6.13
N ALA A 87 1.92 39.10 6.28
CA ALA A 87 2.03 39.78 7.57
C ALA A 87 0.70 40.13 8.24
N THR A 88 -0.31 40.52 7.46
CA THR A 88 -1.59 40.94 8.03
C THR A 88 -2.63 39.82 8.10
N ALA A 89 -2.20 38.58 7.92
CA ALA A 89 -3.13 37.46 7.94
C ALA A 89 -3.79 37.33 9.29
N MSE A 90 -5.04 36.91 9.29
CA MSE A 90 -5.75 36.60 10.52
C MSE A 90 -5.25 35.24 11.05
O MSE A 90 -5.78 34.19 10.71
CB MSE A 90 -7.25 36.58 10.25
CG MSE A 90 -8.12 36.62 11.48
SE MSE A 90 -9.99 36.41 10.93
CE MSE A 90 -10.85 36.77 12.65
N LYS A 91 -4.21 35.30 11.88
CA LYS A 91 -3.58 34.12 12.44
C LYS A 91 -3.22 34.37 13.90
N LYS A 92 -3.24 33.31 14.69
CA LYS A 92 -2.91 33.42 16.10
C LYS A 92 -2.51 32.06 16.67
N LEU A 93 -1.57 32.05 17.60
CA LEU A 93 -1.14 30.85 18.31
C LEU A 93 -2.04 30.60 19.52
N THR A 94 -2.43 29.35 19.76
CA THR A 94 -3.26 29.06 20.91
C THR A 94 -2.50 29.37 22.19
N GLU A 95 -3.19 29.95 23.17
CA GLU A 95 -2.63 30.04 24.52
C GLU A 95 -3.25 28.91 25.33
N ALA A 96 -3.04 28.88 26.64
CA ALA A 96 -3.48 27.74 27.45
C ALA A 96 -4.98 27.45 27.30
N GLU A 97 -5.77 28.51 27.14
CA GLU A 97 -7.22 28.36 26.96
C GLU A 97 -7.68 28.62 25.51
N GLY A 98 -6.74 28.54 24.57
CA GLY A 98 -7.08 28.59 23.14
C GLY A 98 -6.65 29.86 22.43
N ALA A 99 -7.12 30.01 21.19
CA ALA A 99 -6.90 31.20 20.38
C ALA A 99 -8.23 31.91 20.13
N LYS A 100 -8.38 33.09 20.71
CA LYS A 100 -9.62 33.85 20.64
C LYS A 100 -9.56 34.92 19.56
N PHE A 101 -10.17 34.63 18.42
CA PHE A 101 -10.18 35.57 17.30
C PHE A 101 -11.31 36.58 17.40
N ASN A 102 -11.03 37.80 16.96
CA ASN A 102 -12.09 38.77 16.84
C ASN A 102 -12.66 38.64 15.45
N THR A 103 -13.93 38.26 15.38
CA THR A 103 -14.56 37.90 14.10
C THR A 103 -15.51 38.98 13.59
N ALA A 104 -15.60 40.05 14.37
CA ALA A 104 -16.59 41.11 14.21
C ALA A 104 -16.68 41.75 12.84
N ASN A 105 -15.57 41.82 12.12
CA ASN A 105 -15.57 42.45 10.80
C ASN A 105 -15.66 41.50 9.61
N LEU A 106 -15.69 40.19 9.87
CA LEU A 106 -15.85 39.22 8.79
C LEU A 106 -17.26 39.20 8.22
N PRO A 107 -17.41 39.43 6.90
CA PRO A 107 -18.67 39.26 6.16
C PRO A 107 -19.27 37.88 6.32
N ALA A 108 -20.60 37.80 6.31
CA ALA A 108 -21.28 36.51 6.29
C ALA A 108 -20.62 35.71 5.19
N ALA A 109 -20.28 34.46 5.48
CA ALA A 109 -19.64 33.57 4.51
C ALA A 109 -19.23 32.27 5.17
N LYS A 110 -18.65 31.37 4.38
CA LYS A 110 -18.00 30.16 4.91
C LYS A 110 -16.52 30.44 4.98
N TYR A 111 -15.89 30.00 6.07
CA TYR A 111 -14.45 30.19 6.25
C TYR A 111 -13.78 28.92 6.71
N LYS A 112 -12.47 28.84 6.44
CA LYS A 112 -11.69 27.76 6.97
C LYS A 112 -10.60 28.29 7.91
N ILE A 113 -10.32 27.53 8.97
CA ILE A 113 -9.16 27.78 9.78
C ILE A 113 -8.22 26.57 9.72
N TYR A 114 -6.97 26.84 9.37
CA TYR A 114 -5.96 25.79 9.25
C TYR A 114 -4.97 25.81 10.40
N GLU A 115 -4.41 24.63 10.68
CA GLU A 115 -3.29 24.52 11.59
C GLU A 115 -2.04 24.63 10.75
N ILE A 116 -1.09 25.45 11.19
CA ILE A 116 0.16 25.57 10.47
C ILE A 116 1.33 25.06 11.28
N HIS A 117 1.57 23.76 11.13
CA HIS A 117 2.56 23.02 11.91
C HIS A 117 3.88 23.74 11.84
N SER A 118 4.15 24.29 10.67
CA SER A 118 5.41 24.89 10.38
C SER A 118 5.66 26.21 11.11
N LEU A 119 4.62 26.74 11.77
CA LEU A 119 4.71 28.02 12.49
C LEU A 119 4.26 27.94 13.95
N SER A 120 4.34 26.76 14.54
CA SER A 120 3.89 26.57 15.90
C SER A 120 5.11 26.46 16.82
N THR A 121 4.86 26.35 18.12
CA THR A 121 5.96 26.20 19.03
C THR A 121 5.77 24.96 19.91
N TYR A 122 4.59 24.36 19.83
CA TYR A 122 4.28 23.25 20.74
C TYR A 122 5.30 22.15 20.67
N VAL A 123 5.59 21.57 21.82
CA VAL A 123 6.52 20.46 21.94
C VAL A 123 6.01 19.55 23.04
N GLY A 124 5.77 18.30 22.71
CA GLY A 124 5.21 17.36 23.67
C GLY A 124 6.17 16.93 24.76
N GLU A 125 5.73 15.93 25.51
CA GLU A 125 6.52 15.33 26.56
C GLU A 125 7.58 14.46 25.90
N ASP A 126 8.82 14.64 26.31
CA ASP A 126 9.94 13.86 25.77
C ASP A 126 10.19 14.17 24.31
N GLY A 127 9.90 15.41 23.91
CA GLY A 127 10.20 15.89 22.56
C GLY A 127 9.29 15.33 21.48
N ALA A 128 8.01 15.15 21.80
CA ALA A 128 7.07 14.70 20.76
C ALA A 128 6.54 15.90 19.99
N THR A 129 6.24 15.69 18.72
CA THR A 129 5.68 16.73 17.89
C THR A 129 4.29 16.31 17.46
N LEU A 130 3.47 17.29 17.07
CA LEU A 130 2.13 16.99 16.61
C LEU A 130 2.18 16.26 15.28
N THR A 131 1.44 15.15 15.18
CA THR A 131 1.37 14.38 13.94
C THR A 131 0.00 14.44 13.23
N GLY A 132 -0.96 13.63 13.67
CA GLY A 132 -2.27 13.56 13.02
C GLY A 132 -3.26 14.59 13.51
N SER A 133 -4.28 14.85 12.71
CA SER A 133 -5.25 15.87 13.04
C SER A 133 -6.66 15.48 12.63
N LYS A 134 -7.61 15.77 13.51
CA LYS A 134 -9.00 15.56 13.16
C LYS A 134 -9.73 16.89 13.24
N ALA A 135 -10.63 17.11 12.30
CA ALA A 135 -11.42 18.33 12.22
C ALA A 135 -10.54 19.56 11.98
N VAL A 136 -9.48 19.37 11.21
CA VAL A 136 -8.66 20.44 10.67
C VAL A 136 -8.61 20.18 9.18
N PRO A 137 -8.88 21.20 8.34
CA PRO A 137 -9.21 22.56 8.78
C PRO A 137 -10.62 22.68 9.33
N ILE A 138 -10.80 23.60 10.28
CA ILE A 138 -12.09 23.90 10.81
C ILE A 138 -12.93 24.61 9.76
N GLU A 139 -14.14 24.11 9.51
CA GLU A 139 -15.06 24.77 8.60
C GLU A 139 -16.16 25.43 9.43
N ILE A 140 -16.16 26.75 9.47
CA ILE A 140 -17.16 27.49 10.23
C ILE A 140 -17.79 28.56 9.34
N GLU A 141 -19.11 28.49 9.20
CA GLU A 141 -19.84 29.51 8.46
C GLU A 141 -20.39 30.54 9.45
N LEU A 142 -20.24 31.82 9.11
CA LEU A 142 -20.69 32.92 9.99
C LEU A 142 -21.91 33.63 9.42
N PRO A 143 -22.84 34.03 10.28
CA PRO A 143 -22.74 33.81 11.73
C PRO A 143 -22.94 32.34 12.11
N LEU A 144 -22.35 31.92 13.22
CA LEU A 144 -22.56 30.59 13.74
C LEU A 144 -23.96 30.52 14.30
N ASN A 145 -24.91 30.16 13.45
CA ASN A 145 -26.31 30.18 13.82
C ASN A 145 -26.57 31.30 14.80
N ASP A 146 -26.75 30.87 16.04
CA ASP A 146 -27.32 31.64 17.11
C ASP A 146 -26.23 32.25 17.99
N VAL A 147 -25.00 31.82 17.79
CA VAL A 147 -23.91 32.14 18.71
C VAL A 147 -23.23 33.45 18.37
N VAL A 148 -22.87 34.22 19.40
CA VAL A 148 -22.10 35.45 19.23
C VAL A 148 -20.62 35.21 19.56
N ASP A 149 -20.37 34.32 20.52
CA ASP A 149 -19.02 33.95 20.94
C ASP A 149 -18.85 32.44 20.80
N ALA A 150 -18.26 32.01 19.69
CA ALA A 150 -18.18 30.59 19.40
C ALA A 150 -16.88 29.96 19.89
N HIS A 151 -16.91 28.64 19.98
CA HIS A 151 -15.76 27.87 20.43
C HIS A 151 -15.73 26.59 19.61
N VAL A 152 -14.54 26.24 19.12
CA VAL A 152 -14.35 25.08 18.24
C VAL A 152 -13.24 24.14 18.74
N TYR A 153 -13.26 22.87 18.37
CA TYR A 153 -12.31 21.91 18.96
C TYR A 153 -11.60 20.95 18.01
N PRO A 154 -10.60 21.45 17.26
CA PRO A 154 -9.71 20.71 16.39
C PRO A 154 -8.87 19.71 17.19
N LYS A 155 -8.55 18.58 16.57
CA LYS A 155 -7.93 17.49 17.32
C LYS A 155 -6.58 17.09 16.77
N ASN A 156 -5.72 16.54 17.63
CA ASN A 156 -4.39 16.10 17.25
C ASN A 156 -3.84 14.90 18.01
N THR A 157 -2.92 14.20 17.37
CA THR A 157 -2.08 13.20 18.04
C THR A 157 -0.65 13.75 18.02
N GLU A 158 0.22 13.25 18.88
CA GLU A 158 1.64 13.64 18.86
C GLU A 158 2.47 12.38 18.93
N ALA A 159 3.70 12.44 18.41
CA ALA A 159 4.58 11.27 18.43
C ALA A 159 6.05 11.66 18.46
N LYS A 160 6.90 10.65 18.64
CA LYS A 160 8.32 10.85 18.86
C LYS A 160 9.14 9.93 17.96
N PRO A 161 10.23 10.43 17.39
CA PRO A 161 11.02 9.45 16.66
C PRO A 161 12.06 8.80 17.57
N LYS A 162 12.78 7.81 17.04
CA LYS A 162 13.78 7.05 17.75
C LYS A 162 14.99 6.85 16.84
N ILE A 163 16.16 6.63 17.44
CA ILE A 163 17.38 6.43 16.69
C ILE A 163 18.40 5.63 17.49
N ASP A 164 19.36 5.07 16.78
CA ASP A 164 20.54 4.49 17.39
C ASP A 164 21.58 4.44 16.28
N LYS A 165 22.85 4.64 16.63
CA LYS A 165 23.98 4.38 15.74
C LYS A 165 24.84 3.26 16.33
N ASP A 166 25.36 2.39 15.47
CA ASP A 166 26.23 1.31 15.94
C ASP A 166 26.96 0.74 14.73
N PHE A 167 27.84 -0.22 14.95
CA PHE A 167 28.49 -0.88 13.82
C PHE A 167 27.46 -1.59 12.94
N LYS A 168 27.76 -1.67 11.65
CA LYS A 168 26.97 -2.42 10.69
C LYS A 168 26.36 -3.68 11.32
N GLY A 169 25.05 -3.80 11.26
CA GLY A 169 24.37 -4.97 11.82
C GLY A 169 23.86 -4.86 13.24
N LYS A 170 24.46 -4.00 14.04
CA LYS A 170 24.16 -3.93 15.47
C LYS A 170 23.17 -2.86 15.93
N ALA A 171 22.69 -2.03 15.02
CA ALA A 171 21.95 -0.83 15.43
C ALA A 171 20.49 -1.11 15.81
N ASN A 172 20.13 -0.74 17.05
CA ASN A 172 18.75 -0.95 17.52
C ASN A 172 18.13 0.21 18.31
N PRO A 173 17.17 0.91 17.70
CA PRO A 173 16.60 2.12 18.29
C PRO A 173 15.80 1.83 19.55
N ASP A 174 15.22 0.64 19.64
CA ASP A 174 14.39 0.27 20.77
C ASP A 174 15.23 -0.05 22.03
N THR A 175 16.38 -0.69 21.84
CA THR A 175 17.25 -1.06 22.94
C THR A 175 18.74 -0.95 22.59
N PRO A 176 19.28 0.27 22.59
CA PRO A 176 20.69 0.44 22.28
C PRO A 176 21.61 -0.50 23.07
N ARG A 177 22.67 -0.97 22.42
CA ARG A 177 23.71 -1.79 23.04
C ARG A 177 24.25 -1.13 24.32
N VAL A 178 24.24 -1.85 25.43
CA VAL A 178 24.62 -1.26 26.71
C VAL A 178 26.13 -1.11 26.90
N ASP A 179 26.91 -1.96 26.24
CA ASP A 179 28.36 -1.93 26.39
C ASP A 179 29.04 -1.19 25.24
N LYS A 180 28.34 -0.19 24.70
CA LYS A 180 28.82 0.51 23.52
C LYS A 180 30.12 1.24 23.72
N ASP A 181 30.27 1.89 24.88
CA ASP A 181 31.45 2.71 25.16
C ASP A 181 32.74 1.86 25.21
N THR A 182 32.60 0.56 25.40
CA THR A 182 33.74 -0.35 25.39
C THR A 182 34.37 -0.46 24.01
N PRO A 183 35.59 0.04 23.86
CA PRO A 183 36.21 0.10 22.54
C PRO A 183 36.49 -1.28 22.00
N VAL A 184 36.33 -1.43 20.68
CA VAL A 184 36.62 -2.66 20.00
C VAL A 184 38.01 -2.52 19.38
N ASN A 185 38.87 -3.51 19.63
CA ASN A 185 40.21 -3.57 19.04
C ASN A 185 40.19 -3.63 17.51
N HIS A 186 40.87 -2.69 16.87
CA HIS A 186 41.06 -2.73 15.44
C HIS A 186 42.49 -2.33 15.09
N GLN A 187 42.96 -2.69 13.89
CA GLN A 187 44.30 -2.30 13.50
C GLN A 187 44.23 -1.12 12.53
N VAL A 188 45.36 -0.46 12.28
CA VAL A 188 45.34 0.64 11.32
C VAL A 188 45.01 0.10 9.93
N GLY A 189 44.21 0.86 9.18
CA GLY A 189 43.79 0.47 7.84
C GLY A 189 42.46 -0.27 7.79
N ASP A 190 41.99 -0.70 8.95
CA ASP A 190 40.67 -1.31 9.02
C ASP A 190 39.61 -0.32 8.59
N VAL A 191 38.63 -0.85 7.88
CA VAL A 191 37.48 -0.04 7.48
C VAL A 191 36.35 -0.32 8.44
N VAL A 192 35.89 0.72 9.13
CA VAL A 192 34.81 0.58 10.09
C VAL A 192 33.50 0.88 9.41
N GLU A 193 32.53 -0.01 9.53
CA GLU A 193 31.25 0.14 8.87
C GLU A 193 30.16 0.43 9.89
N TYR A 194 29.50 1.56 9.70
CA TYR A 194 28.54 2.05 10.66
C TYR A 194 27.12 1.99 10.11
N GLU A 195 26.17 2.06 11.01
CA GLU A 195 24.77 1.94 10.69
C GLU A 195 23.99 2.95 11.53
N ILE A 196 23.15 3.75 10.87
CA ILE A 196 22.21 4.62 11.59
C ILE A 196 20.77 4.25 11.27
N VAL A 197 20.01 3.88 12.29
CA VAL A 197 18.63 3.50 12.09
C VAL A 197 17.70 4.40 12.84
N THR A 198 16.91 5.17 12.09
CA THR A 198 15.94 6.08 12.66
C THR A 198 14.50 5.64 12.37
N LYS A 199 13.68 5.64 13.40
CA LYS A 199 12.26 5.36 13.26
C LYS A 199 11.52 6.68 13.29
N ILE A 200 10.65 6.88 12.33
CA ILE A 200 9.89 8.10 12.28
C ILE A 200 8.41 7.76 12.39
N PRO A 201 7.70 8.43 13.31
CA PRO A 201 6.32 8.09 13.59
C PRO A 201 5.41 8.19 12.38
N ALA A 202 4.17 7.72 12.55
CA ALA A 202 3.15 7.86 11.53
C ALA A 202 2.64 9.29 11.50
N LEU A 203 2.26 9.75 10.32
CA LEU A 203 1.69 11.09 10.15
C LEU A 203 2.64 12.19 10.64
N ALA A 204 3.93 11.98 10.43
CA ALA A 204 4.92 12.97 10.79
C ALA A 204 4.70 14.23 9.98
N ASN A 205 5.03 15.39 10.54
CA ASN A 205 4.96 16.63 9.79
C ASN A 205 6.27 17.39 9.83
N TYR A 206 7.39 16.72 9.49
CA TYR A 206 8.69 17.39 9.58
C TYR A 206 8.97 18.42 8.49
N ALA A 207 9.48 19.56 8.94
CA ALA A 207 9.97 20.62 8.05
C ALA A 207 11.45 20.41 7.82
N THR A 208 12.11 19.80 8.80
CA THR A 208 13.52 19.47 8.74
C THR A 208 13.70 18.02 9.17
N ALA A 209 14.73 17.38 8.67
CA ALA A 209 15.15 16.04 9.09
C ALA A 209 16.58 15.82 8.57
N ASN A 210 17.52 16.24 9.40
CA ASN A 210 18.91 16.25 9.08
C ASN A 210 19.71 15.34 10.00
N TRP A 211 20.60 14.53 9.42
CA TRP A 211 21.56 13.72 10.16
C TRP A 211 22.93 14.29 9.92
N SER A 212 23.72 14.35 10.98
CA SER A 212 25.02 14.99 10.98
C SER A 212 25.98 14.11 11.76
N ASP A 213 27.13 13.80 11.16
CA ASP A 213 28.16 12.99 11.84
C ASP A 213 29.55 13.63 11.80
N ARG A 214 30.26 13.57 12.92
CA ARG A 214 31.61 14.11 12.99
C ARG A 214 32.51 13.18 13.75
N MSE A 215 33.72 13.01 13.23
CA MSE A 215 34.59 11.95 13.66
C MSE A 215 35.87 12.53 14.22
O MSE A 215 36.36 13.56 13.75
CB MSE A 215 34.91 11.12 12.45
CG MSE A 215 34.46 9.71 12.54
SE MSE A 215 34.39 9.05 10.71
CE MSE A 215 32.46 9.09 10.40
N THR A 216 36.41 11.85 15.24
CA THR A 216 37.72 12.16 15.76
C THR A 216 38.76 11.83 14.66
N GLU A 217 39.92 12.49 14.74
CA GLU A 217 40.94 12.53 13.68
C GLU A 217 41.42 11.18 13.17
N GLY A 218 41.52 10.21 14.08
CA GLY A 218 42.07 8.88 13.76
C GLY A 218 41.17 8.01 12.92
N LEU A 219 40.03 8.58 12.55
CA LEU A 219 39.08 7.92 11.66
C LEU A 219 38.86 8.78 10.44
N ALA A 220 39.16 8.24 9.27
CA ALA A 220 38.96 8.97 8.02
C ALA A 220 37.59 8.61 7.45
N PHE A 221 36.71 9.60 7.32
CA PHE A 221 35.41 9.31 6.73
C PHE A 221 35.60 8.98 5.26
N ASN A 222 35.16 7.78 4.87
CA ASN A 222 35.26 7.33 3.48
C ASN A 222 34.19 7.99 2.65
N LYS A 223 34.59 8.97 1.85
CA LYS A 223 33.66 9.65 0.98
C LYS A 223 33.06 8.70 -0.04
N GLY A 224 31.78 8.92 -0.35
CA GLY A 224 31.12 8.20 -1.44
C GLY A 224 30.55 6.87 -1.02
N THR A 225 30.58 6.59 0.29
CA THR A 225 30.07 5.33 0.79
C THR A 225 28.71 5.47 1.43
N VAL A 226 28.15 6.67 1.43
CA VAL A 226 26.87 6.91 2.11
C VAL A 226 25.67 6.45 1.29
N LYS A 227 24.83 5.62 1.90
CA LYS A 227 23.61 5.15 1.27
C LYS A 227 22.44 5.29 2.23
N VAL A 228 21.29 5.74 1.74
CA VAL A 228 20.14 6.02 2.59
C VAL A 228 18.92 5.33 2.04
N THR A 229 18.22 4.58 2.87
CA THR A 229 16.96 3.96 2.45
C THR A 229 15.83 4.32 3.39
N VAL A 230 14.61 4.25 2.87
CA VAL A 230 13.37 4.46 3.62
C VAL A 230 12.50 3.24 3.44
N ASP A 231 12.32 2.48 4.52
CA ASP A 231 11.73 1.15 4.40
C ASP A 231 12.45 0.34 3.31
N ASP A 232 13.76 0.24 3.42
CA ASP A 232 14.54 -0.63 2.53
C ASP A 232 14.79 -0.01 1.15
N VAL A 233 13.97 0.96 0.77
CA VAL A 233 14.05 1.58 -0.56
C VAL A 233 15.02 2.77 -0.64
N ALA A 234 15.95 2.70 -1.58
CA ALA A 234 16.95 3.75 -1.80
C ALA A 234 16.33 5.10 -2.09
N LEU A 235 16.79 6.13 -1.41
CA LEU A 235 16.36 7.48 -1.73
C LEU A 235 16.95 7.90 -3.07
N GLU A 236 16.28 8.82 -3.76
CA GLU A 236 16.79 9.32 -5.04
C GLU A 236 17.76 10.48 -4.89
N ALA A 237 18.45 10.83 -5.97
CA ALA A 237 19.46 11.90 -5.91
C ALA A 237 18.88 13.21 -5.34
N GLY A 238 17.60 13.46 -5.63
CA GLY A 238 16.93 14.70 -5.23
C GLY A 238 16.17 14.64 -3.92
N ASP A 239 16.23 13.52 -3.22
CA ASP A 239 15.56 13.40 -1.92
C ASP A 239 16.40 13.95 -0.74
N TYR A 240 17.68 14.14 -0.99
CA TYR A 240 18.56 14.66 0.04
C TYR A 240 19.72 15.48 -0.50
N ALA A 241 20.25 16.35 0.34
CA ALA A 241 21.47 17.06 0.05
C ALA A 241 22.54 16.50 0.97
N LEU A 242 23.57 15.92 0.37
CA LEU A 242 24.66 15.34 1.14
C LEU A 242 25.89 16.20 0.95
N THR A 243 26.47 16.65 2.05
CA THR A 243 27.70 17.39 2.01
C THR A 243 28.74 16.59 2.78
N GLU A 244 29.92 16.45 2.17
CA GLU A 244 30.96 15.62 2.74
C GLU A 244 32.13 16.48 3.13
N VAL A 245 32.66 16.24 4.33
CA VAL A 245 33.79 17.01 4.83
C VAL A 245 34.83 16.04 5.36
N ALA A 246 36.02 16.53 5.67
CA ALA A 246 37.10 15.59 5.97
C ALA A 246 36.80 14.80 7.22
N THR A 247 36.08 15.42 8.15
CA THR A 247 35.74 14.78 9.42
C THR A 247 34.34 14.17 9.47
N GLY A 248 33.68 14.04 8.32
CA GLY A 248 32.32 13.44 8.31
C GLY A 248 31.34 14.14 7.39
N PHE A 249 30.04 14.00 7.68
CA PHE A 249 29.03 14.54 6.75
C PHE A 249 27.77 15.18 7.35
N ASP A 250 27.05 15.91 6.50
CA ASP A 250 25.71 16.36 6.86
C ASP A 250 24.73 15.83 5.82
N LEU A 251 23.66 15.18 6.27
CA LEU A 251 22.69 14.59 5.33
C LEU A 251 21.32 15.17 5.59
N LYS A 252 20.76 15.85 4.58
CA LYS A 252 19.52 16.57 4.80
C LYS A 252 18.43 16.17 3.82
N LEU A 253 17.26 15.82 4.34
CA LEU A 253 16.15 15.59 3.47
C LEU A 253 15.69 16.89 2.85
N THR A 254 15.37 16.81 1.57
CA THR A 254 14.74 17.90 0.86
C THR A 254 13.24 17.71 1.00
N ASP A 255 12.49 18.48 0.21
CA ASP A 255 11.02 18.37 0.15
C ASP A 255 10.52 17.03 -0.44
N ALA A 256 11.21 16.53 -1.45
CA ALA A 256 10.87 15.22 -1.98
C ALA A 256 11.26 14.17 -0.95
N GLY A 257 12.31 14.45 -0.18
CA GLY A 257 12.79 13.47 0.77
C GLY A 257 11.84 13.36 1.94
N LEU A 258 11.46 14.52 2.46
CA LEU A 258 10.48 14.62 3.55
C LEU A 258 9.16 14.01 3.14
N ALA A 259 8.71 14.30 1.92
CA ALA A 259 7.50 13.66 1.38
C ALA A 259 7.44 12.16 1.70
N LYS A 260 8.59 11.51 1.77
CA LYS A 260 8.62 10.05 1.87
C LYS A 260 8.58 9.54 3.30
N VAL A 261 8.72 10.45 4.27
CA VAL A 261 8.64 10.06 5.68
C VAL A 261 7.47 10.76 6.37
N ASN A 262 7.01 11.86 5.78
CA ASN A 262 5.90 12.63 6.31
C ASN A 262 4.54 12.11 5.90
N ASP A 263 3.54 12.36 6.74
CA ASP A 263 2.16 12.01 6.45
C ASP A 263 2.04 10.59 5.86
N GLN A 264 2.53 9.60 6.61
CA GLN A 264 2.53 8.20 6.22
C GLN A 264 1.74 7.39 7.23
N ASN A 265 1.13 6.30 6.76
CA ASN A 265 0.27 5.46 7.60
C ASN A 265 0.95 4.58 8.66
N ALA A 266 2.24 4.33 8.51
CA ALA A 266 2.93 3.51 9.50
C ALA A 266 4.29 4.09 9.88
N GLU A 267 4.73 3.78 11.09
CA GLU A 267 6.08 4.10 11.54
C GLU A 267 7.02 3.82 10.35
N LYS A 268 7.86 4.79 9.99
CA LYS A 268 8.77 4.61 8.85
C LYS A 268 10.22 4.38 9.31
N THR A 269 11.02 3.63 8.55
CA THR A 269 12.38 3.32 9.00
C THR A 269 13.46 3.85 8.09
N VAL A 270 14.23 4.82 8.58
CA VAL A 270 15.30 5.36 7.77
C VAL A 270 16.63 4.71 8.11
N LYS A 271 17.32 4.20 7.10
CA LYS A 271 18.65 3.63 7.34
C LYS A 271 19.75 4.31 6.55
N ILE A 272 20.81 4.72 7.25
CA ILE A 272 21.97 5.34 6.62
C ILE A 272 23.21 4.52 7.02
N THR A 273 23.93 4.05 6.02
CA THR A 273 25.08 3.23 6.23
C THR A 273 26.23 3.93 5.57
N TYR A 274 27.44 3.64 6.04
CA TYR A 274 28.65 4.27 5.54
C TYR A 274 29.84 3.73 6.31
N SER A 275 31.05 4.07 5.86
CA SER A 275 32.24 3.56 6.52
C SER A 275 33.33 4.60 6.71
N ALA A 276 34.34 4.22 7.47
CA ALA A 276 35.46 5.10 7.77
C ALA A 276 36.69 4.23 8.00
N THR A 277 37.87 4.76 7.68
CA THR A 277 39.11 4.01 7.82
C THR A 277 39.92 4.51 9.01
N LEU A 278 40.33 3.58 9.86
CA LEU A 278 41.16 3.91 11.01
C LEU A 278 42.56 4.17 10.48
N ASN A 279 43.01 5.41 10.58
CA ASN A 279 44.28 5.78 9.96
C ASN A 279 45.47 5.94 10.90
N ASP A 280 46.57 6.38 10.31
CA ASP A 280 47.87 6.43 10.98
C ASP A 280 48.01 7.45 12.11
N LYS A 281 46.97 8.23 12.38
CA LYS A 281 47.01 9.13 13.56
C LYS A 281 46.43 8.46 14.81
N ALA A 282 45.90 7.25 14.69
CA ALA A 282 45.37 6.56 15.86
C ALA A 282 46.48 6.39 16.89
N ILE A 283 46.22 6.84 18.13
CA ILE A 283 47.17 6.70 19.23
C ILE A 283 46.80 5.47 20.01
N VAL A 284 47.79 4.62 20.27
CA VAL A 284 47.51 3.33 20.92
C VAL A 284 46.73 3.46 22.23
N GLU A 285 45.75 2.58 22.41
CA GLU A 285 44.89 2.60 23.59
C GLU A 285 44.09 3.89 23.74
N VAL A 286 44.04 4.71 22.69
CA VAL A 286 43.14 5.88 22.69
C VAL A 286 41.99 5.76 21.68
N PRO A 287 40.83 5.31 22.15
CA PRO A 287 39.66 5.17 21.30
C PRO A 287 39.51 6.29 20.29
N GLU A 288 38.98 5.95 19.12
CA GLU A 288 38.48 6.91 18.14
C GLU A 288 36.96 6.74 18.11
N SER A 289 36.23 7.76 17.67
CA SER A 289 34.78 7.67 17.69
C SER A 289 34.11 8.51 16.63
N ASN A 290 32.93 8.10 16.22
CA ASN A 290 32.09 8.96 15.42
C ASN A 290 31.12 9.63 16.40
N ASP A 291 30.22 10.48 15.90
CA ASP A 291 29.23 11.11 16.78
C ASP A 291 28.13 11.73 15.97
N VAL A 292 26.97 11.10 16.01
CA VAL A 292 25.85 11.53 15.19
C VAL A 292 24.82 12.31 15.98
N THR A 293 24.15 13.26 15.32
CA THR A 293 22.97 13.90 15.88
C THR A 293 21.87 13.94 14.86
N PHE A 294 20.63 13.83 15.32
CA PHE A 294 19.50 13.90 14.42
C PHE A 294 18.69 15.10 14.83
N ASN A 295 18.53 16.02 13.89
CA ASN A 295 17.94 17.31 14.16
C ASN A 295 16.70 17.46 13.32
N TYR A 296 15.55 17.54 13.98
CA TYR A 296 14.25 17.44 13.32
C TYR A 296 13.24 18.40 13.96
N GLY A 297 12.10 18.56 13.32
CA GLY A 297 11.07 19.42 13.83
C GLY A 297 9.94 19.61 12.86
N ASN A 298 8.82 20.12 13.38
CA ASN A 298 7.74 20.58 12.50
C ASN A 298 8.10 21.94 11.90
N ASN A 299 9.03 22.62 12.56
CA ASN A 299 9.58 23.90 12.10
C ASN A 299 10.97 23.62 11.54
N PRO A 300 11.47 24.48 10.63
CA PRO A 300 12.83 24.20 10.13
C PRO A 300 13.84 24.26 11.28
N ASP A 301 14.91 23.48 11.16
CA ASP A 301 15.89 23.36 12.24
C ASP A 301 17.31 23.58 11.71
N HIS A 302 18.12 24.22 12.55
CA HIS A 302 19.48 24.63 12.17
C HIS A 302 20.52 23.94 13.01
N GLY A 303 20.08 23.14 13.97
CA GLY A 303 20.99 22.40 14.82
C GLY A 303 21.70 21.33 14.03
N ASN A 304 22.85 20.89 14.58
CA ASN A 304 23.70 19.91 13.91
C ASN A 304 24.50 19.27 15.02
N THR A 305 25.58 18.60 14.69
CA THR A 305 26.28 17.80 15.69
C THR A 305 27.56 18.49 16.10
N PRO A 306 28.05 18.22 17.33
CA PRO A 306 29.27 18.89 17.76
C PRO A 306 30.49 18.54 16.92
N LYS A 307 31.45 19.47 16.88
CA LYS A 307 32.72 19.24 16.22
C LYS A 307 33.81 19.11 17.29
N PRO A 308 34.41 17.92 17.41
CA PRO A 308 35.50 17.75 18.34
C PRO A 308 36.63 18.72 18.03
N ASN A 309 37.39 19.07 19.05
CA ASN A 309 38.56 19.90 18.86
C ASN A 309 39.58 19.64 19.97
N LYS A 310 40.80 20.09 19.75
CA LYS A 310 41.86 19.94 20.74
C LYS A 310 42.06 21.24 21.51
N PRO A 311 42.67 21.16 22.70
CA PRO A 311 43.02 22.41 23.39
C PRO A 311 44.16 23.04 22.63
N ASN A 312 44.48 24.31 22.93
CA ASN A 312 45.69 24.90 22.39
C ASN A 312 46.89 24.33 23.14
N GLU A 313 48.06 24.93 22.89
CA GLU A 313 49.31 24.52 23.53
C GLU A 313 49.28 24.55 25.07
N ASN A 314 48.52 25.49 25.64
CA ASN A 314 48.47 25.64 27.09
C ASN A 314 47.53 24.68 27.81
N GLY A 315 46.83 23.85 27.04
CA GLY A 315 45.82 22.95 27.58
C GLY A 315 44.52 23.68 27.85
N ASP A 316 44.30 24.76 27.09
CA ASP A 316 43.17 25.66 27.24
C ASP A 316 42.20 25.48 26.05
N LEU A 317 40.90 25.50 26.35
CA LEU A 317 39.85 25.32 25.35
C LEU A 317 38.68 26.22 25.74
N THR A 318 38.22 27.01 24.78
CA THR A 318 37.23 28.04 25.02
C THR A 318 35.97 27.82 24.20
N LEU A 319 34.83 27.92 24.88
CA LEU A 319 33.52 27.87 24.23
C LEU A 319 33.00 29.27 24.13
N THR A 320 32.35 29.58 23.02
CA THR A 320 31.79 30.89 22.80
C THR A 320 30.42 30.74 22.17
N LYS A 321 29.42 31.36 22.79
CA LYS A 321 28.05 31.23 22.34
C LYS A 321 27.46 32.51 21.77
N THR A 322 26.69 32.32 20.69
CA THR A 322 25.90 33.39 20.11
C THR A 322 24.48 32.88 19.90
N TRP A 323 23.55 33.81 19.81
CA TRP A 323 22.13 33.53 19.76
C TRP A 323 21.54 34.23 18.56
N VAL A 324 20.53 33.60 17.96
CA VAL A 324 19.81 34.20 16.85
C VAL A 324 18.39 33.63 16.79
N ASP A 325 17.51 34.32 16.04
CA ASP A 325 16.12 33.93 15.89
C ASP A 325 15.96 33.06 14.65
N ALA A 326 14.75 32.61 14.39
CA ALA A 326 14.50 31.62 13.35
C ALA A 326 14.98 32.08 11.97
N THR A 327 15.25 33.38 11.85
CA THR A 327 15.68 33.93 10.56
C THR A 327 17.18 34.15 10.48
N GLY A 328 17.87 34.01 11.61
CA GLY A 328 19.32 34.12 11.62
C GLY A 328 19.82 35.43 12.20
N ALA A 329 18.89 36.33 12.51
CA ALA A 329 19.23 37.64 13.04
C ALA A 329 19.52 37.57 14.54
N PRO A 330 20.53 38.34 14.98
CA PRO A 330 20.96 38.42 16.36
C PRO A 330 19.84 38.71 17.33
N ILE A 331 19.90 38.02 18.47
CA ILE A 331 19.00 38.28 19.58
C ILE A 331 19.79 38.14 20.89
N PRO A 332 19.22 38.65 21.98
CA PRO A 332 19.86 38.54 23.30
C PRO A 332 19.79 37.14 23.89
N ALA A 333 20.77 36.78 24.70
CA ALA A 333 20.81 35.46 25.31
C ALA A 333 19.44 34.94 25.77
N GLY A 334 19.04 33.78 25.25
CA GLY A 334 17.75 33.22 25.57
C GLY A 334 17.61 32.70 26.99
N ALA A 335 18.69 32.16 27.54
CA ALA A 335 18.63 31.65 28.90
C ALA A 335 19.98 31.12 29.33
N GLU A 336 20.02 30.55 30.52
CA GLU A 336 21.20 29.88 30.98
C GLU A 336 21.48 28.73 30.01
N ALA A 337 22.76 28.46 29.77
CA ALA A 337 23.15 27.48 28.79
C ALA A 337 24.17 26.56 29.44
N THR A 338 23.80 25.30 29.62
CA THR A 338 24.69 24.36 30.27
C THR A 338 25.27 23.36 29.28
N PHE A 339 26.54 23.03 29.46
CA PHE A 339 27.23 22.15 28.51
C PHE A 339 28.01 21.10 29.28
N ASP A 340 28.07 19.91 28.73
CA ASP A 340 28.97 18.91 29.27
C ASP A 340 30.21 18.84 28.39
N LEU A 341 31.37 19.03 28.99
CA LEU A 341 32.64 18.83 28.31
C LEU A 341 32.89 17.34 28.28
N VAL A 342 32.78 16.74 27.07
CA VAL A 342 33.01 15.34 26.86
C VAL A 342 34.37 15.06 26.17
N ASN A 343 35.13 14.11 26.70
CA ASN A 343 36.31 13.60 26.04
C ASN A 343 35.79 12.86 24.80
N ALA A 344 36.17 13.36 23.64
CA ALA A 344 35.56 12.93 22.39
C ALA A 344 36.02 11.56 21.93
N GLN A 345 37.18 11.13 22.41
CA GLN A 345 37.71 9.80 22.12
C GLN A 345 36.92 8.77 22.87
N THR A 346 36.72 9.03 24.17
CA THR A 346 36.13 8.03 25.05
C THR A 346 34.61 8.11 25.17
N GLY A 347 34.06 9.30 24.97
CA GLY A 347 32.63 9.50 25.17
C GLY A 347 32.25 9.87 26.59
N LYS A 348 33.23 10.03 27.47
CA LYS A 348 32.93 10.33 28.88
C LYS A 348 32.98 11.82 29.27
N VAL A 349 32.18 12.19 30.26
CA VAL A 349 32.08 13.59 30.68
C VAL A 349 33.27 14.06 31.50
N VAL A 350 33.98 15.08 31.00
CA VAL A 350 35.11 15.62 31.75
C VAL A 350 34.61 16.55 32.84
N GLN A 351 33.76 17.50 32.45
CA GLN A 351 33.22 18.48 33.40
C GLN A 351 32.04 19.24 32.82
N THR A 352 31.36 19.97 33.68
CA THR A 352 30.18 20.69 33.27
C THR A 352 30.45 22.17 33.43
N VAL A 353 29.97 22.97 32.48
CA VAL A 353 30.10 24.40 32.61
C VAL A 353 28.77 25.05 32.24
N THR A 354 28.51 26.21 32.82
CA THR A 354 27.27 26.92 32.57
C THR A 354 27.62 28.33 32.13
N LEU A 355 26.85 28.84 31.17
CA LEU A 355 27.00 30.20 30.70
C LEU A 355 25.77 30.97 31.13
N THR A 356 25.94 31.92 32.06
CA THR A 356 24.83 32.77 32.43
C THR A 356 24.55 33.69 31.25
N THR A 357 23.32 34.20 31.20
CA THR A 357 22.85 35.14 30.17
C THR A 357 23.76 36.33 29.82
N ASP A 358 24.62 36.73 30.75
CA ASP A 358 25.46 37.93 30.58
C ASP A 358 26.87 37.62 30.08
N LYS A 359 27.34 36.40 30.35
CA LYS A 359 28.72 36.00 30.01
C LYS A 359 28.68 34.96 28.90
N ASN A 360 29.05 35.33 27.68
CA ASN A 360 28.86 34.41 26.56
C ASN A 360 30.02 33.47 26.25
N THR A 361 31.00 33.38 27.15
CA THR A 361 32.19 32.55 26.93
C THR A 361 32.68 31.86 28.18
N VAL A 362 33.39 30.75 28.00
CA VAL A 362 34.03 30.10 29.12
C VAL A 362 35.26 29.34 28.66
N THR A 363 36.31 29.39 29.47
CA THR A 363 37.56 28.69 29.16
C THR A 363 37.85 27.63 30.20
N VAL A 364 38.24 26.46 29.74
CA VAL A 364 38.58 25.35 30.59
C VAL A 364 40.06 25.05 30.42
N ASN A 365 40.79 25.00 31.52
CA ASN A 365 42.23 24.80 31.49
C ASN A 365 42.55 23.41 31.97
N GLY A 366 43.82 23.03 31.86
CA GLY A 366 44.33 21.76 32.38
C GLY A 366 43.86 20.56 31.58
N LEU A 367 43.65 20.76 30.28
CA LEU A 367 43.20 19.67 29.41
C LEU A 367 44.38 19.08 28.67
N ASP A 368 44.23 17.88 28.15
CA ASP A 368 45.32 17.23 27.43
C ASP A 368 45.35 17.80 26.02
N LYS A 369 46.49 18.32 25.61
CA LYS A 369 46.63 19.00 24.32
C LYS A 369 46.61 18.03 23.13
N ASN A 370 46.60 16.73 23.40
CA ASN A 370 46.58 15.72 22.34
C ASN A 370 45.23 15.07 22.20
N THR A 371 44.30 15.48 23.06
CA THR A 371 42.99 14.87 23.22
C THR A 371 41.90 15.76 22.63
N GLU A 372 40.95 15.17 21.90
CA GLU A 372 39.86 15.96 21.30
C GLU A 372 38.68 15.95 22.25
N TYR A 373 38.00 17.09 22.35
CA TYR A 373 36.87 17.29 23.27
C TYR A 373 35.69 17.92 22.55
N LYS A 374 34.54 17.93 23.22
CA LYS A 374 33.34 18.55 22.67
C LYS A 374 32.47 19.06 23.80
N PHE A 375 31.88 20.23 23.60
CA PHE A 375 30.90 20.77 24.52
C PHE A 375 29.57 20.38 23.94
N VAL A 376 28.83 19.58 24.69
CA VAL A 376 27.55 19.11 24.23
C VAL A 376 26.50 19.90 24.95
N GLU A 377 25.85 20.79 24.23
CA GLU A 377 24.82 21.60 24.81
C GLU A 377 23.66 20.77 25.35
N ARG A 378 23.31 21.01 26.61
CA ARG A 378 22.08 20.50 27.18
C ARG A 378 20.87 21.25 26.62
N SER A 379 19.90 20.50 26.14
CA SER A 379 18.72 21.00 25.49
C SER A 379 18.15 22.25 26.14
N ILE A 380 18.13 23.33 25.37
CA ILE A 380 17.46 24.55 25.79
C ILE A 380 16.15 24.71 25.02
N LYS A 381 15.03 24.56 25.72
CA LYS A 381 13.72 24.70 25.12
C LYS A 381 13.63 25.92 24.22
N GLY A 382 13.12 25.71 23.02
CA GLY A 382 12.93 26.78 22.07
C GLY A 382 14.16 26.94 21.20
N TYR A 383 15.29 26.37 21.66
CA TYR A 383 16.57 26.61 21.02
C TYR A 383 17.29 25.38 20.52
N SER A 384 17.72 25.43 19.25
CA SER A 384 18.55 24.37 18.65
C SER A 384 20.01 24.79 18.50
N ALA A 385 20.91 23.83 18.72
CA ALA A 385 22.34 24.08 18.76
C ALA A 385 23.01 23.89 17.43
N ASP A 386 23.66 24.95 16.96
CA ASP A 386 24.43 24.93 15.73
C ASP A 386 25.92 24.98 16.08
N TYR A 387 26.59 23.83 16.04
CA TYR A 387 28.04 23.82 16.28
C TYR A 387 28.80 24.25 15.02
N GLN A 388 29.55 25.34 15.12
CA GLN A 388 30.30 25.92 13.99
C GLN A 388 31.51 25.07 13.63
N GLU A 389 31.88 25.10 12.34
CA GLU A 389 33.06 24.39 11.89
C GLU A 389 34.34 24.89 12.59
N ILE A 390 35.27 23.98 12.83
CA ILE A 390 36.47 24.24 13.60
C ILE A 390 37.51 24.91 12.75
N THR A 391 37.96 26.09 13.15
CA THR A 391 39.02 26.74 12.41
C THR A 391 40.35 26.74 13.17
N THR A 392 40.30 26.57 14.49
CA THR A 392 41.52 26.64 15.28
C THR A 392 41.50 25.86 16.59
N ALA A 393 42.70 25.41 17.00
CA ALA A 393 42.87 24.72 18.24
C ALA A 393 42.49 25.64 19.41
N GLY A 394 41.76 25.10 20.38
CA GLY A 394 41.43 25.87 21.55
C GLY A 394 40.15 26.68 21.44
N GLU A 395 39.48 26.62 20.28
CA GLU A 395 38.23 27.36 20.10
C GLU A 395 37.05 26.52 19.57
N ILE A 396 35.95 26.53 20.31
CA ILE A 396 34.70 25.96 19.82
C ILE A 396 33.60 26.99 19.91
N ALA A 397 32.90 27.19 18.80
CA ALA A 397 31.82 28.18 18.75
C ALA A 397 30.47 27.53 18.47
N VAL A 398 29.45 28.05 19.15
CA VAL A 398 28.11 27.49 19.10
C VAL A 398 27.10 28.59 18.87
N LYS A 399 26.18 28.34 17.95
CA LYS A 399 25.16 29.30 17.66
C LYS A 399 23.80 28.72 18.02
N ASN A 400 23.06 29.49 18.81
CA ASN A 400 21.73 29.08 19.26
C ASN A 400 20.61 29.73 18.46
N TRP A 401 19.90 28.89 17.71
CA TRP A 401 18.79 29.34 16.88
C TRP A 401 17.46 29.05 17.57
N LYS A 402 16.59 30.05 17.57
CA LYS A 402 15.29 29.96 18.19
C LYS A 402 14.23 29.33 17.26
N ASP A 403 14.41 28.05 16.99
CA ASP A 403 13.52 27.33 16.10
C ASP A 403 12.21 26.91 16.78
N GLU A 404 12.24 26.65 18.08
CA GLU A 404 11.05 26.18 18.82
C GLU A 404 10.73 24.73 18.43
N ASN A 405 11.78 23.93 18.27
CA ASN A 405 11.67 22.53 17.88
C ASN A 405 12.03 21.65 19.06
N PRO A 406 11.72 20.34 18.98
CA PRO A 406 12.06 19.45 20.08
C PRO A 406 13.58 19.36 20.21
N LYS A 407 14.04 18.90 21.37
CA LYS A 407 15.45 18.58 21.53
C LYS A 407 15.85 17.58 20.46
N PRO A 408 17.13 17.59 20.03
CA PRO A 408 17.57 16.66 18.98
C PRO A 408 17.73 15.21 19.49
N LEU A 409 17.71 14.23 18.60
CA LEU A 409 18.05 12.88 19.00
C LEU A 409 19.57 12.74 18.98
N ASP A 410 20.11 12.13 20.03
CA ASP A 410 21.56 12.03 20.13
C ASP A 410 21.91 10.64 20.61
N PRO A 411 22.14 9.73 19.66
CA PRO A 411 22.54 8.38 20.01
C PRO A 411 23.97 8.32 20.56
N THR A 412 24.22 7.34 21.43
CA THR A 412 25.55 7.00 21.83
C THR A 412 26.25 6.33 20.65
N GLU A 413 27.57 6.40 20.64
CA GLU A 413 28.38 5.81 19.56
C GLU A 413 29.31 4.72 20.11
N PRO A 414 29.70 3.78 19.25
CA PRO A 414 30.72 2.79 19.60
C PRO A 414 32.14 3.38 19.52
N LYS A 415 33.17 2.62 19.91
CA LYS A 415 34.55 3.11 19.83
C LYS A 415 35.47 2.03 19.28
N VAL A 416 36.64 2.42 18.81
CA VAL A 416 37.58 1.45 18.27
C VAL A 416 38.96 1.89 18.68
N VAL A 417 39.87 0.94 18.78
CA VAL A 417 41.14 1.22 19.42
C VAL A 417 42.20 0.25 18.95
N THR A 418 43.41 0.76 18.75
CA THR A 418 44.55 -0.08 18.35
C THR A 418 45.42 -0.38 19.56
N TYR A 419 46.20 -1.46 19.49
CA TYR A 419 47.10 -1.87 20.55
C TYR A 419 48.56 -1.84 20.12
N GLY A 420 49.48 -2.02 21.08
CA GLY A 420 50.90 -1.88 20.77
C GLY A 420 51.87 -2.45 21.79
N LYS A 421 53.16 -2.41 21.46
CA LYS A 421 54.18 -2.91 22.37
C LYS A 421 55.47 -2.08 22.33
N LYS A 422 56.13 -1.96 23.48
CA LYS A 422 57.39 -1.23 23.59
C LYS A 422 58.51 -2.16 24.04
N PHE A 423 59.72 -1.85 23.59
CA PHE A 423 60.89 -2.67 23.88
C PHE A 423 62.11 -1.83 24.17
N VAL A 424 63.08 -2.41 24.85
CA VAL A 424 64.35 -1.78 25.03
C VAL A 424 65.44 -2.81 24.72
N LYS A 425 66.45 -2.39 23.95
CA LYS A 425 67.57 -3.28 23.60
C LYS A 425 68.70 -3.07 24.61
N VAL A 426 69.08 -4.14 25.31
CA VAL A 426 70.15 -4.07 26.29
C VAL A 426 71.16 -5.20 26.09
N ASN A 427 72.36 -5.04 26.63
CA ASN A 427 73.23 -6.22 26.82
C ASN A 427 72.83 -6.91 28.11
N ASP A 428 73.70 -7.74 28.67
CA ASP A 428 73.30 -8.48 29.87
C ASP A 428 73.52 -7.69 31.16
N LYS A 429 74.13 -6.52 31.04
CA LYS A 429 74.32 -5.65 32.17
C LYS A 429 73.40 -4.45 32.04
N ASP A 430 72.37 -4.61 31.22
CA ASP A 430 71.36 -3.58 31.00
C ASP A 430 71.85 -2.29 30.30
N ASN A 431 73.02 -2.30 29.68
CA ASN A 431 73.49 -1.14 28.89
C ASN A 431 72.66 -1.01 27.63
N ARG A 432 72.14 0.18 27.38
CA ARG A 432 71.27 0.39 26.24
C ARG A 432 72.07 0.45 24.94
N LEU A 433 71.62 -0.32 23.95
CA LEU A 433 72.32 -0.50 22.69
C LEU A 433 71.56 0.11 21.52
N ALA A 434 72.29 0.81 20.65
CA ALA A 434 71.66 1.44 19.51
C ALA A 434 71.90 0.66 18.23
N GLY A 435 71.00 0.85 17.27
CA GLY A 435 71.14 0.26 15.94
C GLY A 435 70.79 -1.21 15.76
N ALA A 436 70.08 -1.79 16.72
CA ALA A 436 69.65 -3.16 16.55
C ALA A 436 68.39 -3.11 15.73
N GLU A 437 68.35 -3.88 14.64
CA GLU A 437 67.20 -3.88 13.73
C GLU A 437 66.35 -5.14 13.85
N PHE A 438 65.05 -4.97 13.77
CA PHE A 438 64.10 -6.06 14.03
C PHE A 438 62.95 -6.10 13.05
N VAL A 439 62.43 -7.28 12.79
CA VAL A 439 61.15 -7.38 12.11
C VAL A 439 60.23 -8.21 12.97
N ILE A 440 58.95 -8.21 12.64
CA ILE A 440 57.95 -8.97 13.40
C ILE A 440 57.39 -10.14 12.58
N ALA A 441 57.37 -11.33 13.18
CA ALA A 441 56.85 -12.52 12.52
C ALA A 441 55.63 -13.04 13.25
N ASN A 442 54.90 -13.94 12.61
CA ASN A 442 53.70 -14.52 13.23
C ASN A 442 53.88 -15.95 13.79
N ALA A 443 55.13 -16.40 13.88
CA ALA A 443 55.46 -17.72 14.46
C ALA A 443 56.90 -17.73 14.95
N ASP A 444 57.20 -18.62 15.88
CA ASP A 444 58.53 -18.69 16.49
C ASP A 444 59.59 -19.19 15.54
N ASN A 445 59.17 -19.83 14.45
CA ASN A 445 60.14 -20.46 13.56
C ASN A 445 60.03 -20.15 12.08
N ALA A 446 58.89 -20.41 11.46
CA ALA A 446 58.80 -20.20 10.00
C ALA A 446 57.93 -19.00 9.65
N GLY A 447 56.64 -19.25 9.42
CA GLY A 447 55.64 -18.20 9.19
C GLY A 447 55.99 -17.00 8.31
N GLN A 448 55.13 -15.99 8.36
CA GLN A 448 55.29 -14.77 7.55
C GLN A 448 55.73 -13.56 8.39
N TYR A 449 56.07 -12.45 7.72
CA TYR A 449 56.55 -11.24 8.38
C TYR A 449 55.63 -10.05 8.15
N LEU A 450 55.45 -9.23 9.18
CA LEU A 450 54.55 -8.07 9.12
C LEU A 450 55.03 -6.98 8.14
N ALA A 451 54.13 -6.56 7.26
CA ALA A 451 54.48 -5.54 6.26
C ALA A 451 53.32 -4.60 6.12
N ARG A 452 53.55 -3.46 5.48
CA ARG A 452 52.43 -2.61 5.10
C ARG A 452 52.03 -2.96 3.66
N LYS A 453 50.72 -2.96 3.35
CA LYS A 453 50.26 -3.28 1.99
C LYS A 453 50.83 -2.32 0.98
N ALA A 454 51.45 -2.87 -0.06
CA ALA A 454 52.01 -2.07 -1.14
C ALA A 454 50.99 -1.14 -1.77
N ASP A 455 49.75 -1.62 -1.88
CA ASP A 455 48.67 -0.89 -2.57
C ASP A 455 48.04 0.20 -1.71
N LYS A 456 48.55 0.35 -0.50
CA LYS A 456 47.97 1.28 0.48
C LYS A 456 49.02 2.25 1.03
N VAL A 457 50.08 2.47 0.27
CA VAL A 457 51.12 3.41 0.66
C VAL A 457 51.69 4.07 -0.60
N SER A 458 51.71 5.39 -0.63
CA SER A 458 52.21 6.13 -1.80
C SER A 458 53.71 6.15 -1.83
N GLN A 459 54.25 6.71 -2.90
CA GLN A 459 55.69 6.75 -3.14
C GLN A 459 56.39 7.76 -2.26
N GLU A 460 55.68 8.81 -1.87
CA GLU A 460 56.24 9.82 -0.98
C GLU A 460 56.47 9.21 0.40
N GLU A 461 55.51 8.40 0.86
CA GLU A 461 55.59 7.78 2.16
C GLU A 461 56.77 6.80 2.19
N LYS A 462 56.87 6.00 1.12
CA LYS A 462 57.94 5.01 0.94
C LYS A 462 59.34 5.56 0.99
N GLN A 463 59.57 6.66 0.28
CA GLN A 463 60.90 7.25 0.21
C GLN A 463 61.27 7.97 1.50
N LEU A 464 60.26 8.49 2.20
CA LEU A 464 60.53 9.12 3.48
C LEU A 464 61.09 8.05 4.41
N VAL A 465 60.52 6.86 4.32
CA VAL A 465 61.00 5.72 5.11
C VAL A 465 62.47 5.44 4.81
N VAL A 466 62.80 5.28 3.53
CA VAL A 466 64.17 4.93 3.17
C VAL A 466 65.12 6.09 3.38
N THR A 467 64.63 7.31 3.21
CA THR A 467 65.43 8.51 3.45
C THR A 467 65.80 8.67 4.92
N THR A 468 64.84 8.44 5.81
CA THR A 468 65.13 8.52 7.24
C THR A 468 65.94 7.30 7.66
N LYS A 469 65.68 6.16 7.01
CA LYS A 469 66.45 4.97 7.30
C LYS A 469 67.93 5.30 7.04
N ASP A 470 68.23 5.63 5.79
CA ASP A 470 69.58 6.02 5.41
C ASP A 470 70.17 7.01 6.41
N ALA A 471 69.41 8.05 6.71
CA ALA A 471 69.82 9.07 7.66
C ALA A 471 70.17 8.46 9.01
N LEU A 472 69.33 7.53 9.47
CA LEU A 472 69.56 6.86 10.74
C LEU A 472 70.83 6.04 10.65
N ASP A 473 70.94 5.26 9.58
CA ASP A 473 72.15 4.48 9.28
C ASP A 473 73.43 5.26 9.55
N ARG A 474 73.46 6.50 9.10
CA ARG A 474 74.67 7.32 9.23
C ARG A 474 74.92 7.74 10.68
N ALA A 475 73.87 8.17 11.39
CA ALA A 475 73.97 8.54 12.81
C ALA A 475 74.44 7.37 13.67
N VAL A 476 73.98 6.17 13.34
CA VAL A 476 74.34 5.00 14.12
C VAL A 476 75.81 4.68 13.86
N ALA A 477 76.18 4.69 12.58
CA ALA A 477 77.56 4.45 12.18
C ALA A 477 78.51 5.37 12.93
N ALA A 478 78.20 6.66 12.93
CA ALA A 478 79.04 7.65 13.62
C ALA A 478 79.12 7.36 15.11
N TYR A 479 77.96 7.16 15.73
CA TYR A 479 77.90 6.86 17.17
C TYR A 479 78.63 5.57 17.54
N ASN A 480 78.69 4.62 16.61
CA ASN A 480 79.36 3.35 16.82
C ASN A 480 80.86 3.46 16.69
N ALA A 481 81.30 4.46 15.92
CA ALA A 481 82.72 4.68 15.70
C ALA A 481 83.29 5.65 16.73
N LEU A 482 82.53 5.87 17.81
CA LEU A 482 83.03 6.62 18.96
C LEU A 482 83.38 5.62 20.05
N THR A 483 83.97 6.11 21.13
CA THR A 483 84.33 5.25 22.24
C THR A 483 83.40 5.49 23.42
N ALA A 484 83.42 4.56 24.36
CA ALA A 484 82.53 4.56 25.52
C ALA A 484 82.36 5.93 26.16
N GLN A 485 83.48 6.62 26.38
CA GLN A 485 83.46 7.92 27.05
C GLN A 485 82.90 9.02 26.15
N GLN A 486 83.15 8.90 24.85
CA GLN A 486 82.74 9.91 23.87
C GLN A 486 81.24 9.83 23.53
N GLN A 487 80.62 8.71 23.87
CA GLN A 487 79.19 8.52 23.62
C GLN A 487 78.37 9.14 24.75
N THR A 488 78.43 10.46 24.88
CA THR A 488 77.74 11.17 25.96
C THR A 488 76.32 11.52 25.55
N GLN A 489 75.60 12.17 26.47
CA GLN A 489 74.24 12.60 26.19
C GLN A 489 74.12 13.30 24.83
N GLN A 490 74.88 14.38 24.65
CA GLN A 490 74.83 15.15 23.39
C GLN A 490 74.94 14.30 22.11
N GLU A 491 75.77 13.25 22.13
CA GLU A 491 75.91 12.38 20.95
C GLU A 491 74.74 11.41 20.78
N LYS A 492 74.22 10.92 21.91
CA LYS A 492 73.07 10.04 21.91
C LYS A 492 71.82 10.75 21.40
N GLU A 493 71.73 12.06 21.67
CA GLU A 493 70.63 12.89 21.18
C GLU A 493 70.60 12.85 19.67
N LYS A 494 71.77 12.95 19.06
CA LYS A 494 71.91 12.84 17.62
C LYS A 494 71.24 11.56 17.10
N VAL A 495 71.52 10.43 17.72
CA VAL A 495 70.94 9.17 17.30
C VAL A 495 69.44 9.12 17.62
N ASP A 496 69.07 9.56 18.82
CA ASP A 496 67.67 9.63 19.23
C ASP A 496 66.84 10.47 18.26
N LYS A 497 67.40 11.61 17.83
CA LYS A 497 66.69 12.51 16.92
C LYS A 497 66.39 11.82 15.61
N ALA A 498 67.39 11.11 15.07
CA ALA A 498 67.28 10.44 13.78
C ALA A 498 66.34 9.26 13.84
N GLN A 499 66.43 8.48 14.91
CA GLN A 499 65.54 7.36 15.11
C GLN A 499 64.08 7.81 15.31
N ALA A 500 63.89 8.94 15.95
CA ALA A 500 62.52 9.46 16.10
C ALA A 500 61.91 9.79 14.74
N ALA A 501 62.72 10.37 13.86
CA ALA A 501 62.24 10.75 12.54
C ALA A 501 61.91 9.51 11.72
N TYR A 502 62.75 8.50 11.82
CA TYR A 502 62.51 7.23 11.16
C TYR A 502 61.20 6.62 11.66
N ASN A 503 61.07 6.58 12.98
CA ASN A 503 59.94 5.92 13.62
C ASN A 503 58.62 6.55 13.27
N ALA A 504 58.59 7.86 13.16
CA ALA A 504 57.38 8.55 12.73
C ALA A 504 57.06 8.24 11.27
N ALA A 505 58.11 8.08 10.46
CA ALA A 505 57.95 7.78 9.03
C ALA A 505 57.30 6.42 8.81
N VAL A 506 57.68 5.45 9.63
CA VAL A 506 57.13 4.10 9.55
C VAL A 506 55.67 4.15 9.98
N ILE A 507 55.41 4.80 11.09
CA ILE A 507 54.04 4.90 11.54
C ILE A 507 53.18 5.56 10.50
N ALA A 508 53.72 6.56 9.82
CA ALA A 508 52.98 7.25 8.76
C ALA A 508 52.82 6.33 7.52
N ALA A 509 53.84 5.52 7.24
CA ALA A 509 53.77 4.61 6.08
C ALA A 509 52.88 3.42 6.35
N ASN A 510 52.74 3.03 7.62
CA ASN A 510 51.92 1.88 7.98
C ASN A 510 50.42 2.19 7.93
N ASN A 511 49.91 2.52 6.75
CA ASN A 511 48.48 2.76 6.59
C ASN A 511 47.66 1.50 6.63
N ALA A 512 48.30 0.37 6.32
CA ALA A 512 47.61 -0.92 6.29
C ALA A 512 48.62 -2.03 6.50
N PHE A 513 48.17 -3.20 6.90
CA PHE A 513 49.07 -4.34 7.19
C PHE A 513 48.70 -5.62 6.42
N GLU A 514 49.73 -6.37 6.04
CA GLU A 514 49.53 -7.70 5.47
C GLU A 514 50.69 -8.57 5.90
N TRP A 515 50.49 -9.87 5.92
CA TRP A 515 51.56 -10.81 6.24
C TRP A 515 52.21 -11.34 4.95
N VAL A 516 53.55 -11.34 4.88
CA VAL A 516 54.27 -11.78 3.69
C VAL A 516 55.36 -12.81 4.02
N ALA A 517 55.93 -13.42 2.98
CA ALA A 517 56.92 -14.49 3.15
C ALA A 517 58.36 -14.00 3.31
N ASP A 518 58.71 -12.93 2.61
CA ASP A 518 60.11 -12.52 2.48
C ASP A 518 60.50 -11.30 3.32
N LYS A 519 61.46 -11.49 4.22
CA LYS A 519 61.90 -10.44 5.15
C LYS A 519 62.75 -9.39 4.45
N ASP A 520 63.12 -9.68 3.20
CA ASP A 520 63.96 -8.78 2.41
C ASP A 520 63.09 -7.75 1.68
N ASN A 521 61.82 -8.08 1.49
CA ASN A 521 60.87 -7.19 0.82
C ASN A 521 60.87 -5.77 1.39
N GLU A 522 60.65 -4.77 0.53
CA GLU A 522 60.69 -3.37 0.96
C GLU A 522 59.57 -2.96 1.95
N ASN A 523 58.42 -3.62 1.88
CA ASN A 523 57.28 -3.23 2.72
C ASN A 523 57.32 -3.73 4.17
N VAL A 524 58.29 -4.59 4.45
CA VAL A 524 58.43 -5.17 5.78
C VAL A 524 58.73 -4.11 6.84
N VAL A 525 57.93 -4.13 7.89
CA VAL A 525 58.09 -3.20 9.00
C VAL A 525 59.40 -3.50 9.73
N LYS A 526 60.32 -2.55 9.70
CA LYS A 526 61.57 -2.73 10.42
C LYS A 526 61.68 -1.78 11.61
N LEU A 527 62.12 -2.33 12.73
CA LEU A 527 62.23 -1.55 13.93
C LEU A 527 63.70 -1.39 14.26
N VAL A 528 64.05 -0.24 14.82
CA VAL A 528 65.44 0.07 15.13
C VAL A 528 65.57 0.69 16.52
N SER A 529 66.58 0.25 17.26
CA SER A 529 66.76 0.73 18.62
C SER A 529 67.50 2.08 18.61
N ASP A 530 67.03 3.03 19.42
CA ASP A 530 67.70 4.33 19.54
C ASP A 530 68.84 4.23 20.54
N ALA A 531 69.48 5.35 20.83
CA ALA A 531 70.64 5.32 21.71
C ALA A 531 70.25 5.04 23.16
N GLN A 532 68.96 5.16 23.46
CA GLN A 532 68.45 4.69 24.75
C GLN A 532 67.87 3.28 24.57
N GLY A 533 68.20 2.65 23.43
CA GLY A 533 67.82 1.28 23.14
C GLY A 533 66.35 1.02 22.81
N ARG A 534 65.61 2.10 22.57
CA ARG A 534 64.18 2.03 22.46
C ARG A 534 63.69 1.74 21.05
N PHE A 535 62.61 0.96 20.96
CA PHE A 535 61.82 0.81 19.75
C PHE A 535 60.43 0.34 20.13
N GLU A 536 59.46 0.68 19.28
CA GLU A 536 58.07 0.36 19.54
C GLU A 536 57.38 -0.09 18.27
N ILE A 537 56.23 -0.73 18.44
CA ILE A 537 55.32 -1.03 17.34
C ILE A 537 53.92 -0.66 17.81
N THR A 538 53.20 0.06 16.95
CA THR A 538 51.87 0.52 17.25
C THR A 538 50.90 0.22 16.10
N GLY A 539 49.61 0.19 16.40
CA GLY A 539 48.58 0.03 15.35
C GLY A 539 48.05 -1.39 15.19
N LEU A 540 48.38 -2.28 16.12
CA LEU A 540 48.09 -3.70 15.92
C LEU A 540 46.80 -4.20 16.52
N LEU A 541 46.35 -5.35 16.03
CA LEU A 541 45.34 -6.13 16.69
C LEU A 541 46.01 -6.92 17.81
N ALA A 542 45.27 -7.26 18.86
CA ALA A 542 45.80 -8.13 19.93
C ALA A 542 46.22 -9.53 19.41
N GLY A 543 47.23 -10.11 20.04
CA GLY A 543 47.70 -11.46 19.67
C GLY A 543 49.15 -11.73 20.02
N THR A 544 49.67 -12.87 19.55
CA THR A 544 51.04 -13.27 19.84
C THR A 544 51.94 -13.03 18.62
N TYR A 545 53.03 -12.30 18.83
CA TYR A 545 53.97 -11.97 17.77
C TYR A 545 55.37 -12.33 18.19
N TYR A 546 56.30 -12.25 17.26
CA TYR A 546 57.66 -12.67 17.53
C TYR A 546 58.63 -11.78 16.82
N LEU A 547 59.52 -11.18 17.61
CA LEU A 547 60.61 -10.37 17.10
C LEU A 547 61.68 -11.23 16.48
N GLU A 548 62.15 -10.84 15.31
CA GLU A 548 63.36 -11.44 14.75
C GLU A 548 64.36 -10.33 14.47
N GLU A 549 65.54 -10.46 15.09
CA GLU A 549 66.63 -9.52 14.90
C GLU A 549 67.30 -9.81 13.56
N THR A 550 67.47 -8.77 12.76
CA THR A 550 68.03 -8.90 11.44
C THR A 550 69.44 -8.31 11.36
N LYS A 551 69.74 -7.36 12.24
CA LYS A 551 71.10 -6.81 12.32
C LYS A 551 71.38 -6.40 13.76
N GLN A 552 72.43 -6.95 14.34
CA GLN A 552 72.70 -6.77 15.76
C GLN A 552 73.49 -5.49 16.02
N PRO A 553 73.48 -5.04 17.28
CA PRO A 553 74.29 -3.89 17.61
C PRO A 553 75.74 -4.21 17.27
N ALA A 554 76.47 -3.21 16.78
CA ALA A 554 77.91 -3.36 16.56
C ALA A 554 78.55 -4.05 17.77
N GLY A 555 79.41 -5.02 17.49
CA GLY A 555 80.18 -5.74 18.51
C GLY A 555 79.50 -7.00 19.04
N TYR A 556 78.21 -7.13 18.77
CA TYR A 556 77.40 -8.21 19.34
C TYR A 556 77.10 -9.32 18.32
N ALA A 557 76.57 -10.43 18.82
CA ALA A 557 76.17 -11.54 17.97
C ALA A 557 74.73 -11.37 17.56
N LEU A 558 74.32 -12.11 16.54
CA LEU A 558 72.94 -12.11 16.07
C LEU A 558 72.14 -13.11 16.90
N LEU A 559 70.99 -12.69 17.41
CA LEU A 559 70.12 -13.63 18.09
C LEU A 559 69.72 -14.75 17.13
N THR A 560 69.82 -15.98 17.61
CA THR A 560 69.45 -17.16 16.83
C THR A 560 68.09 -17.67 17.26
N SER A 561 67.21 -16.75 17.62
CA SER A 561 65.90 -17.10 18.14
C SER A 561 65.00 -15.90 18.05
N ARG A 562 63.72 -16.16 17.86
CA ARG A 562 62.73 -15.10 17.91
C ARG A 562 62.27 -14.90 19.35
N GLN A 563 61.93 -13.67 19.70
CA GLN A 563 61.43 -13.41 21.03
C GLN A 563 59.92 -13.20 21.02
N LYS A 564 59.23 -14.12 21.67
CA LYS A 564 57.78 -14.10 21.75
C LYS A 564 57.33 -12.88 22.51
N PHE A 565 56.28 -12.22 22.04
CA PHE A 565 55.63 -11.16 22.79
C PHE A 565 54.14 -11.12 22.56
N GLU A 566 53.42 -10.63 23.57
CA GLU A 566 51.99 -10.56 23.58
C GLU A 566 51.52 -9.12 23.38
N VAL A 567 50.60 -8.90 22.43
CA VAL A 567 49.98 -7.59 22.29
C VAL A 567 48.59 -7.60 22.91
N THR A 568 48.34 -6.70 23.86
CA THR A 568 47.07 -6.69 24.57
C THR A 568 46.45 -5.30 24.71
N ALA A 569 45.35 -5.23 25.44
CA ALA A 569 44.66 -3.97 25.63
C ALA A 569 45.48 -3.00 26.48
N THR A 570 46.50 -3.52 27.16
CA THR A 570 47.34 -2.72 28.03
C THR A 570 48.82 -3.03 27.90
N SER A 571 49.24 -3.66 26.82
CA SER A 571 50.64 -4.03 26.69
C SER A 571 51.54 -2.81 26.39
N TYR A 572 50.96 -1.76 25.80
CA TYR A 572 51.70 -0.55 25.50
C TYR A 572 51.97 0.29 26.72
N SER A 573 51.07 0.26 27.70
CA SER A 573 51.15 1.16 28.86
C SER A 573 51.33 0.52 30.24
N ALA A 574 51.06 -0.77 30.38
CA ALA A 574 51.14 -1.41 31.68
C ALA A 574 52.53 -1.45 32.30
N THR A 575 52.60 -1.12 33.58
CA THR A 575 53.84 -1.20 34.34
C THR A 575 54.07 -2.64 34.79
N GLY A 576 55.28 -2.93 35.26
CA GLY A 576 55.63 -4.27 35.68
C GLY A 576 56.11 -5.17 34.57
N GLN A 577 56.63 -4.59 33.50
CA GLN A 577 57.09 -5.39 32.36
C GLN A 577 58.60 -5.67 32.33
N GLY A 578 59.36 -5.08 33.24
CA GLY A 578 60.78 -5.42 33.39
C GLY A 578 61.79 -4.30 33.17
N ILE A 579 61.40 -3.26 32.45
CA ILE A 579 62.31 -2.15 32.19
C ILE A 579 61.60 -0.87 31.79
N GLU A 580 62.19 0.26 32.19
CA GLU A 580 61.71 1.58 31.83
C GLU A 580 61.97 1.82 30.35
N TYR A 581 60.94 2.25 29.63
CA TYR A 581 61.09 2.65 28.22
C TYR A 581 62.09 3.77 28.15
N THR A 582 61.88 4.78 29.00
CA THR A 582 62.80 5.89 29.21
C THR A 582 63.35 5.76 30.64
N ALA A 583 64.67 5.74 30.78
CA ALA A 583 65.29 5.59 32.10
C ALA A 583 64.87 6.68 33.09
N GLY A 584 64.58 6.26 34.31
CA GLY A 584 64.19 7.19 35.37
C GLY A 584 62.75 7.69 35.35
N SER A 585 61.96 7.22 34.38
CA SER A 585 60.55 7.58 34.29
C SER A 585 59.73 6.99 35.46
N GLY A 586 60.26 5.95 36.09
CA GLY A 586 59.57 5.28 37.18
C GLY A 586 58.54 4.24 36.78
N LYS A 587 58.28 4.10 35.48
CA LYS A 587 57.33 3.12 34.98
C LYS A 587 58.02 2.11 34.08
N ASP A 588 58.20 0.88 34.57
CA ASP A 588 58.79 -0.16 33.74
C ASP A 588 57.75 -0.71 32.74
N ASP A 589 57.50 0.10 31.71
CA ASP A 589 56.47 -0.19 30.71
C ASP A 589 56.97 -0.91 29.45
N ALA A 590 58.21 -1.36 29.43
CA ALA A 590 58.74 -2.07 28.25
C ALA A 590 59.29 -3.46 28.57
N THR A 591 59.54 -4.26 27.55
CA THR A 591 60.20 -5.58 27.72
C THR A 591 61.68 -5.48 27.25
N LYS A 592 62.59 -6.09 28.00
CA LYS A 592 64.00 -6.11 27.60
C LYS A 592 64.25 -7.10 26.45
N VAL A 593 65.03 -6.68 25.45
CA VAL A 593 65.49 -7.60 24.42
C VAL A 593 66.99 -7.75 24.57
N VAL A 594 67.41 -8.91 25.08
CA VAL A 594 68.78 -9.08 25.55
C VAL A 594 69.73 -9.64 24.50
N ASN A 595 70.66 -8.80 24.05
CA ASN A 595 71.69 -9.20 23.08
C ASN A 595 72.93 -9.87 23.71
N LYS A 596 73.54 -10.80 22.97
CA LYS A 596 74.70 -11.54 23.47
C LYS A 596 75.95 -11.17 22.71
N LYS A 597 77.08 -11.36 23.37
CA LYS A 597 78.36 -10.91 22.88
C LYS A 597 79.39 -11.96 23.26
N ILE A 598 79.95 -12.60 22.25
CA ILE A 598 80.94 -13.64 22.45
C ILE A 598 82.28 -12.99 22.81
N THR A 599 82.97 -13.55 23.80
CA THR A 599 84.29 -13.06 24.16
C THR A 599 85.26 -14.24 24.17
N ILE A 600 86.51 -13.96 23.80
CA ILE A 600 87.55 -14.99 23.81
C ILE A 600 88.41 -14.81 25.06
N PRO A 601 88.44 -15.84 25.92
CA PRO A 601 89.04 -15.87 27.25
C PRO A 601 90.55 -15.98 27.26
N GLN A 602 91.09 -16.23 28.45
CA GLN A 602 92.52 -16.47 28.68
C GLN A 602 92.71 -17.66 29.64
N THR A 603 93.96 -18.10 29.85
CA THR A 603 94.25 -19.22 30.76
C THR A 603 95.68 -19.15 31.32
N GLY A 604 96.09 -20.20 32.04
CA GLY A 604 97.43 -20.27 32.62
C GLY A 604 97.77 -21.66 33.18
N GLY B 1 34.00 -5.57 -2.21
CA GLY B 1 33.80 -5.50 -3.69
C GLY B 1 33.27 -6.81 -4.25
N ALA B 2 31.95 -6.89 -4.41
CA ALA B 2 31.29 -8.09 -4.89
C ALA B 2 30.89 -7.96 -6.36
N GLY B 3 30.79 -6.72 -6.82
CA GLY B 3 30.40 -6.40 -8.19
C GLY B 3 31.52 -6.51 -9.20
N THR B 4 31.42 -5.73 -10.29
CA THR B 4 32.33 -5.89 -11.43
C THR B 4 32.90 -4.57 -11.92
N THR B 5 33.82 -4.63 -12.88
CA THR B 5 34.46 -3.41 -13.40
C THR B 5 33.47 -2.52 -14.15
N THR B 6 32.36 -3.09 -14.58
CA THR B 6 31.31 -2.33 -15.24
C THR B 6 30.45 -1.71 -14.16
N THR B 7 30.65 -0.41 -13.95
CA THR B 7 30.07 0.21 -12.78
C THR B 7 28.73 0.87 -13.12
N SER B 8 28.57 1.27 -14.37
CA SER B 8 27.30 1.82 -14.79
C SER B 8 26.84 1.25 -16.13
N VAL B 9 25.52 1.18 -16.30
CA VAL B 9 24.90 0.81 -17.56
C VAL B 9 23.74 1.76 -17.85
N THR B 10 23.85 2.52 -18.95
CA THR B 10 22.79 3.46 -19.32
C THR B 10 21.87 2.95 -20.45
N VAL B 11 20.59 2.81 -20.13
CA VAL B 11 19.62 2.43 -21.15
C VAL B 11 19.15 3.68 -21.87
N HIS B 12 19.19 3.64 -23.19
CA HIS B 12 18.67 4.72 -24.02
C HIS B 12 17.55 4.14 -24.84
N LYS B 13 16.33 4.53 -24.52
CA LYS B 13 15.19 4.06 -25.27
C LYS B 13 15.15 4.78 -26.63
N LEU B 14 15.01 4.02 -27.70
CA LEU B 14 14.90 4.60 -29.04
C LEU B 14 13.54 4.28 -29.66
N LEU B 15 12.94 5.29 -30.28
CA LEU B 15 11.73 5.10 -31.06
C LEU B 15 12.09 5.15 -32.53
N ALA B 16 11.56 4.22 -33.29
CA ALA B 16 11.69 4.28 -34.74
C ALA B 16 10.51 5.08 -35.26
N THR B 17 10.77 6.34 -35.62
CA THR B 17 9.77 7.25 -36.17
C THR B 17 9.17 6.82 -37.53
N ASP B 18 9.84 5.93 -38.26
CA ASP B 18 9.16 5.22 -39.35
C ASP B 18 8.60 3.94 -38.70
N GLY B 19 8.51 2.84 -39.43
CA GLY B 19 8.07 1.60 -38.77
C GLY B 19 9.27 0.69 -38.56
N ASP B 20 10.45 1.24 -38.87
CA ASP B 20 11.65 0.45 -39.16
C ASP B 20 12.68 0.34 -38.04
N MSE B 21 12.55 -0.71 -37.24
CA MSE B 21 13.50 -1.02 -36.20
C MSE B 21 14.70 -1.80 -36.73
O MSE B 21 15.82 -1.57 -36.32
CB MSE B 21 12.82 -1.77 -35.07
CG MSE B 21 11.76 -0.94 -34.37
SE MSE B 21 10.98 -1.81 -32.81
CE MSE B 21 9.91 -3.17 -33.70
N ASP B 22 14.46 -2.72 -37.66
CA ASP B 22 15.55 -3.50 -38.26
C ASP B 22 16.63 -2.57 -38.82
N LYS B 23 16.20 -1.50 -39.47
CA LYS B 23 17.12 -0.50 -40.03
C LYS B 23 17.98 0.18 -38.97
N ILE B 24 17.39 0.42 -37.80
CA ILE B 24 18.12 1.05 -36.71
C ILE B 24 19.17 0.08 -36.16
N ALA B 25 18.82 -1.19 -36.11
CA ALA B 25 19.76 -2.23 -35.66
C ALA B 25 20.76 -2.52 -36.77
N ASN B 26 20.59 -1.84 -37.89
CA ASN B 26 21.50 -2.00 -38.99
C ASN B 26 22.64 -1.00 -38.95
N GLU B 27 22.30 0.28 -38.85
CA GLU B 27 23.32 1.32 -38.74
C GLU B 27 24.19 1.11 -37.50
N LEU B 28 23.54 0.97 -36.34
CA LEU B 28 24.23 0.66 -35.07
C LEU B 28 25.26 -0.46 -35.21
N GLU B 29 24.84 -1.57 -35.82
CA GLU B 29 25.71 -2.73 -36.05
C GLU B 29 26.95 -2.36 -36.84
N THR B 30 26.76 -1.98 -38.10
CA THR B 30 27.89 -1.58 -38.96
C THR B 30 28.64 -0.41 -38.35
N GLY B 31 28.02 0.26 -37.38
CA GLY B 31 28.64 1.43 -36.77
C GLY B 31 29.48 1.12 -35.55
N ASN B 32 29.52 -0.15 -35.16
CA ASN B 32 30.13 -0.53 -33.88
C ASN B 32 31.25 -1.56 -33.90
N TYR B 33 31.31 -2.29 -32.78
CA TYR B 33 32.36 -3.24 -32.45
C TYR B 33 32.07 -3.66 -30.99
N ALA B 34 31.70 -2.68 -30.16
CA ALA B 34 31.37 -2.87 -28.74
C ALA B 34 30.34 -1.82 -28.24
N GLY B 35 30.09 -1.81 -26.92
CA GLY B 35 28.94 -1.06 -26.36
C GLY B 35 29.16 0.27 -25.65
N ASN B 36 29.76 1.21 -26.36
CA ASN B 36 29.99 2.55 -25.80
C ASN B 36 28.83 3.49 -26.16
N LYS B 37 28.97 4.76 -25.81
CA LYS B 37 27.94 5.73 -26.16
C LYS B 37 28.01 6.02 -27.64
N VAL B 38 26.85 6.17 -28.28
CA VAL B 38 26.77 6.49 -29.70
C VAL B 38 26.69 8.01 -29.94
N GLY B 39 27.71 8.55 -30.59
CA GLY B 39 27.79 10.00 -30.86
C GLY B 39 26.57 10.56 -31.58
N VAL B 40 26.16 9.89 -32.64
CA VAL B 40 24.98 10.31 -33.39
C VAL B 40 24.08 9.14 -33.78
N LEU B 41 22.83 9.20 -33.31
CA LEU B 41 21.85 8.19 -33.66
C LEU B 41 21.50 8.29 -35.13
N PRO B 42 21.08 7.19 -35.75
CA PRO B 42 20.57 7.28 -37.11
C PRO B 42 19.46 8.30 -37.16
N ALA B 43 19.27 8.96 -38.30
CA ALA B 43 18.19 9.93 -38.45
C ALA B 43 16.86 9.29 -38.09
N ASN B 44 16.80 7.97 -38.22
CA ASN B 44 15.59 7.19 -38.04
C ASN B 44 15.14 7.08 -36.58
N ALA B 45 16.03 7.45 -35.67
CA ALA B 45 15.81 7.21 -34.25
C ALA B 45 15.66 8.47 -33.41
N LYS B 46 14.74 8.41 -32.44
CA LYS B 46 14.59 9.44 -31.43
C LYS B 46 14.75 8.74 -30.09
N GLU B 47 15.41 9.39 -29.14
CA GLU B 47 15.44 8.90 -27.76
C GLU B 47 14.27 9.50 -27.01
N ILE B 48 13.68 8.76 -26.08
CA ILE B 48 12.49 9.22 -25.36
C ILE B 48 12.53 8.91 -23.86
N ALA B 49 11.87 9.75 -23.06
CA ALA B 49 11.86 9.58 -21.63
C ALA B 49 10.53 8.99 -21.17
N GLY B 50 10.55 8.34 -20.01
CA GLY B 50 9.32 7.86 -19.37
C GLY B 50 8.97 6.41 -19.69
N VAL B 51 9.94 5.66 -20.22
CA VAL B 51 9.79 4.23 -20.39
C VAL B 51 10.46 3.56 -19.19
N MSE B 52 9.73 2.69 -18.50
CA MSE B 52 10.28 2.01 -17.32
C MSE B 52 11.12 0.80 -17.71
O MSE B 52 10.74 0.03 -18.58
CB MSE B 52 9.14 1.54 -16.39
CG MSE B 52 9.63 0.88 -15.11
SE MSE B 52 10.35 2.21 -13.88
CE MSE B 52 8.68 3.10 -13.31
N PHE B 53 12.28 0.65 -17.06
CA PHE B 53 13.10 -0.54 -17.24
C PHE B 53 13.41 -1.16 -15.89
N VAL B 54 13.24 -2.48 -15.81
CA VAL B 54 13.56 -3.23 -14.59
C VAL B 54 14.57 -4.35 -14.89
N TRP B 55 15.55 -4.53 -14.00
CA TRP B 55 16.55 -5.57 -14.14
C TRP B 55 16.02 -6.94 -13.68
N THR B 56 16.52 -7.99 -14.32
CA THR B 56 16.11 -9.37 -14.03
C THR B 56 17.37 -10.24 -14.00
N ASN B 57 17.36 -11.32 -13.23
CA ASN B 57 18.43 -12.32 -13.38
C ASN B 57 18.13 -13.17 -14.62
N THR B 58 19.06 -14.04 -15.02
CA THR B 58 18.90 -14.74 -16.28
C THR B 58 17.59 -15.54 -16.40
N ASN B 59 17.00 -15.92 -15.27
CA ASN B 59 15.76 -16.68 -15.30
C ASN B 59 14.57 -15.78 -15.06
N ASN B 60 14.69 -14.53 -15.49
CA ASN B 60 13.58 -13.59 -15.52
C ASN B 60 13.03 -13.20 -14.14
N GLU B 61 13.86 -13.41 -13.13
CA GLU B 61 13.46 -13.04 -11.79
C GLU B 61 13.99 -11.63 -11.44
N ILE B 62 13.09 -10.76 -11.00
CA ILE B 62 13.43 -9.35 -10.70
C ILE B 62 14.37 -9.26 -9.50
N ILE B 63 15.43 -8.47 -9.65
CA ILE B 63 16.44 -8.34 -8.60
C ILE B 63 16.57 -6.91 -8.08
N ASP B 64 17.19 -6.75 -6.91
CA ASP B 64 17.56 -5.40 -6.47
C ASP B 64 18.99 -5.15 -6.91
N GLU B 65 19.44 -3.93 -6.66
CA GLU B 65 20.73 -3.43 -7.14
C GLU B 65 21.95 -4.22 -6.65
N ASN B 66 21.75 -5.02 -5.61
CA ASN B 66 22.79 -5.90 -5.07
C ASN B 66 22.74 -7.29 -5.68
N GLY B 67 21.81 -7.52 -6.62
CA GLY B 67 21.67 -8.83 -7.29
C GLY B 67 20.85 -9.86 -6.52
N GLN B 68 20.17 -9.42 -5.47
CA GLN B 68 19.28 -10.30 -4.71
C GLN B 68 17.93 -10.46 -5.43
N THR B 69 17.42 -11.69 -5.53
CA THR B 69 16.11 -11.87 -6.15
C THR B 69 15.00 -11.49 -5.19
N LEU B 70 13.96 -10.87 -5.74
CA LEU B 70 12.89 -10.30 -4.94
C LEU B 70 11.56 -11.05 -5.07
N GLY B 71 11.61 -12.24 -5.66
CA GLY B 71 10.47 -13.17 -5.65
C GLY B 71 9.32 -12.83 -6.55
N VAL B 72 9.60 -12.07 -7.61
CA VAL B 72 8.60 -11.72 -8.62
C VAL B 72 9.26 -11.84 -9.98
N ASN B 73 8.60 -12.60 -10.86
CA ASN B 73 9.15 -12.91 -12.16
C ASN B 73 8.51 -12.16 -13.32
N ILE B 74 9.24 -12.08 -14.42
CA ILE B 74 8.70 -11.45 -15.62
C ILE B 74 8.56 -12.52 -16.70
N ASP B 75 7.39 -12.63 -17.28
CA ASP B 75 7.17 -13.67 -18.28
C ASP B 75 7.86 -13.22 -19.54
N PRO B 76 8.88 -13.99 -19.98
CA PRO B 76 9.86 -13.60 -20.98
C PRO B 76 9.26 -13.27 -22.33
N GLN B 77 8.01 -13.69 -22.50
CA GLN B 77 7.29 -13.51 -23.74
C GLN B 77 6.24 -12.41 -23.62
N THR B 78 5.44 -12.46 -22.56
CA THR B 78 4.35 -11.51 -22.38
C THR B 78 4.76 -10.27 -21.54
N PHE B 79 5.95 -10.32 -20.94
CA PHE B 79 6.45 -9.24 -20.08
C PHE B 79 5.56 -9.01 -18.85
N LYS B 80 4.63 -9.91 -18.63
CA LYS B 80 3.71 -9.84 -17.52
C LYS B 80 4.42 -10.11 -16.20
N LEU B 81 4.19 -9.28 -15.19
CA LEU B 81 4.70 -9.56 -13.85
C LEU B 81 3.84 -10.62 -13.16
N SER B 82 4.45 -11.41 -12.28
CA SER B 82 3.72 -12.44 -11.55
C SER B 82 3.14 -11.86 -10.27
N GLY B 83 3.15 -10.54 -10.17
CA GLY B 83 2.73 -9.85 -8.94
C GLY B 83 3.22 -8.42 -8.97
N ALA B 84 2.91 -7.66 -7.93
CA ALA B 84 3.30 -6.26 -7.86
C ALA B 84 4.81 -6.08 -7.97
N MSE B 85 5.22 -5.08 -8.74
CA MSE B 85 6.60 -4.64 -8.75
C MSE B 85 7.12 -4.54 -7.32
O MSE B 85 6.50 -3.88 -6.49
CB MSE B 85 6.68 -3.25 -9.38
CG MSE B 85 8.09 -2.69 -9.43
SE MSE B 85 9.21 -3.80 -10.59
CE MSE B 85 8.35 -3.41 -12.29
N PRO B 86 8.24 -5.22 -7.03
CA PRO B 86 8.88 -5.09 -5.71
C PRO B 86 9.34 -3.67 -5.43
N ALA B 87 9.09 -3.18 -4.23
CA ALA B 87 9.48 -1.81 -3.84
C ALA B 87 10.97 -1.55 -3.96
N THR B 88 11.80 -2.56 -3.71
CA THR B 88 13.25 -2.36 -3.75
C THR B 88 13.86 -2.85 -5.07
N ALA B 89 13.00 -3.04 -6.07
CA ALA B 89 13.45 -3.45 -7.38
C ALA B 89 14.40 -2.44 -7.98
N MSE B 90 15.34 -2.95 -8.76
CA MSE B 90 16.26 -2.11 -9.47
C MSE B 90 15.60 -1.60 -10.74
O MSE B 90 15.69 -2.25 -11.79
CB MSE B 90 17.50 -2.90 -9.82
CG MSE B 90 18.43 -2.17 -10.72
SE MSE B 90 20.07 -3.17 -10.85
CE MSE B 90 21.28 -1.67 -11.23
N LYS B 91 14.92 -0.47 -10.63
CA LYS B 91 14.15 0.08 -11.74
C LYS B 91 14.33 1.59 -11.93
N LYS B 92 14.13 2.05 -13.15
CA LYS B 92 14.29 3.45 -13.52
C LYS B 92 13.53 3.80 -14.80
N LEU B 93 12.96 5.00 -14.82
CA LEU B 93 12.38 5.58 -16.02
C LEU B 93 13.51 6.22 -16.79
N THR B 94 13.49 6.10 -18.11
CA THR B 94 14.42 6.86 -18.91
C THR B 94 14.13 8.34 -18.74
N GLU B 95 15.19 9.12 -18.57
CA GLU B 95 15.07 10.57 -18.66
C GLU B 95 15.42 10.97 -20.11
N ALA B 96 15.53 12.27 -20.35
CA ALA B 96 15.83 12.79 -21.68
C ALA B 96 17.02 12.08 -22.33
N GLU B 97 18.05 11.78 -21.53
CA GLU B 97 19.23 11.06 -22.04
C GLU B 97 19.41 9.64 -21.49
N GLY B 98 18.31 9.02 -21.10
CA GLY B 98 18.30 7.60 -20.74
C GLY B 98 18.19 7.32 -19.25
N ALA B 99 18.07 6.04 -18.91
CA ALA B 99 18.05 5.60 -17.51
C ALA B 99 19.41 5.06 -17.11
N LYS B 100 20.15 5.85 -16.33
CA LYS B 100 21.47 5.45 -15.89
C LYS B 100 21.47 4.56 -14.65
N PHE B 101 21.86 3.31 -14.83
CA PHE B 101 21.87 2.38 -13.70
C PHE B 101 23.27 2.22 -13.11
N ASN B 102 23.34 2.36 -11.78
CA ASN B 102 24.55 2.01 -11.04
C ASN B 102 24.61 0.48 -10.93
N THR B 103 25.55 -0.12 -11.64
CA THR B 103 25.66 -1.59 -11.70
C THR B 103 26.89 -2.07 -10.97
N ALA B 104 27.47 -1.20 -10.16
CA ALA B 104 28.69 -1.51 -9.44
C ALA B 104 28.57 -2.69 -8.47
N ASN B 105 27.35 -3.01 -8.03
CA ASN B 105 27.20 -4.03 -6.99
C ASN B 105 26.57 -5.32 -7.43
N LEU B 106 26.41 -5.48 -8.75
CA LEU B 106 25.93 -6.71 -9.33
C LEU B 106 27.10 -7.63 -9.64
N PRO B 107 27.09 -8.83 -9.06
CA PRO B 107 28.11 -9.83 -9.33
C PRO B 107 28.16 -10.19 -10.82
N ALA B 108 29.33 -10.54 -11.32
CA ALA B 108 29.48 -10.96 -12.71
C ALA B 108 28.46 -12.04 -13.00
N ALA B 109 27.69 -11.88 -14.07
CA ALA B 109 26.62 -12.81 -14.44
C ALA B 109 25.86 -12.30 -15.66
N LYS B 110 24.95 -13.11 -16.19
CA LYS B 110 24.08 -12.66 -17.25
C LYS B 110 22.84 -12.02 -16.66
N TYR B 111 22.51 -10.81 -17.10
CA TYR B 111 21.34 -10.10 -16.61
C TYR B 111 20.40 -9.74 -17.75
N LYS B 112 19.17 -9.39 -17.40
CA LYS B 112 18.21 -8.92 -18.37
C LYS B 112 17.63 -7.60 -17.92
N ILE B 113 17.19 -6.80 -18.88
CA ILE B 113 16.50 -5.57 -18.54
C ILE B 113 15.24 -5.51 -19.36
N TYR B 114 14.09 -5.45 -18.68
CA TYR B 114 12.80 -5.48 -19.36
C TYR B 114 12.18 -4.10 -19.39
N GLU B 115 11.53 -3.77 -20.49
CA GLU B 115 10.72 -2.57 -20.54
C GLU B 115 9.34 -2.91 -20.01
N ILE B 116 8.76 -1.99 -19.24
CA ILE B 116 7.44 -2.24 -18.69
C ILE B 116 6.52 -1.09 -19.00
N HIS B 117 5.65 -1.30 -19.99
CA HIS B 117 4.71 -0.29 -20.45
C HIS B 117 3.72 0.05 -19.34
N SER B 118 3.37 -0.97 -18.57
CA SER B 118 2.43 -0.87 -17.48
C SER B 118 2.84 0.21 -16.47
N LEU B 119 4.14 0.51 -16.39
CA LEU B 119 4.65 1.51 -15.44
C LEU B 119 5.31 2.69 -16.11
N SER B 120 5.05 2.91 -17.38
CA SER B 120 5.68 4.02 -18.09
C SER B 120 4.76 5.22 -18.10
N THR B 121 5.26 6.35 -18.60
CA THR B 121 4.49 7.56 -18.70
C THR B 121 4.60 8.18 -20.09
N TYR B 122 5.57 7.72 -20.88
CA TYR B 122 5.71 8.31 -22.19
C TYR B 122 4.40 8.25 -22.99
N VAL B 123 4.09 9.35 -23.66
CA VAL B 123 2.94 9.48 -24.53
C VAL B 123 3.45 10.22 -25.75
N GLY B 124 3.13 9.70 -26.93
CA GLY B 124 3.64 10.28 -28.18
C GLY B 124 2.75 11.35 -28.76
N GLU B 125 3.17 11.91 -29.89
CA GLU B 125 2.40 12.91 -30.62
C GLU B 125 0.98 12.40 -30.87
N ASP B 126 0.03 13.31 -30.90
CA ASP B 126 -1.40 12.99 -31.01
C ASP B 126 -1.77 11.75 -30.21
N GLY B 127 -1.13 11.57 -29.06
CA GLY B 127 -1.50 10.51 -28.12
C GLY B 127 -1.22 9.09 -28.55
N ALA B 128 -0.15 8.90 -29.31
CA ALA B 128 0.26 7.55 -29.71
C ALA B 128 0.97 6.87 -28.55
N THR B 129 0.81 5.56 -28.45
CA THR B 129 1.38 4.80 -27.34
C THR B 129 2.40 3.83 -27.90
N LEU B 130 3.45 3.56 -27.14
CA LEU B 130 4.43 2.53 -27.55
C LEU B 130 3.74 1.21 -27.85
N THR B 131 4.18 0.54 -28.91
CA THR B 131 3.57 -0.70 -29.37
C THR B 131 4.61 -1.81 -29.52
N GLY B 132 5.36 -1.78 -30.62
CA GLY B 132 6.40 -2.79 -30.89
C GLY B 132 7.72 -2.47 -30.23
N SER B 133 8.62 -3.45 -30.19
CA SER B 133 9.87 -3.30 -29.44
C SER B 133 10.93 -4.31 -29.87
N LYS B 134 12.04 -3.81 -30.41
CA LYS B 134 13.12 -4.70 -30.79
C LYS B 134 14.20 -4.60 -29.73
N ALA B 135 14.75 -5.74 -29.31
CA ALA B 135 15.86 -5.75 -28.36
C ALA B 135 15.44 -5.57 -26.88
N VAL B 136 14.18 -5.88 -26.58
CA VAL B 136 13.77 -5.97 -25.20
C VAL B 136 13.22 -7.38 -25.01
N PRO B 137 13.65 -8.07 -23.95
CA PRO B 137 14.59 -7.56 -22.96
C PRO B 137 16.01 -7.46 -23.48
N ILE B 138 16.76 -6.50 -22.94
CA ILE B 138 18.15 -6.39 -23.27
C ILE B 138 18.90 -7.50 -22.56
N GLU B 139 19.94 -8.01 -23.21
CA GLU B 139 20.72 -9.07 -22.63
C GLU B 139 22.14 -8.60 -22.44
N ILE B 140 22.53 -8.46 -21.17
CA ILE B 140 23.90 -8.03 -20.85
C ILE B 140 24.59 -8.94 -19.85
N GLU B 141 25.77 -9.44 -20.24
CA GLU B 141 26.67 -10.09 -19.30
C GLU B 141 27.54 -9.03 -18.66
N LEU B 142 27.81 -9.16 -17.37
CA LEU B 142 28.71 -8.25 -16.68
C LEU B 142 29.81 -9.07 -16.02
N PRO B 143 31.06 -8.63 -16.12
CA PRO B 143 31.46 -7.39 -16.77
C PRO B 143 31.32 -7.46 -18.27
N LEU B 144 30.91 -6.35 -18.89
CA LEU B 144 30.77 -6.30 -20.33
C LEU B 144 32.14 -6.07 -20.96
N ASN B 145 32.96 -7.12 -20.94
CA ASN B 145 34.27 -7.09 -21.58
C ASN B 145 35.23 -6.14 -20.92
N ASP B 146 35.19 -4.91 -21.42
CA ASP B 146 36.26 -3.97 -21.25
C ASP B 146 35.66 -2.63 -20.82
N VAL B 147 34.34 -2.53 -20.95
CA VAL B 147 33.63 -1.29 -20.74
C VAL B 147 33.28 -1.11 -19.28
N VAL B 148 33.52 0.10 -18.73
CA VAL B 148 33.07 0.39 -17.35
C VAL B 148 31.74 1.17 -17.29
N ASP B 149 31.56 2.11 -18.22
CA ASP B 149 30.27 2.80 -18.38
C ASP B 149 29.60 2.41 -19.71
N ALA B 150 28.66 1.47 -19.63
CA ALA B 150 28.04 0.91 -20.83
C ALA B 150 26.76 1.64 -21.22
N HIS B 151 26.51 1.69 -22.53
CA HIS B 151 25.29 2.24 -23.08
C HIS B 151 24.63 1.21 -23.97
N VAL B 152 23.33 1.02 -23.78
CA VAL B 152 22.54 0.07 -24.57
C VAL B 152 21.34 0.81 -25.17
N TYR B 153 20.76 0.24 -26.22
CA TYR B 153 19.76 0.95 -27.02
C TYR B 153 18.58 0.09 -27.49
N PRO B 154 17.62 -0.19 -26.60
CA PRO B 154 16.40 -0.89 -27.01
C PRO B 154 15.56 -0.07 -28.00
N LYS B 155 14.73 -0.74 -28.80
CA LYS B 155 13.96 0.00 -29.79
C LYS B 155 12.46 -0.13 -29.61
N ASN B 156 11.71 0.70 -30.34
CA ASN B 156 10.25 0.72 -30.26
C ASN B 156 9.61 1.37 -31.46
N THR B 157 8.35 1.02 -31.67
CA THR B 157 7.50 1.69 -32.63
C THR B 157 6.32 2.15 -31.78
N GLU B 158 5.56 3.11 -32.27
CA GLU B 158 4.42 3.64 -31.54
C GLU B 158 3.23 3.75 -32.48
N ALA B 159 2.03 3.96 -31.93
CA ALA B 159 0.84 4.05 -32.77
C ALA B 159 -0.42 4.44 -32.01
N LYS B 160 -1.40 4.91 -32.75
CA LYS B 160 -2.61 5.51 -32.20
C LYS B 160 -3.86 4.80 -32.67
N PRO B 161 -4.85 4.64 -31.78
CA PRO B 161 -6.13 4.06 -32.17
C PRO B 161 -6.99 5.13 -32.84
N LYS B 162 -8.10 4.71 -33.45
CA LYS B 162 -9.05 5.65 -34.06
C LYS B 162 -10.44 5.12 -33.75
N ILE B 163 -11.45 5.99 -33.79
CA ILE B 163 -12.79 5.62 -33.41
C ILE B 163 -13.81 6.43 -34.18
N ASP B 164 -15.02 5.92 -34.22
CA ASP B 164 -16.15 6.71 -34.66
C ASP B 164 -17.40 6.06 -34.07
N LYS B 165 -18.37 6.89 -33.68
CA LYS B 165 -19.69 6.42 -33.32
C LYS B 165 -20.69 7.00 -34.29
N ASP B 166 -21.67 6.19 -34.71
CA ASP B 166 -22.73 6.69 -35.57
C ASP B 166 -23.96 5.79 -35.50
N PHE B 167 -24.92 6.07 -36.38
CA PHE B 167 -26.08 5.20 -36.59
C PHE B 167 -25.60 3.92 -37.22
N LYS B 168 -26.35 2.85 -37.01
CA LYS B 168 -25.99 1.57 -37.57
C LYS B 168 -25.67 1.74 -39.05
N GLY B 169 -24.44 1.40 -39.42
CA GLY B 169 -24.05 1.37 -40.82
C GLY B 169 -23.38 2.62 -41.35
N LYS B 170 -23.26 3.65 -40.50
CA LYS B 170 -22.62 4.91 -40.90
C LYS B 170 -21.22 5.11 -40.29
N ALA B 171 -20.95 4.48 -39.15
CA ALA B 171 -19.70 4.72 -38.41
C ALA B 171 -18.46 4.43 -39.25
N ASN B 172 -17.48 5.32 -39.18
CA ASN B 172 -16.25 5.13 -39.94
C ASN B 172 -15.10 5.95 -39.36
N PRO B 173 -14.17 5.27 -38.68
CA PRO B 173 -13.03 5.88 -37.96
C PRO B 173 -12.12 6.70 -38.86
N ASP B 174 -12.15 6.44 -40.15
CA ASP B 174 -11.23 7.12 -41.05
C ASP B 174 -11.77 8.47 -41.53
N THR B 175 -13.09 8.57 -41.64
CA THR B 175 -13.74 9.83 -42.03
C THR B 175 -15.11 9.94 -41.38
N PRO B 176 -15.16 10.51 -40.17
CA PRO B 176 -16.44 10.66 -39.48
C PRO B 176 -17.40 11.44 -40.36
N ARG B 177 -18.69 11.14 -40.22
CA ARG B 177 -19.71 11.85 -40.99
C ARG B 177 -19.66 13.36 -40.68
N VAL B 178 -19.60 14.15 -41.75
CA VAL B 178 -19.34 15.59 -41.65
C VAL B 178 -20.55 16.36 -41.14
N ASP B 179 -21.73 15.77 -41.32
CA ASP B 179 -22.96 16.38 -40.85
C ASP B 179 -23.63 15.55 -39.74
N LYS B 180 -22.84 15.07 -38.79
CA LYS B 180 -23.40 14.33 -37.65
C LYS B 180 -24.33 15.16 -36.78
N ASP B 181 -24.02 16.44 -36.63
CA ASP B 181 -24.73 17.33 -35.70
C ASP B 181 -26.20 17.60 -36.07
N THR B 182 -26.55 17.31 -37.32
CA THR B 182 -27.88 17.62 -37.83
C THR B 182 -28.90 16.55 -37.48
N PRO B 183 -29.83 16.89 -36.57
CA PRO B 183 -30.83 15.98 -36.05
C PRO B 183 -31.60 15.25 -37.16
N VAL B 184 -31.82 13.95 -36.97
CA VAL B 184 -32.65 13.17 -37.86
C VAL B 184 -34.02 13.04 -37.22
N ASN B 185 -35.08 13.22 -38.01
CA ASN B 185 -36.43 13.21 -37.45
C ASN B 185 -36.92 11.79 -37.19
N HIS B 186 -37.19 11.47 -35.92
CA HIS B 186 -37.77 10.19 -35.52
C HIS B 186 -39.07 10.43 -34.76
N GLN B 187 -39.80 9.36 -34.45
CA GLN B 187 -40.99 9.51 -33.64
C GLN B 187 -40.81 8.77 -32.31
N VAL B 188 -41.58 9.15 -31.31
CA VAL B 188 -41.50 8.46 -30.02
C VAL B 188 -41.84 6.99 -30.25
N GLY B 189 -40.98 6.12 -29.71
CA GLY B 189 -41.18 4.69 -29.84
C GLY B 189 -40.22 4.06 -30.84
N ASP B 190 -39.49 4.89 -31.56
CA ASP B 190 -38.54 4.40 -32.54
C ASP B 190 -37.31 3.79 -31.90
N VAL B 191 -36.90 2.64 -32.43
CA VAL B 191 -35.73 1.97 -31.92
C VAL B 191 -34.49 2.38 -32.70
N VAL B 192 -33.70 3.25 -32.07
CA VAL B 192 -32.54 3.86 -32.69
C VAL B 192 -31.32 2.95 -32.47
N GLU B 193 -30.69 2.54 -33.56
CA GLU B 193 -29.61 1.57 -33.51
C GLU B 193 -28.25 2.22 -33.74
N TYR B 194 -27.31 1.96 -32.83
CA TYR B 194 -26.00 2.61 -32.82
C TYR B 194 -24.82 1.72 -33.17
N GLU B 195 -23.67 2.36 -33.37
CA GLU B 195 -22.50 1.68 -33.89
C GLU B 195 -21.24 2.40 -33.48
N ILE B 196 -20.45 1.76 -32.63
CA ILE B 196 -19.11 2.27 -32.32
C ILE B 196 -18.12 1.39 -33.06
N VAL B 197 -17.22 2.01 -33.84
CA VAL B 197 -16.15 1.25 -34.47
C VAL B 197 -14.79 1.78 -34.03
N THR B 198 -13.98 0.88 -33.47
CA THR B 198 -12.69 1.25 -32.92
C THR B 198 -11.59 0.44 -33.58
N LYS B 199 -10.56 1.12 -34.09
CA LYS B 199 -9.43 0.43 -34.71
C LYS B 199 -8.26 0.41 -33.75
N ILE B 200 -7.97 -0.74 -33.17
CA ILE B 200 -6.81 -0.88 -32.28
C ILE B 200 -5.59 -1.26 -33.10
N PRO B 201 -4.50 -0.50 -32.96
CA PRO B 201 -3.36 -0.74 -33.84
C PRO B 201 -2.69 -2.11 -33.68
N ALA B 202 -1.71 -2.40 -34.51
CA ALA B 202 -0.86 -3.58 -34.35
C ALA B 202 0.05 -3.52 -33.10
N LEU B 203 0.32 -4.68 -32.50
CA LEU B 203 1.25 -4.82 -31.37
C LEU B 203 0.94 -3.90 -30.17
N ALA B 204 -0.33 -3.60 -29.97
CA ALA B 204 -0.79 -2.81 -28.84
C ALA B 204 -0.36 -3.44 -27.51
N ASN B 205 -0.29 -2.63 -26.46
CA ASN B 205 0.05 -3.16 -25.14
C ASN B 205 -0.89 -2.65 -24.07
N TYR B 206 -2.18 -2.59 -24.39
CA TYR B 206 -3.12 -1.93 -23.49
C TYR B 206 -3.32 -2.64 -22.16
N ALA B 207 -3.38 -1.85 -21.09
CA ALA B 207 -3.76 -2.32 -19.77
C ALA B 207 -5.26 -2.12 -19.56
N THR B 208 -5.83 -1.20 -20.35
CA THR B 208 -7.24 -0.81 -20.27
C THR B 208 -7.71 -0.42 -21.63
N ALA B 209 -8.90 -0.88 -21.98
CA ALA B 209 -9.57 -0.51 -23.20
C ALA B 209 -11.04 -0.47 -22.85
N ASN B 210 -11.50 0.72 -22.50
CA ASN B 210 -12.83 0.90 -21.93
C ASN B 210 -13.75 1.79 -22.74
N TRP B 211 -15.01 1.40 -22.85
CA TRP B 211 -15.97 2.21 -23.58
C TRP B 211 -17.10 2.61 -22.65
N SER B 212 -17.60 3.80 -22.87
CA SER B 212 -18.43 4.46 -21.89
C SER B 212 -19.39 5.37 -22.64
N ASP B 213 -20.68 5.14 -22.48
CA ASP B 213 -21.72 5.91 -23.16
C ASP B 213 -22.82 6.36 -22.20
N ARG B 214 -23.32 7.57 -22.41
CA ARG B 214 -24.36 8.10 -21.55
C ARG B 214 -25.28 8.91 -22.43
N MSE B 215 -26.57 8.78 -22.21
CA MSE B 215 -27.52 9.46 -23.06
C MSE B 215 -28.37 10.47 -22.32
O MSE B 215 -28.55 10.38 -21.11
CB MSE B 215 -28.39 8.45 -23.78
CG MSE B 215 -27.58 7.38 -24.43
SE MSE B 215 -28.65 5.93 -25.11
CE MSE B 215 -27.21 4.84 -25.84
N THR B 216 -28.89 11.44 -23.07
CA THR B 216 -29.88 12.37 -22.57
C THR B 216 -31.16 11.61 -22.30
N GLU B 217 -31.95 12.10 -21.34
CA GLU B 217 -33.16 11.41 -20.88
C GLU B 217 -34.18 10.99 -21.95
N GLY B 218 -34.15 11.61 -23.12
CA GLY B 218 -35.14 11.33 -24.17
C GLY B 218 -34.93 9.99 -24.84
N LEU B 219 -33.72 9.47 -24.71
CA LEU B 219 -33.35 8.14 -25.21
C LEU B 219 -33.21 7.15 -24.05
N ALA B 220 -33.84 5.99 -24.17
CA ALA B 220 -33.76 4.93 -23.16
C ALA B 220 -32.89 3.80 -23.69
N PHE B 221 -31.68 3.68 -23.14
CA PHE B 221 -30.78 2.59 -23.53
C PHE B 221 -31.50 1.25 -23.39
N ASN B 222 -31.47 0.44 -24.45
CA ASN B 222 -32.15 -0.85 -24.40
C ASN B 222 -31.29 -1.97 -23.82
N LYS B 223 -31.38 -2.15 -22.51
CA LYS B 223 -30.60 -3.18 -21.83
C LYS B 223 -30.67 -4.53 -22.51
N GLY B 224 -29.52 -5.18 -22.66
CA GLY B 224 -29.44 -6.48 -23.31
C GLY B 224 -29.04 -6.42 -24.78
N THR B 225 -29.03 -5.22 -25.37
CA THR B 225 -28.78 -5.11 -26.82
C THR B 225 -27.31 -4.96 -27.18
N VAL B 226 -26.43 -4.96 -26.18
CA VAL B 226 -25.01 -4.76 -26.47
C VAL B 226 -24.35 -6.02 -27.01
N LYS B 227 -23.79 -5.92 -28.22
CA LYS B 227 -22.95 -6.98 -28.74
C LYS B 227 -21.59 -6.42 -29.14
N VAL B 228 -20.53 -7.11 -28.73
CA VAL B 228 -19.16 -6.71 -29.07
C VAL B 228 -18.43 -7.78 -29.85
N THR B 229 -17.83 -7.40 -30.97
CA THR B 229 -16.98 -8.29 -31.77
C THR B 229 -15.60 -7.72 -32.01
N VAL B 230 -14.63 -8.60 -32.18
CA VAL B 230 -13.28 -8.19 -32.54
C VAL B 230 -12.89 -8.88 -33.84
N ASP B 231 -12.80 -8.10 -34.92
CA ASP B 231 -12.61 -8.64 -36.27
C ASP B 231 -13.79 -9.52 -36.69
N ASP B 232 -14.99 -9.08 -36.38
CA ASP B 232 -16.23 -9.79 -36.73
C ASP B 232 -16.50 -11.05 -35.90
N VAL B 233 -15.56 -11.43 -35.05
CA VAL B 233 -15.73 -12.59 -34.16
C VAL B 233 -16.18 -12.13 -32.78
N ALA B 234 -17.36 -12.55 -32.36
CA ALA B 234 -17.89 -12.13 -31.06
C ALA B 234 -17.03 -12.59 -29.89
N LEU B 235 -16.68 -11.66 -29.01
CA LEU B 235 -16.01 -12.01 -27.76
C LEU B 235 -16.86 -12.95 -26.91
N GLU B 236 -16.21 -13.66 -25.98
CA GLU B 236 -16.93 -14.48 -25.00
C GLU B 236 -17.35 -13.61 -23.83
N ALA B 237 -18.19 -14.14 -22.95
CA ALA B 237 -18.65 -13.41 -21.78
C ALA B 237 -17.50 -12.94 -20.86
N GLY B 238 -16.48 -13.77 -20.71
CA GLY B 238 -15.36 -13.51 -19.81
C GLY B 238 -14.35 -12.54 -20.38
N ASP B 239 -14.59 -12.11 -21.61
CA ASP B 239 -13.71 -11.17 -22.28
C ASP B 239 -13.91 -9.75 -21.77
N TYR B 240 -15.11 -9.45 -21.28
CA TYR B 240 -15.44 -8.09 -20.90
C TYR B 240 -16.41 -7.99 -19.74
N ALA B 241 -16.29 -6.93 -18.94
CA ALA B 241 -17.26 -6.60 -17.91
C ALA B 241 -18.14 -5.44 -18.37
N LEU B 242 -19.39 -5.74 -18.74
CA LEU B 242 -20.35 -4.70 -19.10
C LEU B 242 -21.17 -4.34 -17.88
N THR B 243 -21.39 -3.04 -17.68
CA THR B 243 -22.29 -2.58 -16.63
C THR B 243 -23.36 -1.68 -17.25
N GLU B 244 -24.61 -1.92 -16.89
CA GLU B 244 -25.74 -1.24 -17.51
C GLU B 244 -26.48 -0.40 -16.49
N VAL B 245 -26.69 0.86 -16.82
CA VAL B 245 -27.41 1.76 -15.92
C VAL B 245 -28.55 2.35 -16.72
N ALA B 246 -29.36 3.16 -16.05
CA ALA B 246 -30.53 3.76 -16.70
C ALA B 246 -30.13 4.68 -17.87
N THR B 247 -29.00 5.35 -17.75
CA THR B 247 -28.59 6.33 -18.77
C THR B 247 -27.66 5.79 -19.88
N GLY B 248 -27.14 4.58 -19.72
CA GLY B 248 -26.20 4.00 -20.70
C GLY B 248 -25.42 2.81 -20.17
N PHE B 249 -24.16 2.67 -20.58
CA PHE B 249 -23.34 1.54 -20.15
C PHE B 249 -21.85 1.86 -20.14
N ASP B 250 -21.07 0.99 -19.48
CA ASP B 250 -19.61 0.96 -19.62
C ASP B 250 -19.22 -0.46 -20.00
N LEU B 251 -18.34 -0.61 -20.99
CA LEU B 251 -17.88 -1.92 -21.46
C LEU B 251 -16.36 -1.98 -21.34
N LYS B 252 -15.85 -2.85 -20.47
CA LYS B 252 -14.43 -2.85 -20.12
C LYS B 252 -13.72 -4.17 -20.42
N LEU B 253 -12.67 -4.10 -21.25
CA LEU B 253 -11.94 -5.30 -21.62
C LEU B 253 -11.24 -5.87 -20.42
N THR B 254 -11.36 -7.18 -20.25
CA THR B 254 -10.67 -7.89 -19.18
C THR B 254 -9.37 -8.43 -19.76
N ASP B 255 -8.41 -8.77 -18.92
CA ASP B 255 -7.19 -9.40 -19.43
C ASP B 255 -7.46 -10.34 -20.62
N ALA B 256 -8.43 -11.24 -20.48
CA ALA B 256 -8.75 -12.16 -21.56
C ALA B 256 -9.15 -11.44 -22.85
N GLY B 257 -9.95 -10.39 -22.74
CA GLY B 257 -10.37 -9.62 -23.91
C GLY B 257 -9.25 -8.78 -24.47
N LEU B 258 -8.39 -8.28 -23.58
CA LEU B 258 -7.21 -7.52 -23.97
C LEU B 258 -6.23 -8.33 -24.80
N ALA B 259 -5.97 -9.56 -24.41
CA ALA B 259 -5.12 -10.45 -25.22
C ALA B 259 -5.57 -10.50 -26.68
N LYS B 260 -6.88 -10.39 -26.90
CA LYS B 260 -7.45 -10.51 -28.25
C LYS B 260 -7.34 -9.23 -29.06
N VAL B 261 -6.89 -8.14 -28.44
CA VAL B 261 -6.64 -6.88 -29.18
C VAL B 261 -5.18 -6.51 -29.06
N ASN B 262 -4.54 -6.98 -27.98
CA ASN B 262 -3.13 -6.71 -27.72
C ASN B 262 -2.16 -7.56 -28.54
N ASP B 263 -0.98 -7.02 -28.81
CA ASP B 263 0.09 -7.76 -29.51
C ASP B 263 -0.37 -8.55 -30.75
N GLN B 264 -1.16 -7.92 -31.61
CA GLN B 264 -1.64 -8.54 -32.83
C GLN B 264 -0.81 -8.08 -34.01
N ASN B 265 -0.48 -9.01 -34.90
CA ASN B 265 0.39 -8.69 -36.03
C ASN B 265 -0.24 -7.73 -37.05
N ALA B 266 -1.51 -7.39 -36.84
CA ALA B 266 -2.20 -6.41 -37.69
C ALA B 266 -3.33 -5.66 -36.98
N GLU B 267 -3.69 -4.50 -37.52
CA GLU B 267 -4.78 -3.70 -37.01
C GLU B 267 -5.99 -4.55 -36.66
N LYS B 268 -6.60 -4.28 -35.51
CA LYS B 268 -7.78 -5.02 -35.09
C LYS B 268 -8.99 -4.11 -35.05
N THR B 269 -10.13 -4.63 -35.48
CA THR B 269 -11.33 -3.83 -35.51
C THR B 269 -12.26 -4.30 -34.41
N VAL B 270 -12.59 -3.39 -33.50
CA VAL B 270 -13.63 -3.68 -32.52
C VAL B 270 -14.90 -2.97 -32.95
N LYS B 271 -16.02 -3.63 -32.74
CA LYS B 271 -17.31 -3.08 -33.12
C LYS B 271 -18.32 -3.37 -32.02
N ILE B 272 -18.95 -2.31 -31.52
CA ILE B 272 -19.93 -2.41 -30.45
C ILE B 272 -21.25 -1.87 -30.95
N THR B 273 -22.28 -2.72 -30.99
CA THR B 273 -23.61 -2.32 -31.41
C THR B 273 -24.59 -2.40 -30.22
N TYR B 274 -25.60 -1.55 -30.25
CA TYR B 274 -26.65 -1.58 -29.26
C TYR B 274 -27.72 -0.63 -29.77
N SER B 275 -28.71 -0.35 -28.93
CA SER B 275 -29.85 0.44 -29.34
C SER B 275 -30.50 1.20 -28.19
N ALA B 276 -31.18 2.28 -28.56
CA ALA B 276 -31.94 3.08 -27.63
C ALA B 276 -33.35 3.31 -28.14
N THR B 277 -34.29 3.50 -27.23
CA THR B 277 -35.67 3.79 -27.60
C THR B 277 -35.99 5.25 -27.30
N LEU B 278 -36.45 5.98 -28.31
CA LEU B 278 -36.79 7.39 -28.12
C LEU B 278 -38.08 7.42 -27.32
N ASN B 279 -38.02 7.98 -26.12
CA ASN B 279 -39.16 7.85 -25.19
C ASN B 279 -40.11 9.03 -25.11
N ASP B 280 -41.03 8.93 -24.16
CA ASP B 280 -42.07 9.90 -24.00
C ASP B 280 -41.59 11.20 -23.37
N LYS B 281 -40.32 11.24 -22.95
CA LYS B 281 -39.74 12.43 -22.32
C LYS B 281 -39.12 13.36 -23.33
N ALA B 282 -39.03 12.92 -24.58
CA ALA B 282 -38.41 13.72 -25.63
C ALA B 282 -39.26 14.93 -25.99
N ILE B 283 -38.64 16.09 -25.93
CA ILE B 283 -39.33 17.35 -26.19
C ILE B 283 -39.28 17.70 -27.68
N VAL B 284 -40.42 18.12 -28.22
CA VAL B 284 -40.45 18.44 -29.65
C VAL B 284 -39.40 19.47 -30.01
N GLU B 285 -38.65 19.20 -31.07
CA GLU B 285 -37.66 20.15 -31.60
C GLU B 285 -36.34 20.22 -30.79
N VAL B 286 -36.31 19.68 -29.59
CA VAL B 286 -35.05 19.56 -28.87
C VAL B 286 -34.44 18.15 -29.08
N PRO B 287 -33.26 18.08 -29.70
CA PRO B 287 -32.75 16.76 -30.05
C PRO B 287 -32.25 15.97 -28.85
N GLU B 288 -32.18 14.65 -29.00
CA GLU B 288 -31.65 13.77 -27.96
C GLU B 288 -30.35 13.18 -28.51
N SER B 289 -29.47 12.72 -27.64
CA SER B 289 -28.18 12.27 -28.12
C SER B 289 -27.45 11.30 -27.20
N ASN B 290 -26.66 10.42 -27.78
CA ASN B 290 -25.75 9.61 -26.98
C ASN B 290 -24.37 10.28 -26.92
N ASP B 291 -23.46 9.68 -26.16
CA ASP B 291 -22.11 10.23 -26.02
C ASP B 291 -21.11 9.20 -25.54
N VAL B 292 -20.25 8.74 -26.44
CA VAL B 292 -19.22 7.76 -26.12
C VAL B 292 -17.83 8.36 -26.01
N THR B 293 -17.04 7.77 -25.14
CA THR B 293 -15.64 8.05 -25.02
C THR B 293 -14.95 6.70 -24.89
N PHE B 294 -13.74 6.63 -25.42
CA PHE B 294 -12.93 5.43 -25.33
C PHE B 294 -11.70 5.75 -24.51
N ASN B 295 -11.57 5.08 -23.36
CA ASN B 295 -10.47 5.30 -22.45
C ASN B 295 -9.48 4.11 -22.44
N TYR B 296 -8.25 4.37 -22.84
CA TYR B 296 -7.22 3.33 -23.00
C TYR B 296 -5.85 3.81 -22.54
N GLY B 297 -4.84 3.01 -22.83
CA GLY B 297 -3.49 3.34 -22.45
C GLY B 297 -2.67 2.15 -22.03
N ASN B 298 -1.35 2.32 -22.03
CA ASN B 298 -0.46 1.25 -21.64
C ASN B 298 -0.52 1.07 -20.11
N ASN B 299 -1.09 2.06 -19.44
CA ASN B 299 -1.30 2.03 -17.98
C ASN B 299 -2.79 1.81 -17.66
N PRO B 300 -3.09 1.35 -16.42
CA PRO B 300 -4.52 1.26 -16.07
C PRO B 300 -5.18 2.63 -16.14
N ASP B 301 -6.33 2.71 -16.80
CA ASP B 301 -7.04 3.98 -16.94
C ASP B 301 -8.39 4.09 -16.23
N HIS B 302 -8.61 5.24 -15.59
CA HIS B 302 -9.81 5.46 -14.79
C HIS B 302 -10.77 6.45 -15.41
N GLY B 303 -10.48 6.86 -16.65
CA GLY B 303 -11.29 7.84 -17.35
C GLY B 303 -12.60 7.26 -17.83
N ASN B 304 -13.60 8.14 -18.01
CA ASN B 304 -14.88 7.70 -18.53
C ASN B 304 -15.63 8.79 -19.29
N THR B 305 -16.81 8.47 -19.81
CA THR B 305 -17.57 9.42 -20.59
C THR B 305 -18.30 10.38 -19.63
N PRO B 306 -18.49 11.64 -20.06
CA PRO B 306 -19.18 12.58 -19.18
C PRO B 306 -20.66 12.25 -18.96
N LYS B 307 -21.19 12.66 -17.81
CA LYS B 307 -22.60 12.48 -17.50
C LYS B 307 -23.29 13.82 -17.59
N PRO B 308 -24.29 13.93 -18.48
CA PRO B 308 -25.04 15.18 -18.62
C PRO B 308 -25.88 15.44 -17.39
N ASN B 309 -26.08 16.71 -17.06
CA ASN B 309 -26.98 17.07 -15.96
C ASN B 309 -27.73 18.35 -16.31
N LYS B 310 -28.96 18.49 -15.84
CA LYS B 310 -29.68 19.74 -15.99
C LYS B 310 -29.16 20.68 -14.90
N PRO B 311 -29.37 21.99 -15.07
CA PRO B 311 -29.10 22.94 -14.00
C PRO B 311 -30.18 22.79 -12.92
N ASN B 312 -30.07 23.53 -11.83
CA ASN B 312 -31.10 23.48 -10.79
C ASN B 312 -32.26 24.44 -11.10
N GLU B 313 -33.20 24.55 -10.16
CA GLU B 313 -34.40 25.35 -10.38
C GLU B 313 -34.11 26.82 -10.71
N ASN B 314 -32.95 27.33 -10.31
CA ASN B 314 -32.59 28.75 -10.51
C ASN B 314 -31.74 29.05 -11.75
N GLY B 315 -31.31 28.02 -12.46
CA GLY B 315 -30.49 28.18 -13.66
C GLY B 315 -29.01 27.90 -13.41
N ASP B 316 -28.68 27.58 -12.17
CA ASP B 316 -27.31 27.31 -11.77
C ASP B 316 -26.85 25.86 -12.03
N LEU B 317 -25.61 25.72 -12.48
CA LEU B 317 -24.96 24.41 -12.70
C LEU B 317 -23.49 24.52 -12.28
N THR B 318 -23.05 23.63 -11.39
CA THR B 318 -21.78 23.80 -10.70
C THR B 318 -20.83 22.63 -10.89
N LEU B 319 -19.56 22.93 -11.13
CA LEU B 319 -18.52 21.92 -11.37
C LEU B 319 -17.60 21.78 -10.17
N THR B 320 -17.43 20.56 -9.67
CA THR B 320 -16.48 20.29 -8.59
C THR B 320 -15.40 19.29 -9.05
N LYS B 321 -14.14 19.70 -8.96
CA LYS B 321 -13.04 18.83 -9.37
C LYS B 321 -12.13 18.42 -8.20
N THR B 322 -11.94 17.11 -8.05
CA THR B 322 -10.95 16.57 -7.11
C THR B 322 -9.83 15.88 -7.88
N TRP B 323 -8.74 15.59 -7.19
CA TRP B 323 -7.61 14.97 -7.85
C TRP B 323 -7.10 13.80 -7.02
N VAL B 324 -6.71 12.73 -7.71
CA VAL B 324 -6.14 11.56 -7.04
C VAL B 324 -4.92 11.04 -7.80
N ASP B 325 -4.22 10.07 -7.23
CA ASP B 325 -3.11 9.46 -7.95
C ASP B 325 -3.57 8.13 -8.55
N ALA B 326 -2.65 7.42 -9.20
CA ALA B 326 -2.96 6.14 -9.82
C ALA B 326 -3.70 5.19 -8.87
N THR B 327 -3.43 5.31 -7.57
CA THR B 327 -4.01 4.40 -6.57
C THR B 327 -5.34 4.91 -6.03
N GLY B 328 -5.63 6.19 -6.27
CA GLY B 328 -6.86 6.79 -5.74
C GLY B 328 -6.63 7.67 -4.53
N ALA B 329 -5.37 7.87 -4.18
CA ALA B 329 -5.04 8.67 -3.00
C ALA B 329 -5.10 10.18 -3.32
N PRO B 330 -5.87 10.93 -2.54
CA PRO B 330 -6.01 12.37 -2.73
C PRO B 330 -4.64 13.04 -2.95
N ILE B 331 -4.58 14.00 -3.88
CA ILE B 331 -3.36 14.79 -4.09
C ILE B 331 -3.69 16.23 -4.45
N PRO B 332 -2.71 17.12 -4.36
CA PRO B 332 -2.92 18.54 -4.71
C PRO B 332 -3.29 18.73 -6.19
N ALA B 333 -4.00 19.81 -6.48
CA ALA B 333 -4.42 20.08 -7.85
C ALA B 333 -3.19 20.06 -8.76
N GLY B 334 -3.27 19.28 -9.84
CA GLY B 334 -2.08 18.96 -10.62
C GLY B 334 -1.75 20.01 -11.65
N ALA B 335 -2.77 20.74 -12.09
CA ALA B 335 -2.61 21.74 -13.14
C ALA B 335 -3.93 22.43 -13.45
N GLU B 336 -3.84 23.53 -14.19
CA GLU B 336 -5.02 24.25 -14.63
C GLU B 336 -5.85 23.36 -15.53
N ALA B 337 -7.10 23.15 -15.16
CA ALA B 337 -8.04 22.37 -15.97
C ALA B 337 -9.01 23.30 -16.65
N THR B 338 -9.19 23.05 -17.94
CA THR B 338 -10.16 23.81 -18.71
C THR B 338 -11.28 22.87 -19.15
N PHE B 339 -12.51 23.36 -19.09
CA PHE B 339 -13.69 22.56 -19.44
C PHE B 339 -14.53 23.34 -20.39
N ASP B 340 -15.12 22.62 -21.34
CA ASP B 340 -16.16 23.20 -22.14
C ASP B 340 -17.47 22.73 -21.56
N LEU B 341 -18.42 23.65 -21.46
CA LEU B 341 -19.77 23.29 -21.06
C LEU B 341 -20.46 23.14 -22.38
N VAL B 342 -21.11 21.98 -22.57
CA VAL B 342 -21.68 21.64 -23.86
C VAL B 342 -23.16 21.34 -23.69
N ASN B 343 -23.97 21.85 -24.59
CA ASN B 343 -25.36 21.54 -24.61
C ASN B 343 -25.42 20.08 -25.08
N ALA B 344 -25.81 19.20 -24.16
CA ALA B 344 -25.75 17.79 -24.38
C ALA B 344 -26.80 17.37 -25.40
N GLN B 345 -27.85 18.18 -25.55
CA GLN B 345 -28.89 17.89 -26.54
C GLN B 345 -28.40 18.15 -27.97
N THR B 346 -27.79 19.30 -28.18
CA THR B 346 -27.39 19.74 -29.52
C THR B 346 -25.90 19.49 -29.76
N GLY B 347 -25.16 19.28 -28.69
CA GLY B 347 -23.73 18.99 -28.78
C GLY B 347 -22.86 20.19 -29.14
N LYS B 348 -23.41 21.39 -29.02
CA LYS B 348 -22.67 22.60 -29.32
C LYS B 348 -22.18 23.33 -28.06
N VAL B 349 -20.92 23.78 -28.10
CA VAL B 349 -20.29 24.43 -26.96
C VAL B 349 -21.05 25.70 -26.58
N VAL B 350 -21.35 25.84 -25.29
CA VAL B 350 -22.12 26.96 -24.83
C VAL B 350 -21.19 27.98 -24.21
N GLN B 351 -20.01 27.54 -23.80
CA GLN B 351 -19.11 28.38 -23.06
C GLN B 351 -17.97 27.58 -22.47
N THR B 352 -16.87 28.26 -22.16
CA THR B 352 -15.66 27.65 -21.64
C THR B 352 -15.35 28.19 -20.24
N VAL B 353 -14.89 27.33 -19.33
CA VAL B 353 -14.47 27.79 -18.02
C VAL B 353 -13.12 27.20 -17.68
N THR B 354 -12.41 27.83 -16.76
CA THR B 354 -11.13 27.33 -16.28
C THR B 354 -11.06 27.31 -14.76
N LEU B 355 -10.61 26.19 -14.23
CA LEU B 355 -10.37 26.02 -12.81
C LEU B 355 -8.87 26.07 -12.57
N THR B 356 -8.41 27.14 -11.96
CA THR B 356 -7.00 27.20 -11.63
C THR B 356 -6.68 26.31 -10.45
N THR B 357 -5.39 26.16 -10.16
CA THR B 357 -4.91 25.22 -9.15
C THR B 357 -5.44 25.43 -7.73
N ASP B 358 -6.11 26.53 -7.48
CA ASP B 358 -6.50 26.84 -6.10
C ASP B 358 -8.01 26.82 -5.87
N LYS B 359 -8.78 26.91 -6.95
CA LYS B 359 -10.21 27.06 -6.87
C LYS B 359 -10.90 25.90 -7.59
N ASN B 360 -11.37 24.93 -6.81
CA ASN B 360 -11.78 23.62 -7.33
C ASN B 360 -13.23 23.46 -7.78
N THR B 361 -13.97 24.56 -7.82
CA THR B 361 -15.35 24.58 -8.27
C THR B 361 -15.57 25.81 -9.12
N VAL B 362 -16.58 25.72 -9.97
CA VAL B 362 -17.05 26.87 -10.71
C VAL B 362 -18.55 26.71 -10.86
N THR B 363 -19.27 27.83 -10.89
CA THR B 363 -20.71 27.81 -11.05
C THR B 363 -21.06 28.70 -12.23
N VAL B 364 -21.86 28.14 -13.15
CA VAL B 364 -22.33 28.88 -14.32
C VAL B 364 -23.83 29.16 -14.15
N ASN B 365 -24.25 30.36 -14.55
CA ASN B 365 -25.63 30.81 -14.35
C ASN B 365 -26.33 31.04 -15.68
N GLY B 366 -27.63 31.31 -15.62
CA GLY B 366 -28.38 31.67 -16.81
C GLY B 366 -28.49 30.53 -17.81
N LEU B 367 -28.53 29.31 -17.31
CA LEU B 367 -28.72 28.15 -18.17
C LEU B 367 -30.18 27.72 -18.10
N ASP B 368 -30.65 27.02 -19.13
CA ASP B 368 -32.04 26.57 -19.22
C ASP B 368 -32.24 25.40 -18.27
N LYS B 369 -33.26 25.48 -17.41
CA LYS B 369 -33.49 24.42 -16.42
C LYS B 369 -33.89 23.09 -17.06
N ASN B 370 -34.56 23.14 -18.21
CA ASN B 370 -35.02 21.93 -18.90
C ASN B 370 -34.03 21.43 -19.95
N THR B 371 -32.78 21.85 -19.83
CA THR B 371 -31.76 21.49 -20.79
C THR B 371 -30.68 20.70 -20.07
N GLU B 372 -30.22 19.62 -20.68
CA GLU B 372 -29.12 18.83 -20.11
C GLU B 372 -27.80 19.34 -20.68
N TYR B 373 -26.83 19.53 -19.80
CA TYR B 373 -25.52 20.01 -20.19
C TYR B 373 -24.50 19.01 -19.70
N LYS B 374 -23.26 19.23 -20.11
CA LYS B 374 -22.13 18.48 -19.56
C LYS B 374 -20.88 19.37 -19.59
N PHE B 375 -19.98 19.13 -18.65
CA PHE B 375 -18.65 19.72 -18.73
C PHE B 375 -17.69 18.70 -19.37
N VAL B 376 -17.10 19.08 -20.49
CA VAL B 376 -16.13 18.23 -21.17
C VAL B 376 -14.73 18.78 -20.91
N GLU B 377 -14.02 18.08 -20.05
CA GLU B 377 -12.64 18.41 -19.75
C GLU B 377 -11.68 18.28 -20.95
N ARG B 378 -10.94 19.37 -21.22
CA ARG B 378 -9.85 19.31 -22.19
C ARG B 378 -8.68 18.54 -21.61
N SER B 379 -8.03 17.74 -22.44
CA SER B 379 -7.00 16.81 -21.97
C SER B 379 -5.90 17.46 -21.13
N ILE B 380 -5.71 16.97 -19.91
CA ILE B 380 -4.62 17.47 -19.09
C ILE B 380 -3.54 16.45 -19.19
N LYS B 381 -2.31 16.91 -19.36
CA LYS B 381 -1.21 15.96 -19.54
C LYS B 381 -1.00 15.09 -18.31
N GLY B 382 -1.19 13.79 -18.48
CA GLY B 382 -0.95 12.79 -17.44
C GLY B 382 -2.15 12.47 -16.56
N TYR B 383 -3.29 13.08 -16.86
CA TYR B 383 -4.48 12.89 -16.03
C TYR B 383 -5.67 12.41 -16.83
N SER B 384 -6.48 11.56 -16.23
CA SER B 384 -7.69 11.05 -16.87
C SER B 384 -8.92 11.53 -16.12
N ALA B 385 -9.96 11.90 -16.85
CA ALA B 385 -11.21 12.41 -16.26
C ALA B 385 -12.22 11.32 -15.89
N ASP B 386 -12.54 11.23 -14.60
CA ASP B 386 -13.53 10.29 -14.09
C ASP B 386 -14.79 11.04 -13.70
N TYR B 387 -15.78 11.06 -14.61
CA TYR B 387 -16.98 11.83 -14.38
C TYR B 387 -17.95 11.04 -13.51
N GLN B 388 -18.33 11.66 -12.40
CA GLN B 388 -19.09 11.02 -11.34
C GLN B 388 -20.54 10.87 -11.69
N GLU B 389 -21.18 9.82 -11.17
CA GLU B 389 -22.61 9.63 -11.45
C GLU B 389 -23.38 10.77 -10.81
N ILE B 390 -24.48 11.17 -11.44
CA ILE B 390 -25.24 12.35 -11.04
C ILE B 390 -26.13 12.09 -9.82
N THR B 391 -26.00 12.94 -8.80
CA THR B 391 -26.85 12.80 -7.62
C THR B 391 -27.87 13.93 -7.50
N THR B 392 -27.59 15.08 -8.10
CA THR B 392 -28.47 16.22 -7.93
C THR B 392 -28.45 17.17 -9.12
N ALA B 393 -29.61 17.73 -9.45
CA ALA B 393 -29.70 18.82 -10.40
C ALA B 393 -28.80 19.95 -9.90
N GLY B 394 -28.01 20.54 -10.80
CA GLY B 394 -27.14 21.65 -10.46
C GLY B 394 -25.69 21.29 -10.16
N GLU B 395 -25.42 19.99 -10.03
CA GLU B 395 -24.12 19.55 -9.52
C GLU B 395 -23.44 18.54 -10.43
N ILE B 396 -22.24 18.86 -10.87
CA ILE B 396 -21.45 17.87 -11.62
C ILE B 396 -20.05 17.78 -11.03
N ALA B 397 -19.63 16.55 -10.73
CA ALA B 397 -18.33 16.29 -10.10
C ALA B 397 -17.41 15.50 -11.03
N VAL B 398 -16.14 15.89 -11.08
CA VAL B 398 -15.15 15.17 -11.87
C VAL B 398 -13.89 14.90 -11.08
N LYS B 399 -13.45 13.64 -11.10
CA LYS B 399 -12.24 13.23 -10.42
C LYS B 399 -11.13 13.02 -11.45
N ASN B 400 -10.01 13.71 -11.28
CA ASN B 400 -8.86 13.56 -12.19
C ASN B 400 -7.80 12.58 -11.67
N TRP B 401 -7.49 11.55 -12.47
CA TRP B 401 -6.56 10.51 -12.02
C TRP B 401 -5.19 10.64 -12.70
N LYS B 402 -4.12 10.55 -11.91
CA LYS B 402 -2.78 10.63 -12.46
C LYS B 402 -2.38 9.28 -13.01
N ASP B 403 -2.92 8.93 -14.18
CA ASP B 403 -2.74 7.63 -14.80
C ASP B 403 -1.58 7.63 -15.78
N GLU B 404 -1.19 8.81 -16.26
CA GLU B 404 -0.09 8.92 -17.18
C GLU B 404 -0.40 8.21 -18.51
N ASN B 405 -1.62 8.42 -19.01
CA ASN B 405 -2.05 7.79 -20.25
C ASN B 405 -2.26 8.87 -21.29
N PRO B 406 -2.44 8.50 -22.56
CA PRO B 406 -2.81 9.49 -23.55
C PRO B 406 -4.23 9.97 -23.34
N LYS B 407 -4.61 11.06 -23.99
CA LYS B 407 -5.98 11.55 -23.94
C LYS B 407 -6.98 10.53 -24.50
N PRO B 408 -8.21 10.58 -23.99
CA PRO B 408 -9.22 9.65 -24.49
C PRO B 408 -9.57 9.97 -25.94
N LEU B 409 -10.09 8.99 -26.67
CA LEU B 409 -10.70 9.28 -27.95
C LEU B 409 -12.16 9.61 -27.68
N ASP B 410 -12.65 10.68 -28.30
CA ASP B 410 -14.00 11.13 -28.04
C ASP B 410 -14.63 11.42 -29.37
N PRO B 411 -15.38 10.47 -29.91
CA PRO B 411 -15.98 10.76 -31.20
C PRO B 411 -17.18 11.68 -31.05
N THR B 412 -17.65 12.20 -32.17
CA THR B 412 -18.92 12.94 -32.22
C THR B 412 -20.09 11.98 -32.33
N GLU B 413 -21.28 12.53 -32.12
CA GLU B 413 -22.47 11.73 -31.99
C GLU B 413 -23.59 12.31 -32.81
N PRO B 414 -24.42 11.43 -33.39
CA PRO B 414 -25.55 11.84 -34.19
C PRO B 414 -26.71 12.32 -33.28
N LYS B 415 -27.79 12.78 -33.89
CA LYS B 415 -28.88 13.35 -33.09
C LYS B 415 -30.22 12.97 -33.65
N VAL B 416 -31.18 12.74 -32.76
CA VAL B 416 -32.53 12.47 -33.17
C VAL B 416 -33.44 13.55 -32.60
N VAL B 417 -34.61 13.73 -33.19
CA VAL B 417 -35.47 14.84 -32.80
C VAL B 417 -36.89 14.56 -33.31
N THR B 418 -37.88 14.99 -32.54
CA THR B 418 -39.29 14.79 -32.93
C THR B 418 -39.90 16.12 -33.32
N TYR B 419 -41.03 16.09 -34.03
CA TYR B 419 -41.71 17.31 -34.40
C TYR B 419 -43.13 17.22 -33.88
N GLY B 420 -43.88 18.30 -34.07
CA GLY B 420 -45.22 18.41 -33.49
C GLY B 420 -45.97 19.57 -34.10
N LYS B 421 -47.12 19.89 -33.54
CA LYS B 421 -47.96 20.92 -34.11
C LYS B 421 -48.98 21.42 -33.10
N LYS B 422 -49.20 22.73 -33.04
CA LYS B 422 -50.16 23.36 -32.10
C LYS B 422 -51.40 23.93 -32.77
N PHE B 423 -52.52 23.90 -32.07
CA PHE B 423 -53.75 24.39 -32.63
C PHE B 423 -54.49 25.24 -31.63
N VAL B 424 -55.41 26.03 -32.14
CA VAL B 424 -56.28 26.85 -31.32
C VAL B 424 -57.68 26.73 -31.89
N LYS B 425 -58.62 26.33 -31.05
CA LYS B 425 -60.00 26.24 -31.48
C LYS B 425 -60.75 27.56 -31.22
N VAL B 426 -61.28 28.13 -32.28
CA VAL B 426 -61.92 29.43 -32.21
C VAL B 426 -63.19 29.40 -33.03
N ASN B 427 -64.05 30.39 -32.82
CA ASN B 427 -65.21 30.60 -33.67
C ASN B 427 -64.81 31.62 -34.74
N ASP B 428 -65.77 32.16 -35.49
CA ASP B 428 -65.47 33.09 -36.58
C ASP B 428 -65.17 34.53 -36.12
N LYS B 429 -65.30 34.77 -34.81
CA LYS B 429 -64.94 36.03 -34.20
C LYS B 429 -63.70 35.83 -33.33
N ASP B 430 -62.90 34.82 -33.66
CA ASP B 430 -61.70 34.46 -32.89
C ASP B 430 -61.89 34.24 -31.38
N ASN B 431 -63.12 34.01 -30.93
CA ASN B 431 -63.33 33.60 -29.55
C ASN B 431 -62.82 32.17 -29.38
N ARG B 432 -62.28 31.85 -28.22
CA ARG B 432 -61.62 30.56 -28.00
C ARG B 432 -62.57 29.55 -27.35
N LEU B 433 -62.65 28.35 -27.93
CA LEU B 433 -63.66 27.37 -27.52
C LEU B 433 -63.11 26.15 -26.77
N ALA B 434 -63.74 25.85 -25.65
CA ALA B 434 -63.28 24.79 -24.77
C ALA B 434 -63.98 23.46 -25.05
N GLY B 435 -63.25 22.35 -24.92
CA GLY B 435 -63.86 21.02 -25.05
C GLY B 435 -64.14 20.49 -26.46
N ALA B 436 -63.47 21.02 -27.47
CA ALA B 436 -63.55 20.42 -28.79
C ALA B 436 -62.66 19.19 -28.83
N GLU B 437 -63.15 18.11 -29.44
CA GLU B 437 -62.39 16.86 -29.48
C GLU B 437 -62.02 16.43 -30.89
N PHE B 438 -60.78 16.01 -31.06
CA PHE B 438 -60.26 15.66 -32.37
C PHE B 438 -59.47 14.36 -32.33
N VAL B 439 -59.45 13.64 -33.45
CA VAL B 439 -58.47 12.60 -33.67
C VAL B 439 -57.67 12.99 -34.91
N ILE B 440 -56.59 12.28 -35.19
CA ILE B 440 -55.76 12.56 -36.33
C ILE B 440 -55.84 11.43 -37.34
N ALA B 441 -55.97 11.81 -38.61
CA ALA B 441 -56.04 10.86 -39.73
C ALA B 441 -54.90 11.10 -40.71
N ASN B 442 -54.54 10.06 -41.46
CA ASN B 442 -53.44 10.16 -42.42
C ASN B 442 -53.92 10.57 -43.79
N ALA B 443 -55.23 10.78 -43.92
CA ALA B 443 -55.83 11.18 -45.19
C ALA B 443 -57.01 12.12 -44.96
N ASP B 444 -57.38 12.86 -46.00
CA ASP B 444 -58.50 13.80 -45.89
C ASP B 444 -59.86 13.09 -45.84
N ASN B 445 -59.92 11.83 -46.27
CA ASN B 445 -61.19 11.13 -46.28
C ASN B 445 -61.20 9.77 -45.56
N ALA B 446 -60.71 8.73 -46.22
CA ALA B 446 -60.83 7.40 -45.66
C ALA B 446 -59.68 7.19 -44.70
N GLY B 447 -58.69 6.44 -45.16
CA GLY B 447 -57.46 6.23 -44.40
C GLY B 447 -57.65 5.80 -42.96
N GLN B 448 -56.56 5.90 -42.19
CA GLN B 448 -56.52 5.39 -40.83
C GLN B 448 -56.34 6.52 -39.80
N TYR B 449 -56.49 6.19 -38.51
CA TYR B 449 -56.38 7.17 -37.42
C TYR B 449 -55.23 6.86 -36.46
N LEU B 450 -54.49 7.89 -36.08
CA LEU B 450 -53.31 7.76 -35.21
C LEU B 450 -53.66 7.21 -33.83
N ALA B 451 -52.96 6.16 -33.42
CA ALA B 451 -53.22 5.50 -32.15
C ALA B 451 -51.90 5.15 -31.50
N ARG B 452 -51.89 4.93 -30.20
CA ARG B 452 -50.68 4.45 -29.58
C ARG B 452 -50.73 2.91 -29.55
N LYS B 453 -49.59 2.27 -29.75
CA LYS B 453 -49.49 0.80 -29.78
C LYS B 453 -49.87 0.17 -28.46
N ALA B 454 -51.02 -0.49 -28.44
CA ALA B 454 -51.54 -1.20 -27.25
C ALA B 454 -50.49 -1.99 -26.47
N ASP B 455 -49.65 -2.74 -27.20
CA ASP B 455 -48.65 -3.63 -26.60
C ASP B 455 -47.40 -2.92 -26.06
N LYS B 456 -47.38 -1.60 -26.11
CA LYS B 456 -46.22 -0.87 -25.62
C LYS B 456 -46.61 -0.05 -24.40
N VAL B 457 -47.90 0.02 -24.12
CA VAL B 457 -48.42 0.82 -23.03
C VAL B 457 -48.90 -0.05 -21.89
N SER B 458 -48.75 0.45 -20.67
CA SER B 458 -49.12 -0.28 -19.49
C SER B 458 -50.56 0.03 -19.13
N GLN B 459 -51.08 -0.67 -18.11
CA GLN B 459 -52.44 -0.45 -17.65
C GLN B 459 -52.55 0.82 -16.81
N GLU B 460 -51.54 1.09 -15.99
CA GLU B 460 -51.44 2.34 -15.24
C GLU B 460 -51.56 3.54 -16.19
N GLU B 461 -50.88 3.46 -17.33
CA GLU B 461 -50.88 4.55 -18.31
C GLU B 461 -52.18 4.59 -19.11
N LYS B 462 -52.65 3.43 -19.56
CA LYS B 462 -53.94 3.39 -20.26
C LYS B 462 -55.01 3.93 -19.32
N GLN B 463 -54.86 3.68 -18.02
CA GLN B 463 -55.85 4.12 -17.04
C GLN B 463 -55.78 5.63 -16.73
N LEU B 464 -54.59 6.16 -16.52
CA LEU B 464 -54.42 7.59 -16.23
C LEU B 464 -55.09 8.46 -17.31
N VAL B 465 -54.87 8.09 -18.56
CA VAL B 465 -55.55 8.76 -19.67
C VAL B 465 -57.05 8.86 -19.43
N VAL B 466 -57.69 7.74 -19.10
CA VAL B 466 -59.14 7.72 -18.91
C VAL B 466 -59.55 8.59 -17.72
N THR B 467 -58.93 8.33 -16.58
CA THR B 467 -59.15 9.12 -15.37
C THR B 467 -59.07 10.63 -15.62
N THR B 468 -58.05 11.05 -16.36
CA THR B 468 -57.88 12.47 -16.67
C THR B 468 -58.96 12.98 -17.62
N LYS B 469 -59.29 12.17 -18.62
CA LYS B 469 -60.39 12.48 -19.54
C LYS B 469 -61.67 12.76 -18.76
N ASP B 470 -62.06 11.83 -17.88
CA ASP B 470 -63.29 11.96 -17.11
C ASP B 470 -63.34 13.24 -16.28
N ALA B 471 -62.28 13.49 -15.53
CA ALA B 471 -62.17 14.72 -14.74
C ALA B 471 -62.25 15.94 -15.65
N LEU B 472 -61.67 15.84 -16.85
CA LEU B 472 -61.74 16.92 -17.84
C LEU B 472 -63.16 17.05 -18.42
N ASP B 473 -63.84 15.91 -18.57
CA ASP B 473 -65.21 15.92 -19.07
C ASP B 473 -66.14 16.65 -18.12
N ARG B 474 -65.84 16.55 -16.83
CA ARG B 474 -66.68 17.16 -15.81
C ARG B 474 -66.36 18.66 -15.68
N ALA B 475 -65.08 19.00 -15.80
CA ALA B 475 -64.67 20.40 -15.72
C ALA B 475 -65.26 21.21 -16.88
N VAL B 476 -65.41 20.55 -18.03
CA VAL B 476 -65.98 21.18 -19.22
C VAL B 476 -67.48 21.39 -19.08
N ALA B 477 -68.18 20.36 -18.58
CA ALA B 477 -69.64 20.40 -18.44
C ALA B 477 -70.10 21.45 -17.43
N ALA B 478 -69.28 21.67 -16.42
CA ALA B 478 -69.50 22.77 -15.48
C ALA B 478 -69.24 24.09 -16.20
N TYR B 479 -68.07 24.19 -16.81
CA TYR B 479 -67.71 25.38 -17.58
C TYR B 479 -68.81 25.70 -18.59
N ASN B 480 -69.35 24.66 -19.21
CA ASN B 480 -70.42 24.83 -20.19
C ASN B 480 -71.76 25.24 -19.58
N ALA B 481 -71.98 24.89 -18.31
CA ALA B 481 -73.22 25.27 -17.63
C ALA B 481 -73.22 26.75 -17.24
N LEU B 482 -72.04 27.37 -17.28
CA LEU B 482 -71.92 28.78 -16.95
C LEU B 482 -72.33 29.64 -18.13
N THR B 483 -72.92 30.80 -17.84
CA THR B 483 -73.28 31.75 -18.89
C THR B 483 -71.99 32.32 -19.45
N ALA B 484 -72.12 33.20 -20.45
CA ALA B 484 -70.96 33.84 -21.05
C ALA B 484 -70.26 34.74 -20.04
N GLN B 485 -71.04 35.49 -19.26
CA GLN B 485 -70.47 36.47 -18.34
C GLN B 485 -69.64 35.80 -17.25
N GLN B 486 -70.15 34.68 -16.75
CA GLN B 486 -69.52 33.92 -15.65
C GLN B 486 -68.23 33.19 -16.00
N GLN B 487 -67.97 32.99 -17.29
CA GLN B 487 -66.73 32.36 -17.72
C GLN B 487 -65.56 33.33 -17.55
N THR B 488 -65.13 33.50 -16.31
CA THR B 488 -64.03 34.41 -15.96
C THR B 488 -62.70 33.67 -15.91
N GLN B 489 -61.61 34.43 -15.89
CA GLN B 489 -60.27 33.85 -15.87
C GLN B 489 -60.12 32.72 -14.85
N GLN B 490 -60.85 32.81 -13.75
CA GLN B 490 -60.78 31.83 -12.67
C GLN B 490 -61.46 30.50 -12.99
N GLU B 491 -62.64 30.58 -13.60
CA GLU B 491 -63.31 29.35 -14.04
C GLU B 491 -62.64 28.72 -15.26
N LYS B 492 -61.97 29.53 -16.07
CA LYS B 492 -61.17 29.04 -17.20
C LYS B 492 -59.99 28.23 -16.68
N GLU B 493 -59.42 28.66 -15.55
CA GLU B 493 -58.34 27.94 -14.89
C GLU B 493 -58.71 26.48 -14.65
N LYS B 494 -59.90 26.25 -14.10
CA LYS B 494 -60.36 24.91 -13.78
C LYS B 494 -60.34 23.98 -15.00
N VAL B 495 -60.66 24.51 -16.17
CA VAL B 495 -60.61 23.73 -17.41
C VAL B 495 -59.18 23.54 -17.88
N ASP B 496 -58.41 24.62 -17.86
CA ASP B 496 -57.00 24.55 -18.24
C ASP B 496 -56.27 23.59 -17.33
N LYS B 497 -56.54 23.67 -16.02
CA LYS B 497 -55.95 22.74 -15.06
C LYS B 497 -56.27 21.30 -15.45
N ALA B 498 -57.53 21.04 -15.77
CA ALA B 498 -57.95 19.70 -16.17
C ALA B 498 -57.38 19.30 -17.54
N GLN B 499 -57.38 20.24 -18.48
CA GLN B 499 -56.93 19.96 -19.84
C GLN B 499 -55.45 19.60 -19.86
N ALA B 500 -54.65 20.32 -19.08
CA ALA B 500 -53.23 20.06 -19.01
C ALA B 500 -52.89 18.73 -18.33
N ALA B 501 -53.73 18.27 -17.42
CA ALA B 501 -53.46 16.97 -16.78
C ALA B 501 -53.80 15.82 -17.71
N TYR B 502 -54.83 16.00 -18.54
CA TYR B 502 -55.17 15.00 -19.54
C TYR B 502 -54.06 14.94 -20.58
N ASN B 503 -53.63 16.11 -21.00
CA ASN B 503 -52.61 16.25 -22.02
C ASN B 503 -51.28 15.63 -21.62
N ALA B 504 -50.97 15.67 -20.33
CA ALA B 504 -49.73 15.03 -19.85
C ALA B 504 -49.85 13.51 -19.91
N ALA B 505 -51.01 13.01 -19.54
CA ALA B 505 -51.29 11.58 -19.55
C ALA B 505 -51.20 11.02 -20.96
N VAL B 506 -51.68 11.80 -21.93
CA VAL B 506 -51.68 11.39 -23.33
C VAL B 506 -50.25 11.26 -23.78
N ILE B 507 -49.48 12.33 -23.55
CA ILE B 507 -48.07 12.35 -23.88
C ILE B 507 -47.32 11.22 -23.20
N ALA B 508 -47.66 10.95 -21.95
CA ALA B 508 -47.03 9.86 -21.20
C ALA B 508 -47.41 8.47 -21.75
N ALA B 509 -48.66 8.33 -22.18
CA ALA B 509 -49.18 7.04 -22.67
C ALA B 509 -48.84 6.76 -24.13
N ASN B 510 -48.46 7.80 -24.87
CA ASN B 510 -48.08 7.62 -26.26
C ASN B 510 -46.66 7.10 -26.46
N ASN B 511 -46.38 5.93 -25.89
CA ASN B 511 -45.04 5.37 -26.00
C ASN B 511 -44.61 4.95 -27.41
N ALA B 512 -45.60 4.75 -28.29
CA ALA B 512 -45.34 4.44 -29.70
C ALA B 512 -46.63 4.61 -30.51
N PHE B 513 -46.48 4.76 -31.82
CA PHE B 513 -47.60 5.09 -32.68
C PHE B 513 -47.89 4.00 -33.72
N GLU B 514 -49.16 3.85 -34.05
CA GLU B 514 -49.59 3.05 -35.19
C GLU B 514 -50.84 3.68 -35.76
N TRP B 515 -51.19 3.30 -36.98
CA TRP B 515 -52.44 3.74 -37.59
C TRP B 515 -53.48 2.63 -37.52
N VAL B 516 -54.70 3.00 -37.15
CA VAL B 516 -55.80 2.06 -37.09
C VAL B 516 -56.96 2.55 -37.96
N ALA B 517 -57.82 1.62 -38.35
CA ALA B 517 -58.97 1.96 -39.18
C ALA B 517 -60.11 2.55 -38.36
N ASP B 518 -60.19 2.19 -37.09
CA ASP B 518 -61.35 2.55 -36.28
C ASP B 518 -61.10 3.67 -35.27
N LYS B 519 -61.78 4.80 -35.47
CA LYS B 519 -61.65 5.96 -34.58
C LYS B 519 -62.27 5.74 -33.18
N ASP B 520 -63.13 4.74 -33.05
CA ASP B 520 -63.79 4.47 -31.79
C ASP B 520 -62.88 3.66 -30.87
N ASN B 521 -61.74 3.24 -31.41
CA ASN B 521 -60.78 2.45 -30.66
C ASN B 521 -60.15 3.21 -29.50
N GLU B 522 -60.14 2.60 -28.32
CA GLU B 522 -59.60 3.24 -27.11
C GLU B 522 -58.21 3.84 -27.28
N ASN B 523 -57.42 3.26 -28.18
CA ASN B 523 -56.01 3.65 -28.34
C ASN B 523 -55.81 4.84 -29.25
N VAL B 524 -56.83 5.17 -30.02
CA VAL B 524 -56.79 6.35 -30.87
C VAL B 524 -56.43 7.57 -30.02
N VAL B 525 -55.47 8.35 -30.50
CA VAL B 525 -55.06 9.56 -29.81
C VAL B 525 -56.13 10.64 -29.95
N LYS B 526 -56.63 11.13 -28.83
CA LYS B 526 -57.67 12.16 -28.87
C LYS B 526 -57.21 13.49 -28.24
N LEU B 527 -57.20 14.53 -29.06
CA LEU B 527 -56.84 15.87 -28.63
C LEU B 527 -58.09 16.64 -28.16
N VAL B 528 -57.92 17.42 -27.09
CA VAL B 528 -59.03 18.18 -26.48
C VAL B 528 -58.64 19.63 -26.11
N SER B 529 -59.38 20.58 -26.66
CA SER B 529 -59.12 22.01 -26.49
C SER B 529 -59.45 22.53 -25.09
N ASP B 530 -58.56 23.38 -24.56
CA ASP B 530 -58.76 23.95 -23.24
C ASP B 530 -59.52 25.26 -23.29
N ALA B 531 -59.59 25.95 -22.16
CA ALA B 531 -60.35 27.21 -22.09
C ALA B 531 -59.75 28.29 -22.99
N GLN B 532 -58.45 28.20 -23.25
CA GLN B 532 -57.82 29.08 -24.24
C GLN B 532 -57.88 28.44 -25.63
N GLY B 533 -58.61 27.32 -25.72
CA GLY B 533 -58.89 26.65 -26.97
C GLY B 533 -57.69 25.92 -27.54
N ARG B 534 -56.65 25.78 -26.74
CA ARG B 534 -55.42 25.15 -27.18
C ARG B 534 -55.47 23.63 -27.15
N PHE B 535 -54.73 23.02 -28.08
CA PHE B 535 -54.44 21.60 -28.08
C PHE B 535 -53.30 21.34 -29.04
N GLU B 536 -52.51 20.30 -28.77
CA GLU B 536 -51.34 20.04 -29.59
C GLU B 536 -51.04 18.56 -29.69
N ILE B 537 -50.08 18.21 -30.54
CA ILE B 537 -49.68 16.84 -30.72
C ILE B 537 -48.16 16.77 -30.77
N THR B 538 -47.56 15.87 -30.00
CA THR B 538 -46.11 15.78 -30.02
C THR B 538 -45.56 14.38 -30.28
N GLY B 539 -44.32 14.33 -30.78
CA GLY B 539 -43.58 13.07 -30.94
C GLY B 539 -43.67 12.48 -32.33
N LEU B 540 -44.03 13.32 -33.29
CA LEU B 540 -44.36 12.86 -34.62
C LEU B 540 -43.20 12.89 -35.61
N LEU B 541 -43.35 12.11 -36.69
CA LEU B 541 -42.52 12.26 -37.89
C LEU B 541 -43.04 13.42 -38.73
N ALA B 542 -42.21 13.93 -39.62
CA ALA B 542 -42.65 14.92 -40.60
C ALA B 542 -43.75 14.35 -41.50
N GLY B 543 -44.53 15.24 -42.12
CA GLY B 543 -45.55 14.79 -43.06
C GLY B 543 -46.89 15.49 -42.94
N THR B 544 -47.85 14.99 -43.70
CA THR B 544 -49.15 15.61 -43.84
C THR B 544 -50.22 14.81 -43.13
N TYR B 545 -50.91 15.45 -42.19
CA TYR B 545 -51.95 14.77 -41.44
C TYR B 545 -53.24 15.56 -41.57
N TYR B 546 -54.32 15.05 -40.97
CA TYR B 546 -55.61 15.73 -41.06
C TYR B 546 -56.36 15.68 -39.74
N LEU B 547 -56.87 16.82 -39.27
CA LEU B 547 -57.63 16.84 -38.02
C LEU B 547 -59.08 16.51 -38.28
N GLU B 548 -59.61 15.54 -37.55
CA GLU B 548 -61.05 15.27 -37.66
C GLU B 548 -61.75 15.59 -36.36
N GLU B 549 -62.77 16.44 -36.41
CA GLU B 549 -63.46 16.77 -35.17
C GLU B 549 -64.46 15.68 -34.79
N THR B 550 -64.17 14.97 -33.70
CA THR B 550 -65.07 13.93 -33.21
C THR B 550 -66.17 14.52 -32.32
N LYS B 551 -65.87 15.64 -31.68
CA LYS B 551 -66.85 16.34 -30.84
C LYS B 551 -66.62 17.86 -30.83
N GLN B 552 -67.71 18.60 -31.01
CA GLN B 552 -67.65 20.06 -31.05
C GLN B 552 -67.90 20.69 -29.68
N PRO B 553 -67.55 21.97 -29.52
CA PRO B 553 -67.85 22.66 -28.26
C PRO B 553 -69.33 22.99 -28.23
N ALA B 554 -69.91 23.03 -27.03
CA ALA B 554 -71.34 23.27 -26.87
C ALA B 554 -71.89 24.35 -27.81
N GLY B 555 -73.09 24.10 -28.34
CA GLY B 555 -73.80 25.09 -29.15
C GLY B 555 -73.34 25.26 -30.60
N TYR B 556 -72.26 24.59 -30.97
CA TYR B 556 -71.72 24.71 -32.31
C TYR B 556 -72.08 23.49 -33.13
N ALA B 557 -71.81 23.53 -34.44
CA ALA B 557 -72.08 22.40 -35.34
C ALA B 557 -70.78 21.66 -35.58
N LEU B 558 -70.90 20.34 -35.77
CA LEU B 558 -69.75 19.50 -36.06
C LEU B 558 -69.23 19.80 -37.46
N LEU B 559 -67.91 19.77 -37.60
CA LEU B 559 -67.26 20.01 -38.90
C LEU B 559 -67.41 18.80 -39.81
N THR B 560 -67.98 19.01 -40.99
CA THR B 560 -68.22 17.91 -41.92
C THR B 560 -66.95 17.59 -42.69
N SER B 561 -65.85 18.23 -42.30
CA SER B 561 -64.65 18.30 -43.12
C SER B 561 -63.34 18.26 -42.31
N ARG B 562 -62.41 17.39 -42.70
CA ARG B 562 -61.12 17.32 -42.02
C ARG B 562 -60.21 18.48 -42.44
N GLN B 563 -59.32 18.88 -41.53
CA GLN B 563 -58.44 20.02 -41.78
C GLN B 563 -56.97 19.61 -41.89
N LYS B 564 -56.40 19.89 -43.06
CA LYS B 564 -55.04 19.53 -43.39
C LYS B 564 -54.03 20.39 -42.61
N PHE B 565 -53.06 19.73 -42.01
CA PHE B 565 -51.98 20.43 -41.33
C PHE B 565 -50.67 19.70 -41.60
N GLU B 566 -49.56 20.42 -41.53
CA GLU B 566 -48.28 19.88 -41.96
C GLU B 566 -47.24 19.90 -40.83
N VAL B 567 -46.64 18.74 -40.58
CA VAL B 567 -45.62 18.59 -39.54
C VAL B 567 -44.22 18.64 -40.13
N THR B 568 -43.48 19.69 -39.79
CA THR B 568 -42.15 19.92 -40.34
C THR B 568 -41.19 20.07 -39.19
N ALA B 569 -39.95 20.45 -39.48
CA ALA B 569 -38.93 20.62 -38.42
C ALA B 569 -39.18 21.84 -37.52
N THR B 570 -40.14 22.68 -37.92
CA THR B 570 -40.42 23.90 -37.19
C THR B 570 -41.91 24.17 -37.10
N SER B 571 -42.71 23.19 -37.53
CA SER B 571 -44.16 23.34 -37.53
C SER B 571 -44.67 23.66 -36.11
N TYR B 572 -43.93 23.22 -35.11
CA TYR B 572 -44.32 23.39 -33.73
C TYR B 572 -43.96 24.77 -33.16
N SER B 573 -42.81 25.31 -33.57
CA SER B 573 -42.29 26.56 -32.98
C SER B 573 -42.35 27.82 -33.86
N ALA B 574 -42.35 27.66 -35.18
CA ALA B 574 -42.34 28.80 -36.10
C ALA B 574 -43.54 29.74 -35.94
N THR B 575 -43.35 30.99 -36.35
CA THR B 575 -44.41 32.00 -36.26
C THR B 575 -45.05 32.25 -37.62
N GLY B 576 -46.06 33.10 -37.65
CA GLY B 576 -46.75 33.44 -38.89
C GLY B 576 -47.81 32.42 -39.24
N GLN B 577 -48.21 31.63 -38.25
CA GLN B 577 -49.19 30.57 -38.46
C GLN B 577 -50.65 30.99 -38.42
N GLY B 578 -50.94 32.11 -37.76
CA GLY B 578 -52.29 32.68 -37.79
C GLY B 578 -52.84 33.20 -36.48
N ILE B 579 -52.41 32.60 -35.37
CA ILE B 579 -52.92 32.97 -34.05
C ILE B 579 -51.94 32.54 -32.98
N GLU B 580 -51.93 33.23 -31.84
CA GLU B 580 -51.03 32.88 -30.73
C GLU B 580 -51.60 31.71 -29.94
N TYR B 581 -50.77 30.71 -29.68
CA TYR B 581 -51.16 29.59 -28.84
C TYR B 581 -51.74 30.21 -27.58
N THR B 582 -50.89 30.89 -26.82
CA THR B 582 -51.33 31.59 -25.62
C THR B 582 -51.44 33.09 -25.87
N ALA B 583 -52.62 33.63 -25.62
CA ALA B 583 -52.92 35.04 -25.85
C ALA B 583 -51.83 35.96 -25.32
N GLY B 584 -51.36 36.87 -26.18
CA GLY B 584 -50.40 37.91 -25.76
C GLY B 584 -48.97 37.45 -25.60
N SER B 585 -48.64 36.29 -26.17
CA SER B 585 -47.26 35.82 -26.12
C SER B 585 -46.39 36.59 -27.13
N GLY B 586 -47.01 37.07 -28.20
CA GLY B 586 -46.28 37.80 -29.22
C GLY B 586 -45.71 36.89 -30.30
N LYS B 587 -46.08 35.60 -30.24
CA LYS B 587 -45.68 34.62 -31.25
C LYS B 587 -46.93 33.93 -31.75
N ASP B 588 -47.27 34.14 -33.02
CA ASP B 588 -48.43 33.45 -33.58
C ASP B 588 -48.00 32.08 -34.10
N ASP B 589 -47.77 31.19 -33.15
CA ASP B 589 -47.18 29.88 -33.42
C ASP B 589 -48.19 28.71 -33.43
N ALA B 590 -49.45 28.99 -33.73
CA ALA B 590 -50.48 27.94 -33.81
C ALA B 590 -51.38 28.10 -35.01
N THR B 591 -52.10 27.04 -35.39
CA THR B 591 -53.12 27.13 -36.44
C THR B 591 -54.54 27.16 -35.85
N LYS B 592 -55.36 28.09 -36.32
CA LYS B 592 -56.75 28.17 -35.89
C LYS B 592 -57.54 27.00 -36.45
N VAL B 593 -58.48 26.50 -35.65
CA VAL B 593 -59.47 25.58 -36.13
C VAL B 593 -60.79 26.26 -35.88
N VAL B 594 -61.49 26.60 -36.95
CA VAL B 594 -62.65 27.44 -36.88
C VAL B 594 -63.98 26.67 -36.87
N ASN B 595 -64.65 26.69 -35.72
CA ASN B 595 -65.98 26.11 -35.58
C ASN B 595 -67.06 27.02 -36.08
N LYS B 596 -68.03 26.44 -36.79
CA LYS B 596 -69.17 27.19 -37.27
C LYS B 596 -70.35 27.01 -36.34
N LYS B 597 -71.28 27.95 -36.35
CA LYS B 597 -72.46 27.87 -35.50
C LYS B 597 -73.72 28.24 -36.25
N ILE B 598 -74.73 27.38 -36.18
CA ILE B 598 -75.96 27.60 -36.91
C ILE B 598 -76.92 28.46 -36.09
N THR B 599 -77.50 29.45 -36.73
CA THR B 599 -78.49 30.28 -36.07
C THR B 599 -79.78 30.35 -36.86
N ILE B 600 -80.89 30.52 -36.15
CA ILE B 600 -82.17 30.70 -36.80
C ILE B 600 -82.54 32.18 -36.87
N PRO B 601 -82.60 32.70 -38.10
CA PRO B 601 -82.88 34.11 -38.33
C PRO B 601 -84.37 34.40 -38.31
N GLN B 602 -84.72 35.65 -38.58
CA GLN B 602 -86.10 36.10 -38.75
C GLN B 602 -86.19 36.90 -40.07
N THR B 603 -87.34 36.84 -40.75
CA THR B 603 -87.48 37.52 -42.05
C THR B 603 -88.73 38.41 -42.16
N GLY B 604 -88.51 39.73 -42.10
CA GLY B 604 -89.60 40.69 -42.18
C GLY B 604 -89.90 41.18 -43.59
N GLY C 1 -57.76 11.51 17.26
CA GLY C 1 -58.56 10.82 16.19
C GLY C 1 -57.98 11.05 14.81
N ALA C 2 -56.74 10.62 14.61
CA ALA C 2 -56.07 10.80 13.33
C ALA C 2 -55.93 9.47 12.61
N GLY C 3 -56.20 8.38 13.32
CA GLY C 3 -56.03 7.02 12.79
C GLY C 3 -57.08 6.58 11.78
N THR C 4 -57.08 5.28 11.52
CA THR C 4 -57.93 4.69 10.50
C THR C 4 -58.70 3.51 11.08
N THR C 5 -59.53 2.87 10.27
CA THR C 5 -60.29 1.72 10.73
C THR C 5 -59.43 0.45 10.77
N THR C 6 -58.24 0.52 10.20
CA THR C 6 -57.29 -0.58 10.29
C THR C 6 -56.35 -0.31 11.46
N THR C 7 -56.60 -1.00 12.57
CA THR C 7 -55.92 -0.70 13.83
C THR C 7 -54.63 -1.49 14.05
N SER C 8 -54.48 -2.62 13.35
CA SER C 8 -53.22 -3.35 13.36
C SER C 8 -52.93 -3.96 11.99
N VAL C 9 -51.65 -4.10 11.68
CA VAL C 9 -51.22 -4.83 10.48
C VAL C 9 -50.20 -5.90 10.85
N THR C 10 -50.37 -7.11 10.34
CA THR C 10 -49.38 -8.14 10.60
C THR C 10 -48.62 -8.60 9.37
N VAL C 11 -47.30 -8.56 9.47
CA VAL C 11 -46.42 -9.02 8.42
C VAL C 11 -46.02 -10.46 8.72
N HIS C 12 -46.43 -11.38 7.85
CA HIS C 12 -45.97 -12.75 7.94
C HIS C 12 -44.90 -12.94 6.86
N LYS C 13 -43.79 -13.58 7.23
CA LYS C 13 -42.71 -13.75 6.27
C LYS C 13 -42.72 -15.11 5.61
N LEU C 14 -42.98 -15.12 4.31
CA LEU C 14 -43.03 -16.35 3.55
C LEU C 14 -41.68 -16.71 2.93
N LEU C 15 -41.41 -18.02 2.88
CA LEU C 15 -40.21 -18.59 2.32
C LEU C 15 -40.58 -19.67 1.33
N ALA C 16 -40.23 -19.46 0.06
CA ALA C 16 -40.52 -20.47 -0.95
C ALA C 16 -39.49 -21.58 -0.77
N THR C 17 -39.94 -22.74 -0.29
CA THR C 17 -39.04 -23.85 -0.03
C THR C 17 -38.47 -24.44 -1.34
N ASP C 18 -39.24 -24.37 -2.43
CA ASP C 18 -38.65 -24.53 -3.77
C ASP C 18 -38.15 -23.15 -4.19
N GLY C 19 -37.82 -22.94 -5.46
CA GLY C 19 -37.39 -21.59 -5.89
C GLY C 19 -38.51 -20.73 -6.47
N ASP C 20 -39.76 -21.19 -6.27
CA ASP C 20 -40.92 -20.64 -6.95
C ASP C 20 -41.74 -19.69 -6.05
N MSE C 21 -41.39 -18.40 -6.12
CA MSE C 21 -42.10 -17.39 -5.36
C MSE C 21 -43.34 -16.91 -6.08
O MSE C 21 -44.38 -16.67 -5.45
CB MSE C 21 -41.18 -16.24 -5.05
CG MSE C 21 -40.14 -16.58 -4.03
SE MSE C 21 -39.17 -14.97 -3.50
CE MSE C 21 -38.14 -14.69 -5.15
N ASP C 22 -43.24 -16.78 -7.40
CA ASP C 22 -44.40 -16.46 -8.23
C ASP C 22 -45.54 -17.45 -7.98
N LYS C 23 -45.20 -18.73 -7.77
CA LYS C 23 -46.18 -19.79 -7.45
C LYS C 23 -46.90 -19.54 -6.10
N ILE C 24 -46.26 -18.78 -5.22
CA ILE C 24 -46.89 -18.36 -3.98
C ILE C 24 -47.81 -17.18 -4.25
N ALA C 25 -47.39 -16.31 -5.17
CA ALA C 25 -48.20 -15.17 -5.54
C ALA C 25 -49.39 -15.58 -6.42
N ASN C 26 -49.32 -16.78 -6.99
CA ASN C 26 -50.36 -17.30 -7.89
C ASN C 26 -51.35 -18.25 -7.22
N GLU C 27 -51.43 -18.19 -5.90
CA GLU C 27 -52.45 -18.94 -5.16
C GLU C 27 -53.21 -17.95 -4.30
N LEU C 28 -52.46 -17.04 -3.68
CA LEU C 28 -53.05 -15.97 -2.89
C LEU C 28 -53.82 -15.04 -3.80
N GLU C 29 -53.36 -14.91 -5.04
CA GLU C 29 -54.01 -14.03 -6.02
C GLU C 29 -55.42 -14.53 -6.39
N THR C 30 -55.50 -15.78 -6.86
CA THR C 30 -56.79 -16.33 -7.30
C THR C 30 -57.57 -16.93 -6.13
N GLY C 31 -57.00 -16.84 -4.93
CA GLY C 31 -57.65 -17.40 -3.75
C GLY C 31 -58.15 -16.34 -2.80
N ASN C 32 -58.07 -15.08 -3.21
CA ASN C 32 -58.41 -13.98 -2.33
C ASN C 32 -59.23 -12.90 -3.01
N TYR C 33 -59.70 -11.94 -2.22
CA TYR C 33 -60.40 -10.77 -2.74
C TYR C 33 -59.80 -9.47 -2.19
N ALA C 34 -59.18 -9.56 -1.00
CA ALA C 34 -58.49 -8.45 -0.34
C ALA C 34 -57.42 -9.00 0.63
N GLY C 35 -57.08 -8.23 1.66
CA GLY C 35 -55.97 -8.60 2.54
C GLY C 35 -56.28 -9.17 3.92
N ASN C 36 -57.07 -10.23 3.97
CA ASN C 36 -57.40 -10.93 5.21
C ASN C 36 -56.37 -12.02 5.57
N LYS C 37 -56.69 -12.85 6.56
CA LYS C 37 -55.76 -13.90 7.01
C LYS C 37 -55.82 -15.19 6.18
N VAL C 38 -54.65 -15.71 5.83
CA VAL C 38 -54.57 -16.95 5.07
C VAL C 38 -54.76 -18.13 6.01
N GLY C 39 -55.86 -18.85 5.82
CA GLY C 39 -56.23 -20.00 6.68
C GLY C 39 -55.15 -21.06 6.71
N VAL C 40 -54.91 -21.67 5.55
CA VAL C 40 -53.84 -22.64 5.43
C VAL C 40 -52.92 -22.19 4.31
N LEU C 41 -51.64 -22.06 4.63
CA LEU C 41 -50.66 -21.57 3.67
C LEU C 41 -50.51 -22.59 2.54
N PRO C 42 -49.93 -22.16 1.41
CA PRO C 42 -49.59 -23.11 0.34
C PRO C 42 -48.44 -24.04 0.75
N ALA C 43 -48.48 -25.28 0.26
CA ALA C 43 -47.51 -26.31 0.63
C ALA C 43 -46.10 -26.07 0.05
N ASN C 44 -45.83 -24.82 -0.32
CA ASN C 44 -44.54 -24.41 -0.89
C ASN C 44 -44.11 -23.10 -0.22
N ALA C 45 -44.82 -22.75 0.84
CA ALA C 45 -44.57 -21.53 1.58
C ALA C 45 -44.44 -21.82 3.06
N LYS C 46 -43.48 -21.17 3.70
CA LYS C 46 -43.31 -21.30 5.14
C LYS C 46 -43.07 -19.97 5.81
N GLU C 47 -43.77 -19.75 6.92
CA GLU C 47 -43.66 -18.53 7.70
C GLU C 47 -42.45 -18.63 8.63
N ILE C 48 -41.62 -17.58 8.63
CA ILE C 48 -40.34 -17.59 9.35
C ILE C 48 -40.11 -16.39 10.28
N ALA C 49 -39.47 -16.68 11.41
CA ALA C 49 -39.20 -15.71 12.45
C ALA C 49 -37.83 -15.05 12.25
N GLY C 50 -37.64 -13.86 12.80
CA GLY C 50 -36.34 -13.20 12.68
C GLY C 50 -36.11 -12.44 11.38
N VAL C 51 -37.17 -11.90 10.80
CA VAL C 51 -37.03 -10.99 9.68
C VAL C 51 -37.54 -9.62 10.11
N MSE C 52 -36.69 -8.60 9.94
CA MSE C 52 -37.02 -7.23 10.37
C MSE C 52 -37.79 -6.42 9.32
O MSE C 52 -37.34 -6.25 8.17
CB MSE C 52 -35.73 -6.48 10.74
CG MSE C 52 -35.97 -5.05 11.18
SE MSE C 52 -36.48 -4.91 13.07
CE MSE C 52 -34.70 -4.61 13.84
N PHE C 53 -38.94 -5.89 9.71
CA PHE C 53 -39.71 -5.02 8.82
C PHE C 53 -39.87 -3.59 9.36
N VAL C 54 -39.57 -2.61 8.52
CA VAL C 54 -39.63 -1.20 8.92
C VAL C 54 -40.55 -0.39 7.99
N TRP C 55 -41.32 0.52 8.58
CA TRP C 55 -42.28 1.34 7.84
C TRP C 55 -41.66 2.64 7.30
N THR C 56 -41.95 2.92 6.04
CA THR C 56 -41.61 4.22 5.46
C THR C 56 -42.87 4.86 4.89
N ASN C 57 -42.80 6.16 4.61
CA ASN C 57 -43.88 6.84 3.93
C ASN C 57 -43.83 6.50 2.45
N THR C 58 -44.58 7.21 1.63
CA THR C 58 -44.59 6.86 0.22
C THR C 58 -43.25 7.19 -0.47
N ASN C 59 -42.42 8.02 0.16
CA ASN C 59 -41.13 8.37 -0.44
C ASN C 59 -39.92 7.62 0.14
N ASN C 60 -40.16 6.45 0.72
CA ASN C 60 -39.05 5.65 1.25
C ASN C 60 -38.34 6.37 2.39
N GLU C 61 -39.14 6.93 3.29
CA GLU C 61 -38.66 7.68 4.44
C GLU C 61 -39.19 7.07 5.75
N ILE C 62 -38.28 6.69 6.63
CA ILE C 62 -38.67 6.00 7.85
C ILE C 62 -39.53 6.87 8.77
N ILE C 63 -40.52 6.26 9.42
CA ILE C 63 -41.46 6.99 10.26
C ILE C 63 -41.66 6.31 11.62
N ASP C 64 -42.32 7.01 12.54
CA ASP C 64 -42.75 6.39 13.80
C ASP C 64 -44.20 5.93 13.65
N GLU C 65 -44.75 5.35 14.71
CA GLU C 65 -46.09 4.78 14.63
C GLU C 65 -47.21 5.82 14.49
N ASN C 66 -46.86 7.09 14.68
CA ASN C 66 -47.80 8.19 14.48
C ASN C 66 -47.69 8.74 13.07
N GLY C 67 -46.82 8.13 12.28
CA GLY C 67 -46.64 8.53 10.88
C GLY C 67 -45.61 9.62 10.68
N GLN C 68 -45.02 10.09 11.77
CA GLN C 68 -44.01 11.16 11.72
C GLN C 68 -42.62 10.67 11.22
N THR C 69 -42.09 11.35 10.20
CA THR C 69 -40.79 11.01 9.60
C THR C 69 -39.62 11.28 10.54
N LEU C 70 -38.53 10.51 10.40
CA LEU C 70 -37.44 10.58 11.37
C LEU C 70 -36.03 10.82 10.79
N GLY C 71 -35.95 11.35 9.58
CA GLY C 71 -34.68 11.76 8.99
C GLY C 71 -33.84 10.74 8.24
N VAL C 72 -34.17 9.46 8.36
CA VAL C 72 -33.45 8.43 7.60
C VAL C 72 -34.27 7.80 6.48
N ASN C 73 -33.62 7.63 5.33
CA ASN C 73 -34.23 7.11 4.12
C ASN C 73 -33.91 5.66 3.87
N ILE C 74 -34.67 5.06 2.96
CA ILE C 74 -34.34 3.74 2.47
C ILE C 74 -34.36 3.78 0.96
N ASP C 75 -33.17 3.67 0.37
CA ASP C 75 -33.04 3.56 -1.07
C ASP C 75 -33.98 2.44 -1.53
N PRO C 76 -34.90 2.75 -2.47
CA PRO C 76 -35.89 1.76 -2.91
C PRO C 76 -35.24 0.63 -3.70
N GLN C 77 -34.12 0.92 -4.34
CA GLN C 77 -33.46 -0.06 -5.20
C GLN C 77 -32.58 -1.06 -4.45
N THR C 78 -31.89 -0.60 -3.41
CA THR C 78 -30.96 -1.45 -2.66
C THR C 78 -31.43 -1.77 -1.24
N PHE C 79 -32.51 -1.13 -0.80
CA PHE C 79 -32.99 -1.23 0.58
C PHE C 79 -32.01 -0.58 1.56
N LYS C 80 -30.88 -0.12 1.06
CA LYS C 80 -29.85 0.52 1.87
C LYS C 80 -30.41 1.73 2.64
N LEU C 81 -30.03 1.86 3.91
CA LEU C 81 -30.50 2.94 4.79
C LEU C 81 -29.54 4.12 4.73
N SER C 82 -30.08 5.34 4.65
CA SER C 82 -29.24 6.54 4.60
C SER C 82 -28.37 6.71 5.86
N GLY C 83 -28.98 6.64 7.02
CA GLY C 83 -28.24 6.75 8.27
C GLY C 83 -28.52 5.52 9.12
N ALA C 84 -28.33 5.67 10.43
CA ALA C 84 -28.62 4.58 11.36
C ALA C 84 -30.13 4.40 11.53
N MSE C 85 -30.54 3.29 12.12
CA MSE C 85 -31.94 3.06 12.44
C MSE C 85 -32.39 4.03 13.54
O MSE C 85 -31.82 4.04 14.62
CB MSE C 85 -32.18 1.62 12.89
CG MSE C 85 -33.62 1.34 13.25
SE MSE C 85 -34.84 1.55 11.73
CE MSE C 85 -34.67 -0.24 10.95
N PRO C 86 -33.43 4.84 13.25
CA PRO C 86 -33.97 5.78 14.24
C PRO C 86 -34.43 5.07 15.50
N ALA C 87 -34.02 5.60 16.65
CA ALA C 87 -34.30 4.96 17.94
C ALA C 87 -35.76 4.55 18.17
N THR C 88 -36.70 5.26 17.55
CA THR C 88 -38.13 5.04 17.83
C THR C 88 -38.96 4.63 16.60
N ALA C 89 -38.27 4.12 15.59
CA ALA C 89 -38.90 3.74 14.32
C ALA C 89 -39.87 2.56 14.48
N MSE C 90 -40.89 2.57 13.63
CA MSE C 90 -41.90 1.53 13.62
C MSE C 90 -41.31 0.27 12.98
O MSE C 90 -41.42 0.08 11.76
CB MSE C 90 -43.12 2.01 12.84
CG MSE C 90 -44.39 1.20 13.07
SE MSE C 90 -45.87 1.86 11.95
CE MSE C 90 -47.25 0.65 12.60
N LYS C 91 -40.69 -0.57 13.79
CA LYS C 91 -39.99 -1.76 13.28
C LYS C 91 -40.18 -2.98 14.18
N LYS C 92 -40.19 -4.17 13.57
CA LYS C 92 -40.30 -5.43 14.32
C LYS C 92 -39.80 -6.66 13.56
N LEU C 93 -39.17 -7.57 14.30
CA LEU C 93 -38.79 -8.87 13.78
C LEU C 93 -40.01 -9.76 13.76
N THR C 94 -40.19 -10.50 12.68
CA THR C 94 -41.28 -11.47 12.68
C THR C 94 -41.03 -12.47 13.79
N GLU C 95 -42.11 -12.88 14.45
CA GLU C 95 -42.08 -14.07 15.29
C GLU C 95 -42.48 -15.22 14.41
N ALA C 96 -42.81 -16.37 15.01
CA ALA C 96 -43.28 -17.52 14.25
C ALA C 96 -44.63 -17.21 13.60
N GLU C 97 -45.50 -16.50 14.31
CA GLU C 97 -46.75 -16.01 13.69
C GLU C 97 -46.68 -14.56 13.19
N GLY C 98 -45.50 -14.17 12.70
CA GLY C 98 -45.34 -12.90 11.99
C GLY C 98 -44.87 -11.71 12.80
N ALA C 99 -45.05 -10.52 12.24
CA ALA C 99 -44.76 -9.27 12.94
C ALA C 99 -46.02 -8.37 13.04
N LYS C 100 -46.53 -8.21 14.25
CA LYS C 100 -47.76 -7.42 14.47
C LYS C 100 -47.49 -5.97 14.83
N PHE C 101 -47.90 -5.08 13.94
CA PHE C 101 -47.73 -3.64 14.13
C PHE C 101 -49.02 -3.00 14.55
N ASN C 102 -48.93 -2.06 15.49
CA ASN C 102 -50.06 -1.23 15.83
C ASN C 102 -50.18 -0.10 14.80
N THR C 103 -51.26 -0.10 14.03
CA THR C 103 -51.46 0.88 12.96
C THR C 103 -52.67 1.76 13.23
N ALA C 104 -53.10 1.78 14.49
CA ALA C 104 -54.28 2.54 14.91
C ALA C 104 -54.07 4.04 14.85
N ASN C 105 -52.82 4.47 14.73
CA ASN C 105 -52.49 5.89 14.80
C ASN C 105 -51.96 6.50 13.52
N LEU C 106 -51.72 5.66 12.51
CA LEU C 106 -51.29 6.18 11.23
C LEU C 106 -52.49 6.81 10.54
N PRO C 107 -52.35 8.08 10.13
CA PRO C 107 -53.36 8.77 9.32
C PRO C 107 -53.60 8.05 7.99
N ALA C 108 -54.69 8.36 7.31
CA ALA C 108 -55.01 7.68 6.06
C ALA C 108 -53.99 7.99 4.97
N ALA C 109 -53.43 6.96 4.36
CA ALA C 109 -52.38 7.16 3.36
C ALA C 109 -51.75 5.88 2.88
N LYS C 110 -51.02 5.97 1.77
CA LYS C 110 -50.21 4.86 1.30
C LYS C 110 -48.95 4.75 2.15
N TYR C 111 -48.58 3.52 2.52
CA TYR C 111 -47.33 3.29 3.25
C TYR C 111 -46.49 2.23 2.57
N LYS C 112 -45.28 2.03 3.09
CA LYS C 112 -44.38 0.98 2.67
C LYS C 112 -43.80 0.28 3.90
N ILE C 113 -43.59 -1.02 3.78
CA ILE C 113 -42.91 -1.79 4.80
C ILE C 113 -41.76 -2.55 4.14
N TYR C 114 -40.53 -2.16 4.49
CA TYR C 114 -39.30 -2.74 3.95
C TYR C 114 -38.73 -3.89 4.79
N GLU C 115 -38.19 -4.89 4.10
CA GLU C 115 -37.37 -5.90 4.75
C GLU C 115 -35.93 -5.38 4.83
N ILE C 116 -35.33 -5.47 6.01
CA ILE C 116 -33.94 -5.06 6.16
C ILE C 116 -33.07 -6.24 6.59
N HIS C 117 -32.43 -6.84 5.59
CA HIS C 117 -31.60 -8.03 5.80
C HIS C 117 -30.53 -7.85 6.89
N SER C 118 -29.81 -6.74 6.86
CA SER C 118 -28.69 -6.54 7.79
C SER C 118 -29.09 -6.37 9.27
N LEU C 119 -30.38 -6.49 9.56
CA LEU C 119 -30.86 -6.44 10.95
C LEU C 119 -31.77 -7.65 11.25
N SER C 120 -31.78 -8.63 10.34
CA SER C 120 -32.54 -9.86 10.56
C SER C 120 -31.75 -10.83 11.45
N THR C 121 -32.38 -11.92 11.90
CA THR C 121 -31.68 -12.93 12.72
C THR C 121 -31.94 -14.33 12.19
N TYR C 122 -32.83 -14.43 11.21
CA TYR C 122 -33.14 -15.71 10.62
C TYR C 122 -31.90 -16.34 9.99
N VAL C 123 -31.79 -17.65 10.18
CA VAL C 123 -30.83 -18.49 9.50
C VAL C 123 -31.55 -19.76 9.03
N GLY C 124 -31.43 -20.08 7.75
CA GLY C 124 -32.11 -21.24 7.16
C GLY C 124 -31.35 -22.53 7.38
N GLU C 125 -31.97 -23.64 6.95
CA GLU C 125 -31.39 -24.97 7.14
C GLU C 125 -29.96 -25.03 6.60
N ASP C 126 -29.08 -25.70 7.34
CA ASP C 126 -27.69 -25.90 6.93
C ASP C 126 -26.94 -24.59 6.59
N GLY C 127 -27.31 -23.50 7.26
CA GLY C 127 -26.60 -22.22 7.13
C GLY C 127 -27.04 -21.30 5.99
N ALA C 128 -28.28 -21.50 5.51
CA ALA C 128 -28.79 -20.72 4.37
C ALA C 128 -29.19 -19.29 4.77
N THR C 129 -28.86 -18.33 3.92
CA THR C 129 -29.25 -16.94 4.12
C THR C 129 -30.38 -16.55 3.17
N LEU C 130 -31.20 -15.59 3.59
CA LEU C 130 -32.26 -15.04 2.74
C LEU C 130 -31.63 -14.34 1.53
N THR C 131 -32.18 -14.58 0.34
CA THR C 131 -31.59 -14.10 -0.90
C THR C 131 -32.58 -13.33 -1.80
N GLY C 132 -33.35 -14.05 -2.61
CA GLY C 132 -34.35 -13.44 -3.48
C GLY C 132 -35.56 -13.02 -2.67
N SER C 133 -36.40 -12.16 -3.26
CA SER C 133 -37.54 -11.60 -2.54
C SER C 133 -38.54 -10.88 -3.46
N LYS C 134 -39.77 -11.37 -3.46
CA LYS C 134 -40.87 -10.83 -4.27
C LYS C 134 -41.93 -10.26 -3.35
N ALA C 135 -42.43 -9.07 -3.69
CA ALA C 135 -43.46 -8.38 -2.91
C ALA C 135 -42.87 -7.63 -1.73
N VAL C 136 -41.62 -7.20 -1.88
CA VAL C 136 -40.98 -6.32 -0.93
C VAL C 136 -40.33 -5.20 -1.72
N PRO C 137 -40.58 -3.96 -1.32
CA PRO C 137 -41.35 -3.67 -0.12
C PRO C 137 -42.83 -3.94 -0.28
N ILE C 138 -43.53 -3.98 0.84
CA ILE C 138 -44.97 -4.09 0.83
C ILE C 138 -45.59 -2.71 0.59
N GLU C 139 -46.56 -2.65 -0.32
CA GLU C 139 -47.34 -1.44 -0.47
C GLU C 139 -48.72 -1.65 0.13
N ILE C 140 -49.09 -0.78 1.04
CA ILE C 140 -50.40 -0.80 1.66
C ILE C 140 -50.82 0.63 2.00
N GLU C 141 -52.12 0.89 1.85
CA GLU C 141 -52.72 2.17 2.17
C GLU C 141 -53.72 1.93 3.29
N LEU C 142 -53.82 2.86 4.23
CA LEU C 142 -54.79 2.70 5.32
C LEU C 142 -55.96 3.69 5.16
N PRO C 143 -57.20 3.22 5.41
CA PRO C 143 -57.52 1.89 5.88
C PRO C 143 -57.63 0.89 4.73
N LEU C 144 -57.26 -0.36 4.98
CA LEU C 144 -57.30 -1.40 3.95
C LEU C 144 -58.72 -1.91 3.72
N ASN C 145 -59.48 -1.18 2.90
CA ASN C 145 -60.84 -1.57 2.62
C ASN C 145 -61.61 -1.90 3.91
N ASP C 146 -62.27 -3.04 3.90
CA ASP C 146 -63.10 -3.56 4.99
C ASP C 146 -62.28 -3.90 6.26
N VAL C 147 -61.03 -4.30 6.05
CA VAL C 147 -60.19 -4.92 7.08
C VAL C 147 -59.79 -4.07 8.30
N VAL C 148 -60.11 -4.59 9.49
CA VAL C 148 -59.64 -3.98 10.74
C VAL C 148 -58.26 -4.50 11.16
N ASP C 149 -58.11 -5.81 11.25
CA ASP C 149 -56.82 -6.42 11.61
C ASP C 149 -56.22 -7.14 10.40
N ALA C 150 -55.24 -6.51 9.78
CA ALA C 150 -54.73 -6.96 8.49
C ALA C 150 -53.53 -7.88 8.58
N HIS C 151 -53.24 -8.52 7.46
CA HIS C 151 -52.17 -9.50 7.36
C HIS C 151 -51.66 -9.40 5.95
N VAL C 152 -50.34 -9.37 5.79
CA VAL C 152 -49.75 -9.34 4.46
C VAL C 152 -48.61 -10.35 4.35
N TYR C 153 -48.36 -10.81 3.12
CA TYR C 153 -47.43 -11.93 2.93
C TYR C 153 -46.35 -11.68 1.88
N PRO C 154 -45.23 -11.06 2.32
CA PRO C 154 -44.05 -10.95 1.47
C PRO C 154 -43.34 -12.29 1.32
N LYS C 155 -42.60 -12.46 0.24
CA LYS C 155 -41.95 -13.73 -0.05
C LYS C 155 -40.44 -13.60 -0.27
N ASN C 156 -39.70 -14.63 0.13
CA ASN C 156 -38.24 -14.66 0.04
C ASN C 156 -37.76 -16.07 -0.28
N THR C 157 -36.58 -16.17 -0.89
CA THR C 157 -35.91 -17.46 -1.07
C THR C 157 -34.69 -17.53 -0.14
N GLU C 158 -34.08 -18.71 -0.04
CA GLU C 158 -32.85 -18.84 0.75
C GLU C 158 -31.83 -19.69 0.03
N ALA C 159 -30.59 -19.57 0.43
CA ALA C 159 -29.49 -20.20 -0.27
C ALA C 159 -28.23 -20.19 0.58
N LYS C 160 -27.42 -21.21 0.35
CA LYS C 160 -26.24 -21.50 1.15
C LYS C 160 -25.02 -21.38 0.22
N PRO C 161 -23.87 -20.92 0.75
CA PRO C 161 -22.66 -20.96 -0.06
C PRO C 161 -21.90 -22.27 0.17
N LYS C 162 -21.00 -22.60 -0.74
CA LYS C 162 -20.16 -23.80 -0.64
C LYS C 162 -18.69 -23.39 -0.73
N ILE C 163 -17.80 -24.21 -0.18
CA ILE C 163 -16.38 -23.88 -0.15
C ILE C 163 -15.47 -25.11 -0.07
N ASP C 164 -14.30 -24.99 -0.66
CA ASP C 164 -13.26 -25.99 -0.51
C ASP C 164 -11.87 -25.33 -0.55
N LYS C 165 -10.91 -25.92 0.15
CA LYS C 165 -9.51 -25.55 0.00
C LYS C 165 -8.66 -26.78 -0.29
N ASP C 166 -7.75 -26.66 -1.24
CA ASP C 166 -6.85 -27.75 -1.55
C ASP C 166 -5.63 -27.23 -2.30
N PHE C 167 -4.72 -28.14 -2.63
CA PHE C 167 -3.56 -27.78 -3.44
C PHE C 167 -4.07 -27.27 -4.78
N LYS C 168 -3.25 -26.43 -5.40
CA LYS C 168 -3.56 -25.88 -6.71
C LYS C 168 -4.14 -26.95 -7.64
N GLY C 169 -5.22 -26.62 -8.35
CA GLY C 169 -5.90 -27.54 -9.27
C GLY C 169 -6.75 -28.65 -8.65
N LYS C 170 -6.88 -28.65 -7.32
CA LYS C 170 -7.61 -29.74 -6.67
C LYS C 170 -8.93 -29.35 -5.98
N ALA C 171 -9.13 -28.07 -5.72
CA ALA C 171 -10.34 -27.65 -5.01
C ALA C 171 -11.63 -28.04 -5.75
N ASN C 172 -12.60 -28.56 -4.99
CA ASN C 172 -13.92 -28.91 -5.53
C ASN C 172 -14.99 -28.85 -4.45
N PRO C 173 -15.76 -27.74 -4.43
CA PRO C 173 -16.78 -27.43 -3.42
C PRO C 173 -17.96 -28.43 -3.31
N ASP C 174 -18.24 -29.16 -4.38
CA ASP C 174 -19.32 -30.14 -4.33
C ASP C 174 -18.81 -31.45 -3.73
N THR C 175 -17.68 -31.91 -4.25
CA THR C 175 -17.06 -33.13 -3.72
C THR C 175 -15.61 -32.87 -3.37
N PRO C 176 -15.35 -32.56 -2.08
CA PRO C 176 -13.99 -32.34 -1.60
C PRO C 176 -13.19 -33.62 -1.70
N ARG C 177 -11.90 -33.50 -1.99
CA ARG C 177 -11.01 -34.65 -2.05
C ARG C 177 -11.05 -35.37 -0.70
N VAL C 178 -11.40 -36.65 -0.72
CA VAL C 178 -11.60 -37.44 0.51
C VAL C 178 -10.32 -37.88 1.21
N ASP C 179 -9.18 -37.76 0.53
CA ASP C 179 -7.91 -38.14 1.12
C ASP C 179 -7.03 -36.91 1.39
N LYS C 180 -7.66 -35.84 1.84
CA LYS C 180 -6.94 -34.59 2.12
C LYS C 180 -6.01 -34.69 3.32
N ASP C 181 -6.44 -35.46 4.32
CA ASP C 181 -5.66 -35.58 5.55
C ASP C 181 -4.50 -36.55 5.37
N THR C 182 -4.26 -36.90 4.10
CA THR C 182 -3.11 -37.73 3.75
C THR C 182 -1.97 -36.82 3.32
N PRO C 183 -0.86 -36.84 4.07
CA PRO C 183 0.21 -35.90 3.82
C PRO C 183 1.01 -36.19 2.54
N VAL C 184 1.14 -35.20 1.68
CA VAL C 184 1.96 -35.30 0.48
C VAL C 184 3.41 -34.92 0.84
N ASN C 185 4.37 -35.72 0.38
CA ASN C 185 5.79 -35.50 0.67
C ASN C 185 6.43 -34.31 -0.08
N HIS C 186 6.88 -33.32 0.70
CA HIS C 186 7.62 -32.16 0.17
C HIS C 186 8.95 -32.00 0.90
N GLN C 187 9.86 -31.24 0.32
CA GLN C 187 11.17 -31.01 0.91
C GLN C 187 11.26 -29.56 1.36
N VAL C 188 12.10 -29.28 2.35
CA VAL C 188 12.16 -27.92 2.89
C VAL C 188 12.50 -26.96 1.77
N GLY C 189 11.73 -25.89 1.66
CA GLY C 189 11.99 -24.86 0.67
C GLY C 189 11.02 -24.95 -0.48
N ASP C 190 10.33 -26.09 -0.58
CA ASP C 190 9.26 -26.23 -1.56
C ASP C 190 8.22 -25.12 -1.41
N VAL C 191 7.79 -24.59 -2.55
CA VAL C 191 6.74 -23.58 -2.62
C VAL C 191 5.41 -24.27 -2.82
N VAL C 192 4.53 -24.20 -1.83
CA VAL C 192 3.26 -24.91 -1.96
C VAL C 192 2.14 -23.95 -2.37
N GLU C 193 1.38 -24.34 -3.38
CA GLU C 193 0.36 -23.48 -3.95
C GLU C 193 -1.03 -23.91 -3.52
N TYR C 194 -1.81 -22.95 -3.05
CA TYR C 194 -3.14 -23.24 -2.56
C TYR C 194 -4.23 -22.60 -3.39
N GLU C 195 -5.45 -23.05 -3.13
CA GLU C 195 -6.60 -22.64 -3.90
C GLU C 195 -7.86 -22.66 -3.03
N ILE C 196 -8.51 -21.52 -2.87
CA ILE C 196 -9.82 -21.52 -2.22
C ILE C 196 -10.89 -21.22 -3.24
N VAL C 197 -11.76 -22.20 -3.51
CA VAL C 197 -12.93 -21.98 -4.35
C VAL C 197 -14.15 -21.79 -3.47
N THR C 198 -14.97 -20.79 -3.80
CA THR C 198 -16.20 -20.56 -3.08
C THR C 198 -17.35 -20.23 -4.01
N LYS C 199 -18.40 -21.05 -3.96
CA LYS C 199 -19.59 -20.79 -4.74
C LYS C 199 -20.56 -19.94 -3.92
N ILE C 200 -20.93 -18.79 -4.48
CA ILE C 200 -21.85 -17.87 -3.84
C ILE C 200 -23.21 -17.90 -4.55
N PRO C 201 -24.30 -18.03 -3.77
CA PRO C 201 -25.65 -18.20 -4.30
C PRO C 201 -26.15 -17.00 -5.12
N ALA C 202 -27.18 -17.23 -5.92
CA ALA C 202 -27.81 -16.14 -6.65
C ALA C 202 -28.39 -15.15 -5.64
N LEU C 203 -28.51 -13.89 -6.05
CA LEU C 203 -29.20 -12.88 -5.27
C LEU C 203 -28.80 -12.81 -3.79
N ALA C 204 -27.51 -12.92 -3.49
CA ALA C 204 -27.09 -12.88 -2.09
C ALA C 204 -27.19 -11.45 -1.57
N ASN C 205 -27.16 -11.28 -0.26
CA ASN C 205 -27.24 -9.95 0.36
C ASN C 205 -26.23 -9.74 1.49
N TYR C 206 -25.15 -10.51 1.44
CA TYR C 206 -24.13 -10.47 2.50
C TYR C 206 -23.64 -9.04 2.79
N ALA C 207 -23.36 -8.77 4.05
CA ALA C 207 -22.78 -7.49 4.45
C ALA C 207 -21.31 -7.74 4.75
N THR C 208 -20.92 -9.00 4.64
CA THR C 208 -19.59 -9.41 5.01
C THR C 208 -19.25 -10.64 4.22
N ALA C 209 -18.05 -10.66 3.65
CA ALA C 209 -17.57 -11.83 2.95
C ALA C 209 -16.09 -11.92 3.19
N ASN C 210 -15.73 -12.60 4.28
CA ASN C 210 -14.33 -12.68 4.71
C ASN C 210 -13.74 -14.09 4.60
N TRP C 211 -12.51 -14.19 4.08
CA TRP C 211 -11.74 -15.44 4.09
C TRP C 211 -10.48 -15.25 4.94
N SER C 212 -10.23 -16.21 5.82
CA SER C 212 -9.17 -16.10 6.79
C SER C 212 -8.33 -17.38 6.73
N ASP C 213 -7.01 -17.24 6.80
CA ASP C 213 -6.13 -18.41 6.84
C ASP C 213 -4.94 -18.21 7.79
N ARG C 214 -4.70 -19.22 8.62
CA ARG C 214 -3.59 -19.28 9.57
C ARG C 214 -2.87 -20.61 9.39
N MSE C 215 -1.55 -20.61 9.53
CA MSE C 215 -0.78 -21.84 9.31
C MSE C 215 0.12 -22.25 10.45
O MSE C 215 0.57 -21.42 11.24
CB MSE C 215 0.09 -21.69 8.08
CG MSE C 215 -0.71 -21.43 6.85
SE MSE C 215 0.51 -20.94 5.44
CE MSE C 215 -0.67 -21.20 3.91
N THR C 216 0.38 -23.55 10.52
CA THR C 216 1.33 -24.11 11.48
C THR C 216 2.72 -23.58 11.19
N GLU C 217 3.52 -23.40 12.25
CA GLU C 217 4.83 -22.73 12.15
C GLU C 217 5.70 -23.15 10.94
N GLY C 218 5.55 -24.39 10.49
CA GLY C 218 6.40 -24.98 9.46
C GLY C 218 6.09 -24.55 8.03
N LEU C 219 4.91 -23.98 7.84
CA LEU C 219 4.54 -23.39 6.55
C LEU C 219 4.59 -21.88 6.65
N ALA C 220 5.46 -21.25 5.86
CA ALA C 220 5.54 -19.79 5.90
C ALA C 220 4.79 -19.14 4.75
N PHE C 221 3.62 -18.58 5.05
CA PHE C 221 2.86 -17.85 4.06
C PHE C 221 3.74 -16.81 3.37
N ASN C 222 3.60 -16.73 2.05
CA ASN C 222 4.37 -15.83 1.20
C ASN C 222 3.63 -14.53 0.95
N LYS C 223 4.03 -13.47 1.62
CA LYS C 223 3.37 -12.17 1.42
C LYS C 223 3.41 -11.81 -0.07
N GLY C 224 2.34 -11.20 -0.57
CA GLY C 224 2.30 -10.79 -1.96
C GLY C 224 1.82 -11.80 -2.99
N THR C 225 1.53 -13.03 -2.59
CA THR C 225 1.12 -14.04 -3.59
C THR C 225 -0.39 -14.15 -3.76
N VAL C 226 -1.14 -13.45 -2.92
CA VAL C 226 -2.60 -13.61 -2.88
C VAL C 226 -3.29 -12.99 -4.09
N LYS C 227 -4.08 -13.79 -4.79
CA LYS C 227 -4.83 -13.32 -5.93
C LYS C 227 -6.30 -13.74 -5.88
N VAL C 228 -7.19 -12.82 -6.27
CA VAL C 228 -8.64 -13.07 -6.24
C VAL C 228 -9.29 -12.91 -7.60
N THR C 229 -10.11 -13.89 -7.99
CA THR C 229 -10.96 -13.74 -9.18
C THR C 229 -12.42 -14.13 -8.90
N VAL C 230 -13.34 -13.50 -9.61
CA VAL C 230 -14.76 -13.82 -9.52
C VAL C 230 -15.27 -14.13 -10.91
N ASP C 231 -15.67 -15.39 -11.11
CA ASP C 231 -16.07 -15.87 -12.42
C ASP C 231 -14.92 -15.72 -13.42
N ASP C 232 -13.69 -15.97 -12.96
CA ASP C 232 -12.49 -15.97 -13.82
C ASP C 232 -11.92 -14.59 -14.10
N VAL C 233 -12.57 -13.55 -13.59
CA VAL C 233 -12.12 -12.19 -13.84
C VAL C 233 -11.55 -11.61 -12.56
N ALA C 234 -10.31 -11.14 -12.63
CA ALA C 234 -9.64 -10.63 -11.44
C ALA C 234 -10.49 -9.51 -10.89
N LEU C 235 -10.43 -9.33 -9.58
CA LEU C 235 -11.08 -8.19 -8.96
C LEU C 235 -10.20 -6.96 -9.14
N GLU C 236 -10.71 -5.80 -8.69
CA GLU C 236 -9.96 -4.56 -8.70
C GLU C 236 -9.33 -4.33 -7.34
N ALA C 237 -8.65 -3.19 -7.17
CA ALA C 237 -7.91 -2.92 -5.94
C ALA C 237 -8.79 -2.41 -4.81
N GLY C 238 -9.90 -1.76 -5.15
CA GLY C 238 -10.82 -1.26 -4.14
C GLY C 238 -11.90 -2.25 -3.73
N ASP C 239 -11.77 -3.49 -4.20
CA ASP C 239 -12.79 -4.52 -3.97
C ASP C 239 -12.60 -5.33 -2.67
N TYR C 240 -11.42 -5.23 -2.07
CA TYR C 240 -11.13 -6.03 -0.88
C TYR C 240 -9.95 -5.47 -0.08
N ALA C 241 -9.91 -5.84 1.20
CA ALA C 241 -8.88 -5.37 2.14
C ALA C 241 -8.05 -6.56 2.65
N LEU C 242 -6.82 -6.65 2.16
CA LEU C 242 -5.96 -7.77 2.47
C LEU C 242 -4.97 -7.44 3.59
N THR C 243 -5.11 -8.11 4.73
CA THR C 243 -4.15 -8.00 5.84
C THR C 243 -3.33 -9.28 5.95
N GLU C 244 -2.00 -9.15 5.90
CA GLU C 244 -1.13 -10.30 5.96
C GLU C 244 -0.29 -10.37 7.24
N VAL C 245 -0.32 -11.52 7.92
CA VAL C 245 0.49 -11.73 9.11
C VAL C 245 1.44 -12.91 8.90
N ALA C 246 2.50 -12.97 9.70
CA ALA C 246 3.48 -14.03 9.61
C ALA C 246 2.87 -15.39 9.25
N THR C 247 1.69 -15.67 9.81
CA THR C 247 1.08 -16.99 9.71
C THR C 247 -0.09 -17.11 8.74
N GLY C 248 -0.27 -16.09 7.90
CA GLY C 248 -1.32 -16.10 6.89
C GLY C 248 -1.88 -14.72 6.58
N PHE C 249 -3.21 -14.66 6.44
CA PHE C 249 -3.88 -13.44 6.02
C PHE C 249 -5.36 -13.41 6.39
N ASP C 250 -5.99 -12.26 6.21
CA ASP C 250 -7.45 -12.11 6.28
C ASP C 250 -7.87 -11.26 5.08
N LEU C 251 -8.62 -11.85 4.17
CA LEU C 251 -9.05 -11.13 2.98
C LEU C 251 -10.53 -10.73 3.02
N LYS C 252 -10.80 -9.44 3.15
CA LYS C 252 -12.16 -8.97 3.32
C LYS C 252 -12.66 -8.19 2.12
N LEU C 253 -13.84 -8.55 1.64
CA LEU C 253 -14.45 -7.82 0.56
C LEU C 253 -15.06 -6.55 1.14
N THR C 254 -14.94 -5.46 0.39
CA THR C 254 -15.54 -4.17 0.74
C THR C 254 -16.87 -4.07 -0.01
N ASP C 255 -17.51 -2.90 0.04
CA ASP C 255 -18.78 -2.69 -0.66
C ASP C 255 -18.65 -2.85 -2.16
N ALA C 256 -17.54 -2.37 -2.70
CA ALA C 256 -17.22 -2.58 -4.10
C ALA C 256 -16.98 -4.07 -4.36
N GLY C 257 -16.58 -4.79 -3.32
CA GLY C 257 -16.36 -6.22 -3.43
C GLY C 257 -17.65 -6.98 -3.33
N LEU C 258 -18.43 -6.70 -2.29
CA LEU C 258 -19.69 -7.36 -2.06
C LEU C 258 -20.69 -7.14 -3.20
N ALA C 259 -20.60 -5.98 -3.86
CA ALA C 259 -21.54 -5.60 -4.91
C ALA C 259 -21.37 -6.43 -6.17
N LYS C 260 -20.33 -7.26 -6.17
CA LYS C 260 -20.05 -8.12 -7.30
C LYS C 260 -20.49 -9.55 -7.01
N VAL C 261 -20.77 -9.83 -5.74
CA VAL C 261 -21.25 -11.16 -5.33
C VAL C 261 -22.64 -11.08 -4.70
N ASN C 262 -23.14 -9.87 -4.51
CA ASN C 262 -24.49 -9.71 -3.99
C ASN C 262 -25.44 -9.23 -5.07
N ASP C 263 -26.60 -9.89 -5.15
CA ASP C 263 -27.66 -9.48 -6.06
C ASP C 263 -27.40 -9.90 -7.50
N GLN C 264 -26.56 -10.91 -7.66
CA GLN C 264 -26.29 -11.49 -8.97
C GLN C 264 -27.36 -12.52 -9.36
N ASN C 265 -27.66 -12.58 -10.66
CA ASN C 265 -28.72 -13.45 -11.17
C ASN C 265 -28.33 -14.91 -11.26
N ALA C 266 -27.08 -15.22 -10.92
CA ALA C 266 -26.58 -16.59 -10.98
C ALA C 266 -25.49 -16.83 -9.93
N GLU C 267 -25.12 -18.10 -9.72
CA GLU C 267 -24.02 -18.44 -8.80
C GLU C 267 -22.73 -17.76 -9.22
N LYS C 268 -22.00 -17.27 -8.23
CA LYS C 268 -20.70 -16.64 -8.44
C LYS C 268 -19.60 -17.48 -7.83
N THR C 269 -18.60 -17.82 -8.64
CA THR C 269 -17.44 -18.54 -8.16
C THR C 269 -16.30 -17.59 -7.85
N VAL C 270 -15.90 -17.59 -6.60
CA VAL C 270 -14.80 -16.77 -6.11
C VAL C 270 -13.56 -17.66 -5.95
N LYS C 271 -12.50 -17.30 -6.67
CA LYS C 271 -11.25 -18.04 -6.60
C LYS C 271 -10.12 -17.23 -5.97
N ILE C 272 -9.55 -17.77 -4.89
CA ILE C 272 -8.44 -17.15 -4.21
C ILE C 272 -7.23 -18.09 -4.24
N THR C 273 -6.08 -17.57 -4.62
CA THR C 273 -4.86 -18.39 -4.72
C THR C 273 -3.69 -17.68 -4.09
N TYR C 274 -2.69 -18.47 -3.70
CA TYR C 274 -1.53 -17.97 -2.98
C TYR C 274 -0.65 -19.15 -2.60
N SER C 275 0.55 -18.89 -2.12
CA SER C 275 1.47 -19.97 -1.78
C SER C 275 2.12 -19.77 -0.42
N ALA C 276 2.71 -20.84 0.09
CA ALA C 276 3.54 -20.76 1.28
C ALA C 276 4.74 -21.66 1.11
N THR C 277 5.81 -21.40 1.86
CA THR C 277 7.07 -22.14 1.76
C THR C 277 7.27 -22.99 2.99
N LEU C 278 7.50 -24.28 2.76
CA LEU C 278 7.80 -25.18 3.85
C LEU C 278 9.16 -24.79 4.40
N ASN C 279 9.25 -24.55 5.71
CA ASN C 279 10.50 -24.02 6.26
C ASN C 279 11.32 -24.95 7.16
N ASP C 280 12.44 -24.42 7.62
CA ASP C 280 13.41 -25.16 8.45
C ASP C 280 12.85 -25.62 9.79
N LYS C 281 11.64 -25.18 10.15
CA LYS C 281 11.01 -25.62 11.39
C LYS C 281 10.25 -26.94 11.25
N ALA C 282 9.92 -27.30 10.00
CA ALA C 282 9.24 -28.55 9.75
C ALA C 282 9.98 -29.66 10.47
N ILE C 283 9.23 -30.65 10.95
CA ILE C 283 9.83 -31.79 11.62
C ILE C 283 9.44 -32.99 10.79
N VAL C 284 10.36 -33.96 10.68
CA VAL C 284 10.12 -35.15 9.86
C VAL C 284 8.89 -35.94 10.33
N GLU C 285 8.00 -36.23 9.41
CA GLU C 285 6.81 -37.05 9.63
C GLU C 285 5.71 -36.36 10.44
N VAL C 286 5.95 -35.11 10.83
CA VAL C 286 4.95 -34.27 11.46
C VAL C 286 4.47 -33.24 10.43
N PRO C 287 3.29 -33.49 9.83
CA PRO C 287 2.73 -32.65 8.77
C PRO C 287 2.55 -31.19 9.18
N GLU C 288 2.52 -30.32 8.18
CA GLU C 288 2.21 -28.91 8.37
C GLU C 288 0.94 -28.61 7.59
N SER C 289 0.20 -27.58 8.02
CA SER C 289 -1.12 -27.30 7.45
C SER C 289 -1.55 -25.85 7.51
N ASN C 290 -2.40 -25.47 6.56
CA ASN C 290 -3.10 -24.20 6.63
C ASN C 290 -4.50 -24.49 7.18
N ASP C 291 -5.32 -23.47 7.31
CA ASP C 291 -6.64 -23.61 7.89
C ASP C 291 -7.45 -22.36 7.62
N VAL C 292 -8.31 -22.44 6.61
CA VAL C 292 -9.19 -21.37 6.23
C VAL C 292 -10.58 -21.58 6.81
N THR C 293 -11.24 -20.47 7.18
CA THR C 293 -12.66 -20.44 7.40
C THR C 293 -13.21 -19.25 6.61
N PHE C 294 -14.49 -19.29 6.27
CA PHE C 294 -15.14 -18.21 5.57
C PHE C 294 -16.24 -17.73 6.48
N ASN C 295 -16.18 -16.46 6.86
CA ASN C 295 -17.19 -15.90 7.74
C ASN C 295 -18.12 -14.96 6.98
N TYR C 296 -19.37 -15.37 6.78
CA TYR C 296 -20.33 -14.63 5.95
C TYR C 296 -21.69 -14.44 6.62
N GLY C 297 -22.53 -13.59 6.02
CA GLY C 297 -23.88 -13.34 6.56
C GLY C 297 -24.49 -12.02 6.13
N ASN C 298 -25.80 -11.88 6.34
CA ASN C 298 -26.52 -10.67 5.98
C ASN C 298 -26.33 -9.59 7.06
N ASN C 299 -25.78 -10.00 8.20
CA ASN C 299 -25.36 -9.04 9.22
C ASN C 299 -23.84 -9.02 9.27
N PRO C 300 -23.24 -7.87 9.56
CA PRO C 300 -21.77 -7.84 9.58
C PRO C 300 -21.24 -8.94 10.49
N ASP C 301 -20.19 -9.64 10.05
CA ASP C 301 -19.62 -10.73 10.85
C ASP C 301 -18.22 -10.45 11.37
N HIS C 302 -18.00 -10.80 12.63
CA HIS C 302 -16.72 -10.63 13.31
C HIS C 302 -15.94 -11.93 13.38
N GLY C 303 -16.54 -13.02 12.93
CA GLY C 303 -15.88 -14.32 12.95
C GLY C 303 -14.64 -14.39 12.07
N ASN C 304 -13.67 -15.16 12.54
CA ASN C 304 -12.45 -15.45 11.76
C ASN C 304 -11.99 -16.90 11.95
N THR C 305 -10.78 -17.22 11.50
CA THR C 305 -10.26 -18.59 11.56
C THR C 305 -9.34 -18.81 12.78
N PRO C 306 -9.32 -20.04 13.30
CA PRO C 306 -8.55 -20.34 14.51
C PRO C 306 -7.03 -20.22 14.36
N LYS C 307 -6.40 -19.60 15.35
CA LYS C 307 -4.95 -19.48 15.44
C LYS C 307 -4.41 -20.63 16.29
N PRO C 308 -3.55 -21.48 15.70
CA PRO C 308 -2.96 -22.65 16.35
C PRO C 308 -1.90 -22.28 17.38
N ASN C 309 -1.74 -23.14 18.37
CA ASN C 309 -0.76 -22.86 19.41
C ASN C 309 -0.24 -24.13 20.07
N LYS C 310 1.01 -24.06 20.55
CA LYS C 310 1.62 -25.11 21.34
C LYS C 310 1.21 -24.90 22.79
N PRO C 311 1.28 -25.96 23.61
CA PRO C 311 1.03 -25.79 25.04
C PRO C 311 2.18 -25.02 25.70
N ASN C 312 2.19 -25.01 27.03
CA ASN C 312 3.31 -24.43 27.76
C ASN C 312 4.31 -25.50 28.16
N GLU C 313 5.38 -25.10 28.82
CA GLU C 313 6.43 -26.03 29.23
C GLU C 313 5.86 -27.24 29.97
N ASN C 314 4.81 -27.01 30.75
CA ASN C 314 4.24 -28.07 31.58
C ASN C 314 3.36 -28.99 30.72
N GLY C 315 2.98 -28.52 29.54
CA GLY C 315 2.15 -29.31 28.63
C GLY C 315 0.66 -29.01 28.76
N ASP C 316 0.36 -27.84 29.31
CA ASP C 316 -1.03 -27.41 29.43
C ASP C 316 -1.39 -26.38 28.35
N LEU C 317 -2.69 -26.31 28.05
CA LEU C 317 -3.21 -25.35 27.09
C LEU C 317 -4.55 -24.84 27.59
N THR C 318 -4.62 -23.55 27.89
CA THR C 318 -5.84 -22.99 28.44
C THR C 318 -6.63 -22.14 27.46
N LEU C 319 -7.93 -22.42 27.41
CA LEU C 319 -8.86 -21.64 26.60
C LEU C 319 -9.56 -20.62 27.51
N THR C 320 -9.60 -19.37 27.06
CA THR C 320 -10.36 -18.36 27.77
C THR C 320 -11.36 -17.73 26.82
N LYS C 321 -12.63 -17.65 27.24
CA LYS C 321 -13.66 -17.05 26.39
C LYS C 321 -14.30 -15.81 27.05
N THR C 322 -14.56 -14.81 26.21
CA THR C 322 -15.31 -13.63 26.64
C THR C 322 -16.50 -13.40 25.69
N TRP C 323 -17.53 -12.73 26.18
CA TRP C 323 -18.75 -12.54 25.38
C TRP C 323 -19.14 -11.08 25.12
N VAL C 324 -19.30 -10.70 23.84
CA VAL C 324 -19.73 -9.33 23.49
C VAL C 324 -20.95 -9.27 22.55
N ASP C 325 -21.70 -8.17 22.60
CA ASP C 325 -22.85 -8.04 21.70
C ASP C 325 -22.35 -7.64 20.31
N ALA C 326 -23.23 -7.24 19.40
CA ALA C 326 -22.83 -6.93 18.02
C ALA C 326 -22.03 -5.63 17.89
N THR C 327 -22.17 -4.76 18.87
CA THR C 327 -21.46 -3.49 18.87
C THR C 327 -20.05 -3.66 19.42
N GLY C 328 -19.87 -4.65 20.30
CA GLY C 328 -18.57 -4.93 20.91
C GLY C 328 -18.63 -4.93 22.42
N ALA C 329 -19.74 -4.44 22.95
CA ALA C 329 -19.93 -4.31 24.39
C ALA C 329 -20.09 -5.66 25.11
N PRO C 330 -19.47 -5.77 26.29
CA PRO C 330 -19.53 -6.98 27.12
C PRO C 330 -20.96 -7.40 27.41
N ILE C 331 -21.17 -8.71 27.58
CA ILE C 331 -22.48 -9.25 27.95
C ILE C 331 -22.33 -10.63 28.58
N PRO C 332 -23.20 -10.96 29.54
CA PRO C 332 -23.07 -12.28 30.17
C PRO C 332 -23.18 -13.43 29.16
N ALA C 333 -22.47 -14.52 29.44
CA ALA C 333 -22.47 -15.70 28.60
C ALA C 333 -23.89 -16.12 28.22
N GLY C 334 -24.11 -16.33 26.92
CA GLY C 334 -25.42 -16.73 26.42
C GLY C 334 -25.67 -18.23 26.32
N ALA C 335 -24.61 -19.01 26.16
CA ALA C 335 -24.78 -20.47 26.02
C ALA C 335 -23.57 -21.29 26.45
N GLU C 336 -23.79 -22.59 26.66
CA GLU C 336 -22.69 -23.53 26.77
C GLU C 336 -21.88 -23.37 25.51
N ALA C 337 -20.57 -23.51 25.63
CA ALA C 337 -19.70 -23.46 24.47
C ALA C 337 -18.90 -24.75 24.44
N THR C 338 -19.13 -25.55 23.41
CA THR C 338 -18.40 -26.81 23.22
C THR C 338 -17.29 -26.55 22.21
N PHE C 339 -16.09 -27.08 22.48
CA PHE C 339 -14.96 -26.91 21.58
C PHE C 339 -14.30 -28.24 21.28
N ASP C 340 -13.92 -28.45 20.02
CA ASP C 340 -13.09 -29.60 19.69
C ASP C 340 -11.65 -29.13 19.65
N LEU C 341 -10.83 -29.68 20.53
CA LEU C 341 -9.40 -29.41 20.48
C LEU C 341 -8.86 -30.26 19.35
N VAL C 342 -8.32 -29.60 18.34
CA VAL C 342 -7.78 -30.33 17.21
C VAL C 342 -6.25 -30.30 17.23
N ASN C 343 -5.65 -31.41 16.85
CA ASN C 343 -4.23 -31.43 16.59
C ASN C 343 -4.04 -30.64 15.30
N ALA C 344 -3.49 -29.45 15.38
CA ALA C 344 -3.44 -28.56 14.22
C ALA C 344 -2.37 -28.97 13.21
N GLN C 345 -1.65 -30.04 13.52
CA GLN C 345 -0.65 -30.57 12.60
C GLN C 345 -1.31 -31.56 11.67
N THR C 346 -2.21 -32.37 12.22
CA THR C 346 -2.82 -33.48 11.49
C THR C 346 -4.31 -33.32 11.22
N GLY C 347 -4.92 -32.35 11.91
CA GLY C 347 -6.33 -32.01 11.70
C GLY C 347 -7.29 -32.87 12.50
N LYS C 348 -6.75 -33.79 13.27
CA LYS C 348 -7.56 -34.78 13.96
C LYS C 348 -8.00 -34.39 15.37
N VAL C 349 -9.27 -34.67 15.65
CA VAL C 349 -9.92 -34.38 16.93
C VAL C 349 -9.25 -35.09 18.10
N VAL C 350 -8.67 -34.33 19.02
CA VAL C 350 -7.99 -34.92 20.17
C VAL C 350 -8.93 -35.14 21.36
N GLN C 351 -9.99 -34.34 21.46
CA GLN C 351 -10.77 -34.25 22.69
C GLN C 351 -11.86 -33.18 22.54
N THR C 352 -12.88 -33.25 23.39
CA THR C 352 -13.97 -32.28 23.36
C THR C 352 -14.11 -31.59 24.72
N VAL C 353 -13.76 -30.31 24.78
CA VAL C 353 -13.97 -29.53 26.01
C VAL C 353 -15.25 -28.70 25.95
N THR C 354 -15.83 -28.39 27.10
CA THR C 354 -17.04 -27.53 27.15
C THR C 354 -16.95 -26.45 28.24
N LEU C 355 -17.28 -25.21 27.85
CA LEU C 355 -17.28 -24.05 28.76
C LEU C 355 -18.67 -23.67 29.24
N THR C 356 -18.94 -23.94 30.52
CA THR C 356 -20.24 -23.64 31.11
C THR C 356 -20.43 -22.13 31.25
N THR C 357 -21.66 -21.72 31.55
CA THR C 357 -22.03 -20.30 31.66
C THR C 357 -21.25 -19.59 32.77
N ASP C 358 -20.88 -20.35 33.79
CA ASP C 358 -20.32 -19.79 35.02
C ASP C 358 -18.80 -19.86 35.10
N LYS C 359 -18.19 -20.61 34.19
CA LYS C 359 -16.73 -20.67 34.11
C LYS C 359 -16.30 -20.21 32.73
N ASN C 360 -15.50 -19.16 32.67
CA ASN C 360 -15.13 -18.58 31.37
C ASN C 360 -13.79 -19.08 30.81
N THR C 361 -13.30 -20.20 31.34
CA THR C 361 -12.08 -20.82 30.82
C THR C 361 -12.01 -22.32 31.11
N VAL C 362 -11.17 -23.02 30.36
CA VAL C 362 -10.98 -24.45 30.55
C VAL C 362 -9.51 -24.81 30.28
N THR C 363 -9.06 -25.93 30.85
CA THR C 363 -7.69 -26.40 30.68
C THR C 363 -7.62 -27.87 30.26
N VAL C 364 -6.70 -28.18 29.35
CA VAL C 364 -6.41 -29.55 28.95
C VAL C 364 -4.99 -29.93 29.39
N ASN C 365 -4.83 -31.15 29.92
CA ASN C 365 -3.52 -31.59 30.42
C ASN C 365 -2.84 -32.69 29.58
N GLY C 366 -1.56 -32.91 29.86
CA GLY C 366 -0.80 -34.01 29.24
C GLY C 366 -0.72 -33.89 27.73
N LEU C 367 -0.35 -32.70 27.26
CA LEU C 367 -0.24 -32.40 25.84
C LEU C 367 1.22 -32.23 25.43
N ASP C 368 1.50 -32.52 24.15
CA ASP C 368 2.87 -32.52 23.64
C ASP C 368 3.39 -31.10 23.39
N LYS C 369 4.37 -30.72 24.20
CA LYS C 369 4.93 -29.38 24.21
C LYS C 369 5.43 -28.89 22.84
N ASN C 370 5.71 -29.82 21.94
CA ASN C 370 6.23 -29.48 20.62
C ASN C 370 5.19 -29.42 19.52
N THR C 371 3.95 -29.75 19.84
CA THR C 371 2.91 -29.81 18.83
C THR C 371 1.95 -28.62 18.92
N GLU C 372 1.30 -28.30 17.79
CA GLU C 372 0.42 -27.15 17.74
C GLU C 372 -1.02 -27.61 17.67
N TYR C 373 -1.83 -27.02 18.54
CA TYR C 373 -3.22 -27.41 18.65
C TYR C 373 -4.13 -26.21 18.43
N LYS C 374 -5.41 -26.47 18.18
CA LYS C 374 -6.38 -25.39 18.08
C LYS C 374 -7.72 -25.77 18.70
N PHE C 375 -8.36 -24.84 19.39
CA PHE C 375 -9.73 -25.02 19.85
C PHE C 375 -10.68 -24.52 18.78
N VAL C 376 -11.38 -25.45 18.14
CA VAL C 376 -12.33 -25.10 17.13
C VAL C 376 -13.73 -25.10 17.75
N GLU C 377 -14.45 -24.00 17.59
CA GLU C 377 -15.71 -23.83 18.26
C GLU C 377 -16.89 -24.49 17.54
N ARG C 378 -17.56 -25.43 18.21
CA ARG C 378 -18.78 -25.98 17.65
C ARG C 378 -19.81 -24.87 17.61
N SER C 379 -20.19 -24.49 16.39
CA SER C 379 -21.18 -23.44 16.16
C SER C 379 -22.18 -23.23 17.29
N ILE C 380 -22.23 -22.00 17.79
CA ILE C 380 -23.23 -21.59 18.75
C ILE C 380 -24.17 -20.59 18.09
N LYS C 381 -25.46 -20.90 18.14
CA LYS C 381 -26.48 -20.12 17.47
C LYS C 381 -26.40 -18.63 17.80
N GLY C 382 -26.25 -17.81 16.76
CA GLY C 382 -26.27 -16.35 16.92
C GLY C 382 -24.98 -15.68 17.36
N TYR C 383 -23.93 -16.46 17.55
CA TYR C 383 -22.63 -15.92 17.94
C TYR C 383 -21.56 -16.29 16.93
N SER C 384 -20.66 -15.36 16.68
CA SER C 384 -19.56 -15.64 15.80
C SER C 384 -18.29 -15.72 16.62
N ALA C 385 -17.46 -16.72 16.28
CA ALA C 385 -16.23 -17.03 16.98
C ALA C 385 -15.11 -16.18 16.45
N ASP C 386 -14.58 -15.30 17.30
CA ASP C 386 -13.45 -14.46 16.92
C ASP C 386 -12.19 -14.86 17.68
N TYR C 387 -11.26 -15.52 16.99
CA TYR C 387 -10.09 -16.07 17.68
C TYR C 387 -9.00 -15.02 17.74
N GLN C 388 -8.54 -14.70 18.95
CA GLN C 388 -7.55 -13.64 19.11
C GLN C 388 -6.18 -14.09 18.60
N GLU C 389 -5.29 -13.11 18.36
CA GLU C 389 -3.93 -13.41 17.92
C GLU C 389 -3.14 -14.03 19.06
N ILE C 390 -2.23 -14.93 18.74
CA ILE C 390 -1.48 -15.66 19.77
C ILE C 390 -0.39 -14.81 20.40
N THR C 391 -0.33 -14.83 21.73
CA THR C 391 0.58 -13.95 22.47
C THR C 391 1.55 -14.71 23.36
N THR C 392 1.06 -15.74 24.03
CA THR C 392 1.85 -16.60 24.88
C THR C 392 1.63 -18.04 24.42
N ALA C 393 2.53 -18.96 24.80
CA ALA C 393 2.29 -20.37 24.56
C ALA C 393 1.53 -20.90 25.78
N GLY C 394 0.62 -21.84 25.55
CA GLY C 394 -0.23 -22.37 26.62
C GLY C 394 -1.53 -21.59 26.75
N GLU C 395 -1.68 -20.54 25.93
CA GLU C 395 -2.82 -19.62 26.04
C GLU C 395 -3.53 -19.31 24.72
N ILE C 396 -4.80 -19.73 24.61
CA ILE C 396 -5.67 -19.36 23.50
C ILE C 396 -6.89 -18.61 24.03
N ALA C 397 -7.36 -17.63 23.26
CA ALA C 397 -8.44 -16.72 23.67
C ALA C 397 -9.46 -16.53 22.56
N VAL C 398 -10.74 -16.64 22.90
CA VAL C 398 -11.82 -16.52 21.92
C VAL C 398 -12.89 -15.53 22.36
N LYS C 399 -13.35 -14.71 21.43
CA LYS C 399 -14.42 -13.77 21.72
C LYS C 399 -15.64 -14.05 20.82
N ASN C 400 -16.77 -14.41 21.42
CA ASN C 400 -17.99 -14.71 20.67
C ASN C 400 -18.89 -13.47 20.49
N TRP C 401 -19.00 -12.98 19.25
CA TRP C 401 -19.86 -11.82 18.93
C TRP C 401 -21.32 -12.20 18.72
N LYS C 402 -22.26 -11.37 19.15
CA LYS C 402 -23.67 -11.66 18.93
C LYS C 402 -24.06 -11.09 17.58
N ASP C 403 -23.64 -11.79 16.53
CA ASP C 403 -23.90 -11.34 15.15
C ASP C 403 -25.18 -11.96 14.57
N GLU C 404 -25.68 -13.02 15.21
CA GLU C 404 -26.90 -13.69 14.73
C GLU C 404 -26.74 -14.06 13.25
N ASN C 405 -25.53 -14.44 12.87
CA ASN C 405 -25.21 -14.83 11.50
C ASN C 405 -25.22 -16.34 11.35
N PRO C 406 -25.04 -16.84 10.12
CA PRO C 406 -25.01 -18.28 9.98
C PRO C 406 -23.67 -18.81 10.47
N LYS C 407 -23.60 -20.12 10.72
CA LYS C 407 -22.33 -20.74 11.08
C LYS C 407 -21.39 -20.54 9.92
N PRO C 408 -20.10 -20.34 10.23
CA PRO C 408 -19.12 -20.09 9.17
C PRO C 408 -18.89 -21.35 8.34
N LEU C 409 -18.38 -21.17 7.12
CA LEU C 409 -18.03 -22.31 6.28
C LEU C 409 -16.61 -22.74 6.64
N ASP C 410 -16.38 -24.05 6.77
CA ASP C 410 -15.09 -24.52 7.25
C ASP C 410 -14.59 -25.78 6.55
N PRO C 411 -14.06 -25.62 5.33
CA PRO C 411 -13.57 -26.72 4.52
C PRO C 411 -12.40 -27.41 5.20
N THR C 412 -12.09 -28.64 4.81
CA THR C 412 -10.89 -29.32 5.30
C THR C 412 -9.69 -28.82 4.50
N GLU C 413 -8.48 -29.08 5.01
CA GLU C 413 -7.28 -28.64 4.33
C GLU C 413 -6.27 -29.78 4.07
N PRO C 414 -5.46 -29.65 3.00
CA PRO C 414 -4.51 -30.70 2.65
C PRO C 414 -3.27 -30.62 3.53
N LYS C 415 -2.34 -31.54 3.40
CA LYS C 415 -1.22 -31.58 4.32
C LYS C 415 0.10 -31.85 3.59
N VAL C 416 1.19 -31.39 4.19
CA VAL C 416 2.52 -31.57 3.62
C VAL C 416 3.47 -32.00 4.73
N VAL C 417 4.41 -32.86 4.38
CA VAL C 417 5.35 -33.44 5.35
C VAL C 417 6.72 -33.73 4.71
N THR C 418 7.78 -33.66 5.50
CA THR C 418 9.12 -34.00 5.01
C THR C 418 9.56 -35.34 5.56
N TYR C 419 10.51 -35.98 4.88
CA TYR C 419 11.10 -37.22 5.37
C TYR C 419 12.55 -37.07 5.86
N GLY C 420 13.14 -38.18 6.31
CA GLY C 420 14.48 -38.17 6.90
C GLY C 420 15.04 -39.56 7.20
N LYS C 421 16.16 -39.60 7.90
CA LYS C 421 16.86 -40.86 8.11
C LYS C 421 17.96 -40.70 9.17
N LYS C 422 18.06 -41.67 10.07
CA LYS C 422 19.08 -41.64 11.15
C LYS C 422 20.18 -42.69 10.95
N PHE C 423 21.38 -42.40 11.46
CA PHE C 423 22.50 -43.31 11.38
C PHE C 423 23.29 -43.34 12.69
N VAL C 424 23.95 -44.47 12.94
CA VAL C 424 24.86 -44.63 14.07
C VAL C 424 26.20 -45.12 13.51
N LYS C 425 27.29 -44.44 13.85
CA LYS C 425 28.63 -44.84 13.38
C LYS C 425 29.26 -45.79 14.36
N VAL C 426 29.77 -46.91 13.85
CA VAL C 426 30.31 -47.95 14.70
C VAL C 426 31.49 -48.63 14.05
N ASN C 427 32.22 -49.41 14.84
CA ASN C 427 33.18 -50.36 14.33
C ASN C 427 32.47 -51.71 14.27
N ASP C 428 33.21 -52.78 14.01
CA ASP C 428 32.58 -54.10 13.87
C ASP C 428 32.09 -54.68 15.20
N LYS C 429 32.53 -54.07 16.29
CA LYS C 429 32.17 -54.48 17.65
C LYS C 429 31.04 -53.59 18.17
N ASP C 430 30.22 -53.09 17.25
CA ASP C 430 29.11 -52.18 17.55
C ASP C 430 29.44 -50.95 18.42
N ASN C 431 30.73 -50.71 18.70
CA ASN C 431 31.14 -49.53 19.48
C ASN C 431 30.86 -48.22 18.73
N ARG C 432 30.06 -47.35 19.35
CA ARG C 432 29.70 -46.07 18.75
C ARG C 432 30.90 -45.13 18.67
N LEU C 433 30.99 -44.37 17.59
CA LEU C 433 32.17 -43.56 17.29
C LEU C 433 31.83 -42.14 16.90
N ALA C 434 32.63 -41.20 17.39
CA ALA C 434 32.33 -39.78 17.23
C ALA C 434 33.24 -39.06 16.24
N GLY C 435 32.70 -38.03 15.57
CA GLY C 435 33.50 -37.14 14.72
C GLY C 435 33.61 -37.52 13.26
N ALA C 436 33.15 -38.72 12.91
CA ALA C 436 33.08 -39.14 11.50
C ALA C 436 32.21 -38.17 10.69
N GLU C 437 32.76 -37.60 9.62
CA GLU C 437 32.02 -36.62 8.81
C GLU C 437 31.65 -37.20 7.45
N PHE C 438 30.40 -37.00 7.05
CA PHE C 438 29.86 -37.62 5.87
C PHE C 438 29.20 -36.59 4.95
N VAL C 439 28.98 -36.97 3.69
CA VAL C 439 28.16 -36.16 2.79
C VAL C 439 27.17 -37.06 2.05
N ILE C 440 26.26 -36.44 1.30
CA ILE C 440 25.20 -37.18 0.64
C ILE C 440 25.28 -37.02 -0.87
N ALA C 441 25.31 -38.15 -1.59
CA ALA C 441 25.27 -38.14 -3.04
C ALA C 441 24.04 -38.88 -3.57
N ASN C 442 23.81 -38.78 -4.88
CA ASN C 442 22.64 -39.38 -5.53
C ASN C 442 22.99 -40.57 -6.41
N ALA C 443 24.23 -41.05 -6.31
CA ALA C 443 24.70 -42.20 -7.05
C ALA C 443 25.84 -42.87 -6.29
N ASP C 444 25.93 -44.20 -6.36
CA ASP C 444 26.97 -44.92 -5.66
C ASP C 444 28.33 -44.47 -6.17
N ASN C 445 28.32 -43.81 -7.32
CA ASN C 445 29.58 -43.49 -7.95
C ASN C 445 29.89 -42.01 -8.09
N ALA C 446 29.50 -41.39 -9.18
CA ALA C 446 29.90 -40.01 -9.39
C ALA C 446 28.80 -39.10 -8.87
N GLY C 447 28.00 -38.59 -9.81
CA GLY C 447 26.81 -37.81 -9.46
C GLY C 447 27.08 -36.53 -8.70
N GLN C 448 26.05 -36.07 -8.01
CA GLN C 448 26.07 -34.78 -7.32
C GLN C 448 25.99 -34.96 -5.80
N TYR C 449 26.09 -33.84 -5.07
CA TYR C 449 26.03 -33.89 -3.61
C TYR C 449 24.95 -32.96 -3.11
N LEU C 450 24.32 -33.34 -2.00
CA LEU C 450 23.25 -32.54 -1.44
C LEU C 450 23.83 -31.30 -0.79
N ALA C 451 23.24 -30.17 -1.14
CA ALA C 451 23.72 -28.88 -0.70
C ALA C 451 22.50 -28.02 -0.53
N ARG C 452 22.59 -27.01 0.33
CA ARG C 452 21.53 -26.02 0.40
C ARG C 452 21.76 -24.97 -0.69
N LYS C 453 20.69 -24.45 -1.28
CA LYS C 453 20.76 -23.40 -2.30
C LYS C 453 21.44 -22.16 -1.74
N ALA C 454 22.55 -21.75 -2.37
CA ALA C 454 23.36 -20.61 -1.92
C ALA C 454 22.57 -19.30 -1.83
N ASP C 455 21.72 -19.04 -2.81
CA ASP C 455 20.98 -17.79 -2.88
C ASP C 455 19.80 -17.72 -1.90
N LYS C 456 19.47 -18.85 -1.29
CA LYS C 456 18.32 -18.92 -0.38
C LYS C 456 18.78 -19.08 1.08
N VAL C 457 20.09 -18.89 1.30
CA VAL C 457 20.66 -18.97 2.65
C VAL C 457 21.24 -17.61 3.06
N SER C 458 21.21 -17.32 4.35
CA SER C 458 21.66 -16.03 4.87
C SER C 458 23.14 -15.95 5.10
N GLN C 459 23.69 -14.77 4.86
CA GLN C 459 25.10 -14.52 5.15
C GLN C 459 25.40 -14.68 6.63
N GLU C 460 24.37 -14.96 7.43
CA GLU C 460 24.53 -15.18 8.88
C GLU C 460 24.39 -16.67 9.25
N GLU C 461 23.53 -17.38 8.52
CA GLU C 461 23.37 -18.82 8.71
C GLU C 461 24.62 -19.58 8.25
N LYS C 462 25.20 -19.14 7.13
CA LYS C 462 26.50 -19.64 6.69
C LYS C 462 27.51 -19.65 7.85
N GLN C 463 27.60 -18.53 8.57
CA GLN C 463 28.58 -18.35 9.64
C GLN C 463 28.35 -19.36 10.77
N LEU C 464 27.13 -19.41 11.27
CA LEU C 464 26.78 -20.26 12.42
C LEU C 464 27.15 -21.72 12.22
N VAL C 465 27.07 -22.18 10.97
CA VAL C 465 27.45 -23.55 10.65
C VAL C 465 28.96 -23.71 10.78
N VAL C 466 29.71 -22.72 10.32
CA VAL C 466 31.16 -22.77 10.50
C VAL C 466 31.51 -22.66 11.98
N THR C 467 30.83 -21.76 12.68
CA THR C 467 31.10 -21.50 14.10
C THR C 467 30.95 -22.77 14.93
N THR C 468 29.78 -23.38 14.83
CA THR C 468 29.50 -24.61 15.57
C THR C 468 30.39 -25.76 15.10
N LYS C 469 30.78 -25.72 13.82
CA LYS C 469 31.68 -26.72 13.26
C LYS C 469 33.03 -26.65 13.97
N ASP C 470 33.66 -25.48 13.91
CA ASP C 470 34.91 -25.28 14.64
C ASP C 470 34.68 -25.71 16.09
N ALA C 471 33.62 -25.18 16.70
CA ALA C 471 33.25 -25.54 18.07
C ALA C 471 33.24 -27.04 18.27
N LEU C 472 32.72 -27.78 17.28
CA LEU C 472 32.69 -29.24 17.31
C LEU C 472 34.06 -29.86 17.01
N ASP C 473 34.77 -29.28 16.04
CA ASP C 473 36.13 -29.73 15.76
C ASP C 473 36.87 -29.96 17.06
N ARG C 474 37.05 -28.88 17.81
CA ARG C 474 37.80 -28.91 19.05
C ARG C 474 37.29 -29.98 20.02
N ALA C 475 35.98 -29.98 20.28
CA ALA C 475 35.37 -30.98 21.16
C ALA C 475 35.82 -32.40 20.81
N VAL C 476 35.76 -32.73 19.53
CA VAL C 476 36.21 -34.04 19.05
C VAL C 476 37.70 -34.18 19.31
N ALA C 477 38.44 -33.12 19.00
CA ALA C 477 39.90 -33.08 19.16
C ALA C 477 40.28 -33.35 20.62
N ALA C 478 39.63 -32.63 21.54
CA ALA C 478 39.85 -32.86 22.96
C ALA C 478 39.38 -34.26 23.39
N TYR C 479 38.37 -34.78 22.69
CA TYR C 479 37.76 -36.08 23.05
C TYR C 479 38.57 -37.27 22.53
N ASN C 480 39.44 -37.01 21.56
CA ASN C 480 40.31 -38.07 21.06
C ASN C 480 41.60 -38.16 21.87
N ALA C 481 42.00 -37.03 22.44
CA ALA C 481 43.24 -36.95 23.19
C ALA C 481 43.16 -37.73 24.50
N LEU C 482 41.99 -38.31 24.76
CA LEU C 482 41.74 -39.06 25.97
C LEU C 482 41.69 -40.56 25.66
N THR C 483 41.90 -41.38 26.67
CA THR C 483 41.90 -42.83 26.49
C THR C 483 40.53 -43.46 26.75
N ALA C 484 40.30 -44.63 26.14
CA ALA C 484 39.03 -45.36 26.29
C ALA C 484 38.60 -45.44 27.74
N GLN C 485 39.58 -45.59 28.63
CA GLN C 485 39.33 -45.66 30.06
C GLN C 485 38.68 -44.34 30.52
N GLN C 486 39.31 -43.23 30.12
CA GLN C 486 38.90 -41.90 30.54
C GLN C 486 37.61 -41.42 29.89
N GLN C 487 37.17 -42.14 28.85
CA GLN C 487 36.04 -41.68 28.03
C GLN C 487 34.65 -41.97 28.59
N THR C 488 34.37 -41.32 29.72
CA THR C 488 33.14 -41.51 30.48
C THR C 488 31.96 -40.75 29.91
N GLN C 489 30.82 -40.90 30.56
CA GLN C 489 29.59 -40.20 30.18
C GLN C 489 29.83 -38.69 30.04
N GLN C 490 30.38 -38.09 31.09
CA GLN C 490 30.58 -36.64 31.12
C GLN C 490 31.32 -36.16 29.88
N GLU C 491 32.40 -36.85 29.54
CA GLU C 491 33.20 -36.47 28.38
C GLU C 491 32.37 -36.61 27.09
N LYS C 492 31.71 -37.76 26.94
CA LYS C 492 30.84 -38.01 25.80
C LYS C 492 29.77 -36.92 25.68
N GLU C 493 29.21 -36.51 26.81
CA GLU C 493 28.22 -35.44 26.84
C GLU C 493 28.67 -34.13 26.19
N LYS C 494 29.91 -33.74 26.43
CA LYS C 494 30.43 -32.45 25.92
C LYS C 494 30.48 -32.42 24.39
N VAL C 495 30.72 -33.59 23.79
CA VAL C 495 30.75 -33.69 22.33
C VAL C 495 29.31 -33.58 21.83
N ASP C 496 28.40 -34.18 22.58
CA ASP C 496 26.99 -34.17 22.24
C ASP C 496 26.41 -32.77 22.23
N LYS C 497 27.02 -31.86 22.99
CA LYS C 497 26.63 -30.46 22.95
C LYS C 497 27.09 -29.84 21.64
N ALA C 498 28.38 -29.98 21.36
CA ALA C 498 28.98 -29.41 20.15
C ALA C 498 28.24 -29.90 18.90
N GLN C 499 27.99 -31.20 18.85
CA GLN C 499 27.33 -31.82 17.71
C GLN C 499 25.88 -31.34 17.55
N ALA C 500 25.11 -31.41 18.64
CA ALA C 500 23.71 -31.00 18.63
C ALA C 500 23.52 -29.55 18.19
N ALA C 501 24.55 -28.73 18.41
CA ALA C 501 24.53 -27.34 18.01
C ALA C 501 24.94 -27.20 16.55
N TYR C 502 25.88 -28.02 16.12
CA TYR C 502 26.22 -28.05 14.71
C TYR C 502 25.01 -28.54 13.92
N ASN C 503 24.42 -29.64 14.39
CA ASN C 503 23.23 -30.20 13.76
C ASN C 503 22.11 -29.18 13.66
N ALA C 504 21.75 -28.58 14.80
CA ALA C 504 20.68 -27.60 14.83
C ALA C 504 21.01 -26.41 13.92
N ALA C 505 22.27 -26.05 13.78
CA ALA C 505 22.61 -24.97 12.84
C ALA C 505 22.64 -25.45 11.37
N VAL C 506 22.88 -26.75 11.17
CA VAL C 506 22.77 -27.29 9.83
C VAL C 506 21.33 -27.17 9.34
N ILE C 507 20.42 -27.78 10.09
CA ILE C 507 19.00 -27.75 9.75
C ILE C 507 18.53 -26.33 9.55
N ALA C 508 19.02 -25.41 10.39
CA ALA C 508 18.61 -24.01 10.27
C ALA C 508 19.11 -23.36 8.97
N ALA C 509 20.30 -23.76 8.54
CA ALA C 509 20.84 -23.27 7.25
C ALA C 509 20.22 -23.98 6.03
N ASN C 510 19.69 -25.19 6.24
CA ASN C 510 19.02 -25.92 5.17
C ASN C 510 17.62 -25.42 4.92
N ASN C 511 17.52 -24.27 4.24
CA ASN C 511 16.24 -23.65 3.92
C ASN C 511 15.77 -24.08 2.55
N ALA C 512 16.68 -24.65 1.79
CA ALA C 512 16.38 -25.09 0.45
C ALA C 512 17.54 -25.97 -0.02
N PHE C 513 17.25 -26.88 -0.93
CA PHE C 513 18.25 -27.84 -1.36
C PHE C 513 18.53 -27.72 -2.86
N GLU C 514 19.75 -28.08 -3.24
CA GLU C 514 20.09 -28.29 -4.65
C GLU C 514 21.22 -29.30 -4.75
N TRP C 515 21.29 -30.02 -5.86
CA TRP C 515 22.38 -30.96 -6.11
C TRP C 515 23.53 -30.22 -6.81
N VAL C 516 24.77 -30.46 -6.39
CA VAL C 516 25.92 -29.77 -7.00
C VAL C 516 27.08 -30.67 -7.26
N ALA C 517 27.99 -30.23 -8.14
CA ALA C 517 29.09 -31.07 -8.64
C ALA C 517 30.26 -31.30 -7.70
N ASP C 518 30.59 -30.29 -6.90
CA ASP C 518 31.80 -30.39 -6.07
C ASP C 518 31.52 -30.55 -4.57
N LYS C 519 31.97 -31.66 -4.00
CA LYS C 519 31.86 -31.89 -2.55
C LYS C 519 32.75 -30.90 -1.80
N ASP C 520 33.53 -30.15 -2.57
CA ASP C 520 34.40 -29.10 -2.07
C ASP C 520 33.57 -27.87 -1.77
N ASN C 521 32.34 -27.85 -2.26
CA ASN C 521 31.47 -26.71 -2.06
C ASN C 521 31.27 -26.42 -0.58
N GLU C 522 31.09 -25.14 -0.25
CA GLU C 522 30.86 -24.71 1.13
C GLU C 522 29.43 -24.95 1.58
N ASN C 523 28.53 -25.04 0.60
CA ASN C 523 27.10 -25.15 0.83
C ASN C 523 26.62 -26.61 0.97
N VAL C 524 27.56 -27.54 0.90
CA VAL C 524 27.26 -28.96 0.94
C VAL C 524 26.91 -29.45 2.34
N VAL C 525 25.78 -30.12 2.45
CA VAL C 525 25.37 -30.57 3.75
C VAL C 525 26.35 -31.61 4.28
N LYS C 526 26.94 -31.29 5.44
CA LYS C 526 27.90 -32.19 6.07
C LYS C 526 27.40 -32.66 7.42
N LEU C 527 27.41 -33.97 7.60
CA LEU C 527 26.95 -34.61 8.82
C LEU C 527 28.15 -35.13 9.58
N VAL C 528 28.04 -35.12 10.90
CA VAL C 528 29.14 -35.50 11.78
C VAL C 528 28.59 -36.35 12.94
N SER C 529 29.33 -37.38 13.34
CA SER C 529 28.83 -38.28 14.37
C SER C 529 29.15 -37.76 15.75
N ASP C 530 28.18 -37.84 16.65
CA ASP C 530 28.41 -37.41 18.03
C ASP C 530 29.06 -38.57 18.81
N ALA C 531 29.23 -38.41 20.11
CA ALA C 531 29.92 -39.43 20.92
C ALA C 531 29.06 -40.69 21.11
N GLN C 532 27.82 -40.61 20.64
CA GLN C 532 26.94 -41.78 20.56
C GLN C 532 26.82 -42.21 19.09
N GLY C 533 27.85 -41.88 18.30
CA GLY C 533 27.88 -42.15 16.86
C GLY C 533 26.58 -41.87 16.11
N ARG C 534 25.93 -40.75 16.44
CA ARG C 534 24.66 -40.38 15.82
C ARG C 534 24.80 -39.24 14.82
N PHE C 535 24.06 -39.35 13.73
CA PHE C 535 23.90 -38.26 12.78
C PHE C 535 22.64 -38.57 11.97
N GLU C 536 22.17 -37.59 11.22
CA GLU C 536 20.86 -37.71 10.61
C GLU C 536 20.66 -36.57 9.63
N ILE C 537 19.72 -36.79 8.72
CA ILE C 537 19.42 -35.82 7.67
C ILE C 537 17.91 -35.62 7.63
N THR C 538 17.47 -34.35 7.68
CA THR C 538 16.04 -34.07 7.78
C THR C 538 15.57 -33.12 6.70
N GLY C 539 14.27 -33.11 6.48
CA GLY C 539 13.66 -32.21 5.50
C GLY C 539 13.69 -32.64 4.05
N LEU C 540 13.86 -33.96 3.80
CA LEU C 540 14.06 -34.49 2.43
C LEU C 540 12.86 -35.06 1.69
N LEU C 541 13.01 -35.24 0.36
CA LEU C 541 12.05 -36.00 -0.44
C LEU C 541 12.34 -37.50 -0.35
N ALA C 542 11.29 -38.31 -0.42
CA ALA C 542 11.46 -39.76 -0.47
C ALA C 542 12.42 -40.09 -1.61
N GLY C 543 13.04 -41.27 -1.56
CA GLY C 543 13.98 -41.65 -2.61
C GLY C 543 15.30 -42.22 -2.13
N THR C 544 16.18 -42.46 -3.10
CA THR C 544 17.45 -43.16 -2.88
C THR C 544 18.66 -42.22 -2.76
N TYR C 545 19.52 -42.49 -1.78
CA TYR C 545 20.68 -41.63 -1.55
C TYR C 545 21.84 -42.49 -1.09
N TYR C 546 23.01 -41.88 -1.10
CA TYR C 546 24.24 -42.57 -0.77
C TYR C 546 25.06 -41.71 0.17
N LEU C 547 25.52 -42.32 1.25
CA LEU C 547 26.47 -41.66 2.16
C LEU C 547 27.89 -41.80 1.64
N GLU C 548 28.61 -40.68 1.57
CA GLU C 548 30.04 -40.71 1.36
C GLU C 548 30.75 -40.24 2.62
N GLU C 549 31.72 -41.01 3.09
CA GLU C 549 32.49 -40.57 4.24
C GLU C 549 33.65 -39.68 3.80
N THR C 550 33.60 -38.41 4.20
CA THR C 550 34.68 -37.48 3.86
C THR C 550 35.79 -37.48 4.90
N LYS C 551 35.45 -37.82 6.13
CA LYS C 551 36.47 -37.92 7.19
C LYS C 551 36.07 -39.00 8.20
N GLN C 552 37.02 -39.83 8.61
CA GLN C 552 36.72 -40.91 9.54
C GLN C 552 37.10 -40.62 11.01
N PRO C 553 36.43 -41.33 11.95
CA PRO C 553 36.83 -41.30 13.34
C PRO C 553 38.30 -41.65 13.46
N ALA C 554 39.00 -40.94 14.34
CA ALA C 554 40.44 -41.07 14.47
C ALA C 554 40.84 -42.50 14.83
N GLY C 555 41.78 -43.06 14.07
CA GLY C 555 42.27 -44.42 14.27
C GLY C 555 41.62 -45.42 13.34
N TYR C 556 40.90 -44.91 12.34
CA TYR C 556 40.20 -45.78 11.39
C TYR C 556 40.58 -45.53 9.94
N ALA C 557 40.34 -46.53 9.11
CA ALA C 557 40.46 -46.36 7.68
C ALA C 557 39.20 -45.65 7.17
N LEU C 558 39.42 -44.76 6.20
CA LEU C 558 38.35 -44.08 5.47
C LEU C 558 37.61 -45.10 4.57
N LEU C 559 36.28 -45.02 4.53
CA LEU C 559 35.49 -45.95 3.72
C LEU C 559 35.80 -45.83 2.22
N THR C 560 35.96 -46.98 1.55
CA THR C 560 36.28 -46.95 0.11
C THR C 560 35.04 -46.94 -0.74
N SER C 561 33.87 -47.07 -0.10
CA SER C 561 32.59 -47.11 -0.80
C SER C 561 31.56 -46.20 -0.19
N ARG C 562 30.58 -45.80 -0.98
CA ARG C 562 29.43 -45.09 -0.48
C ARG C 562 28.46 -46.12 0.08
N GLN C 563 27.45 -45.66 0.80
CA GLN C 563 26.54 -46.57 1.45
C GLN C 563 25.14 -46.11 1.14
N LYS C 564 24.42 -46.95 0.41
CA LYS C 564 23.09 -46.62 -0.07
C LYS C 564 22.08 -46.63 1.08
N PHE C 565 21.12 -45.72 1.04
CA PHE C 565 20.05 -45.71 2.03
C PHE C 565 18.77 -45.15 1.43
N GLU C 566 17.65 -45.59 1.96
CA GLU C 566 16.35 -45.22 1.43
C GLU C 566 15.60 -44.24 2.32
N VAL C 567 15.06 -43.20 1.71
CA VAL C 567 14.21 -42.25 2.41
C VAL C 567 12.77 -42.51 2.01
N THR C 568 11.94 -42.89 2.99
CA THR C 568 10.54 -43.18 2.77
C THR C 568 9.67 -42.43 3.76
N ALA C 569 8.39 -42.77 3.77
CA ALA C 569 7.42 -42.14 4.65
C ALA C 569 7.63 -42.43 6.15
N THR C 570 8.49 -43.40 6.49
CA THR C 570 8.76 -43.76 7.88
C THR C 570 10.18 -44.24 8.13
N SER C 571 11.11 -43.91 7.23
CA SER C 571 12.49 -44.38 7.39
C SER C 571 13.19 -43.69 8.53
N TYR C 572 12.53 -42.67 9.09
CA TYR C 572 13.09 -41.89 10.20
C TYR C 572 12.62 -42.42 11.55
N SER C 573 11.39 -42.93 11.62
CA SER C 573 10.79 -43.42 12.89
C SER C 573 10.71 -44.94 13.02
N ALA C 574 10.61 -45.63 11.89
CA ALA C 574 10.44 -47.09 11.87
C ALA C 574 11.51 -47.87 12.60
N THR C 575 11.10 -48.98 13.22
CA THR C 575 12.04 -49.87 13.88
C THR C 575 12.40 -51.05 12.98
N GLY C 576 13.40 -51.83 13.39
CA GLY C 576 13.86 -52.96 12.59
C GLY C 576 14.97 -52.57 11.63
N GLN C 577 15.61 -51.42 11.90
CA GLN C 577 16.67 -50.92 11.03
C GLN C 577 18.07 -51.38 11.46
N GLY C 578 18.16 -52.03 12.62
CA GLY C 578 19.39 -52.68 13.04
C GLY C 578 20.02 -52.17 14.31
N ILE C 579 19.94 -50.86 14.57
CA ILE C 579 20.63 -50.28 15.70
C ILE C 579 19.85 -49.13 16.33
N GLU C 580 19.83 -49.09 17.65
CA GLU C 580 19.15 -48.02 18.36
C GLU C 580 19.83 -46.68 18.07
N TYR C 581 19.05 -45.68 17.67
CA TYR C 581 19.60 -44.33 17.48
C TYR C 581 20.22 -43.93 18.81
N THR C 582 19.39 -43.93 19.85
CA THR C 582 19.85 -43.66 21.21
C THR C 582 19.84 -44.95 22.04
N ALA C 583 20.98 -45.31 22.62
CA ALA C 583 21.11 -46.52 23.41
C ALA C 583 20.08 -46.64 24.55
N GLY C 584 19.37 -47.76 24.58
CA GLY C 584 18.39 -48.04 25.63
C GLY C 584 17.00 -47.54 25.31
N SER C 585 16.75 -47.28 24.04
CA SER C 585 15.50 -46.64 23.61
C SER C 585 14.35 -47.61 23.39
N GLY C 586 14.66 -48.86 23.03
CA GLY C 586 13.64 -49.85 22.68
C GLY C 586 13.27 -49.84 21.20
N LYS C 587 13.89 -48.95 20.44
CA LYS C 587 13.58 -48.79 19.01
C LYS C 587 14.81 -48.89 18.13
N ASP C 588 14.99 -50.02 17.43
CA ASP C 588 16.14 -50.15 16.53
C ASP C 588 15.85 -49.38 15.24
N ASP C 589 15.83 -48.05 15.38
CA ASP C 589 15.36 -47.17 14.33
C ASP C 589 16.45 -46.36 13.62
N ALA C 590 17.67 -46.88 13.62
CA ALA C 590 18.75 -46.30 12.81
C ALA C 590 19.52 -47.39 12.05
N THR C 591 20.33 -46.97 11.08
CA THR C 591 21.12 -47.90 10.30
C THR C 591 22.60 -47.80 10.70
N LYS C 592 23.22 -48.93 10.99
CA LYS C 592 24.64 -48.98 11.30
C LYS C 592 25.46 -48.47 10.14
N VAL C 593 26.49 -47.68 10.43
CA VAL C 593 27.52 -47.39 9.46
C VAL C 593 28.81 -47.91 10.04
N VAL C 594 29.37 -48.94 9.43
CA VAL C 594 30.52 -49.62 9.96
C VAL C 594 31.83 -49.07 9.40
N ASN C 595 32.73 -48.70 10.30
CA ASN C 595 34.06 -48.24 9.94
C ASN C 595 35.07 -49.34 10.26
N LYS C 596 36.13 -49.44 9.46
CA LYS C 596 37.15 -50.44 9.72
C LYS C 596 38.45 -49.82 10.20
N LYS C 597 39.33 -50.67 10.73
CA LYS C 597 40.53 -50.21 11.39
C LYS C 597 41.69 -51.18 11.19
N ILE C 598 42.81 -50.68 10.67
CA ILE C 598 44.01 -51.48 10.50
C ILE C 598 44.80 -51.64 11.81
N THR C 599 45.07 -52.89 12.17
CA THR C 599 45.90 -53.17 13.33
C THR C 599 47.27 -53.66 12.87
N ILE C 600 48.29 -53.36 13.66
CA ILE C 600 49.64 -53.83 13.37
C ILE C 600 49.96 -55.00 14.28
N PRO C 601 49.90 -56.22 13.71
CA PRO C 601 50.13 -57.50 14.40
C PRO C 601 51.59 -57.73 14.82
N GLN C 602 51.82 -58.84 15.52
CA GLN C 602 53.12 -59.21 16.09
C GLN C 602 53.33 -60.74 16.00
N THR C 603 54.55 -61.19 15.71
CA THR C 603 54.82 -62.63 15.55
C THR C 603 55.91 -63.16 16.53
N GLY C 604 55.92 -64.47 16.75
CA GLY C 604 56.87 -65.09 17.68
C GLY C 604 57.65 -66.26 17.09
NI NI D . 25.94 11.23 19.31
NI NI E . 50.11 7.92 5.87
NI NI F . 44.45 11.61 18.37
NI NI G . -18.62 11.40 -27.74
NI NI H . -44.97 6.36 -20.72
NI NI I . -35.38 16.94 -21.92
NI NI J . -10.61 -25.02 8.14
NI NI K . 16.53 -20.73 8.27
NI NI L . 6.57 -27.73 14.47
#